data_7L8U
#
_entry.id   7L8U
#
_cell.length_a   1.00
_cell.length_b   1.00
_cell.length_c   1.00
_cell.angle_alpha   90.00
_cell.angle_beta   90.00
_cell.angle_gamma   90.00
#
_symmetry.space_group_name_H-M   'P 1'
#
loop_
_entity.id
_entity.type
_entity.pdbx_description
1 polymer 'BG505 SOSIP.v5.2 N241/N289 - gp120'
2 polymer 'BG505 SOSIP.v5.2 N241/N289 - gp41'
3 polymer 'Rh.33311 pAbC-2 - Heavy Chain'
4 polymer 'Rh.33311 pAbC-2 - Light Chain'
5 branched 2-acetamido-2-deoxy-beta-D-glucopyranose-(1-4)-2-acetamido-2-deoxy-beta-D-glucopyranose
6 branched alpha-D-mannopyranose-(1-2)-alpha-D-mannopyranose-(1-3)-beta-D-mannopyranose-(1-4)-2-acetamido-2-deoxy-beta-D-glucopyranose-(1-4)-2-acetamido-2-deoxy-beta-D-glucopyranose
7 branched alpha-D-mannopyranose-(1-3)-[alpha-D-mannopyranose-(1-6)]alpha-D-mannopyranose-(1-6)-[alpha-D-mannopyranose-(1-3)]beta-D-mannopyranose-(1-4)-2-acetamido-2-deoxy-beta-D-glucopyranose-(1-4)-2-acetamido-2-deoxy-beta-D-glucopyranose
8 branched alpha-D-mannopyranose-(1-3)-[alpha-D-mannopyranose-(1-6)]beta-D-mannopyranose-(1-4)-2-acetamido-2-deoxy-beta-D-glucopyranose-(1-4)-2-acetamido-2-deoxy-beta-D-glucopyranose
9 non-polymer 2-acetamido-2-deoxy-beta-D-glucopyranose
#
loop_
_entity_poly.entity_id
_entity_poly.type
_entity_poly.pdbx_seq_one_letter_code
_entity_poly.pdbx_strand_id
1 'polypeptide(L)'
;MKRGLCCVLLLCGAVFVSPSQEIHARFRRGARAENLWVTVYYGVPVWKDAETTLFCASDAKAYETKKHNVWATHCCVPTD
PNPQEIHLENVTEEFNMWKNNMVEQMHTDIISLWDQSLKPCVKLTPLCVTLQCTNVTNNITDDMRGELKNCSFNMTTELR
DKKQKVYSLFYRLDVVQINENQGNRSNNSNKEYRLINCNTSAITQACPKVSFEPIPIHYCAPAGFAILKCKDKKFNGTGP
CTNVSTVQCTHGIKPVVSTQLLLNGSLAEEEVIIRSENITNNAKNILVQLNESVQINCTRPNNNTRKSIRIGPGQWFYAT
GDIIGDIRQAHCNVSKATWNETLGKVVKQLRKHFGNNTIIRFANSSGGDLEVTTHSFNCGGEFFYCNTSGLFNSTWISNT
SVQGSNSTGSNDSITLPCRIKQIINMWQRIGQAMYAPPIQGVIRCVSNITGLILTRDGGSTNSTTETFRPGGGDMRDNWR
SELYKYKVVKIEPLGVAPTRCKR
;
C,A,E
2 'polypeptide(L)'
;LGFLGAAGSTMGAASMTLTVQARNLLSGIVQQQSNLLRAPECQQHLLKLTVWGIKQLQARVLAVERYLRDQQLLGIWGCS
GKLICCTNVPWNSTWSNRNLSEIWDNMTWLQWDKEISNYTQIIYGLLEESQNQQEKNEQDLLALD
;
D,B,F
3 'polypeptide(L)'
;(UNK)(UNK)(UNK)(UNK)(UNK)(UNK)(UNK)(UNK)(UNK)(UNK)(UNK)(UNK)(UNK)(UNK)(UNK)(UNK)
(UNK)(UNK)(UNK)(UNK)(UNK)(UNK)(UNK)(UNK)(UNK)(UNK)(UNK)(UNK)(UNK)(UNK)(UNK)(UNK)
(UNK)(UNK)(UNK)(UNK)(UNK)(UNK)(UNK)(UNK)(UNK)(UNK)(UNK)(UNK)(UNK)(UNK)(UNK)(UNK)
(UNK)(UNK)(UNK)(UNK)(UNK)(UNK)(UNK)(UNK)(UNK)(UNK)(UNK)(UNK)(UNK)(UNK)(UNK)(UNK)
(UNK)(UNK)(UNK)(UNK)(UNK)(UNK)(UNK)(UNK)(UNK)(UNK)(UNK)(UNK)(UNK)(UNK)(UNK)(UNK)
(UNK)(UNK)(UNK)(UNK)(UNK)(UNK)(UNK)(UNK)(UNK)(UNK)(UNK)(UNK)(UNK)(UNK)(UNK)(UNK)
(UNK)(UNK)(UNK)(UNK)(UNK)(UNK)(UNK)(UNK)(UNK)(UNK)(UNK)(UNK)(UNK)(UNK)(UNK)(UNK)
(UNK)
;
H
4 'polypeptide(L)'
;(UNK)(UNK)(UNK)(UNK)(UNK)(UNK)(UNK)(UNK)(UNK)(UNK)(UNK)(UNK)(UNK)(UNK)(UNK)(UNK)
(UNK)(UNK)(UNK)(UNK)(UNK)(UNK)(UNK)(UNK)(UNK)(UNK)(UNK)(UNK)(UNK)(UNK)(UNK)(UNK)
(UNK)(UNK)(UNK)(UNK)(UNK)(UNK)(UNK)(UNK)(UNK)(UNK)(UNK)(UNK)(UNK)(UNK)(UNK)(UNK)
(UNK)(UNK)(UNK)(UNK)(UNK)(UNK)(UNK)(UNK)(UNK)(UNK)(UNK)(UNK)(UNK)(UNK)(UNK)(UNK)
(UNK)(UNK)(UNK)(UNK)(UNK)(UNK)(UNK)(UNK)(UNK)(UNK)(UNK)(UNK)(UNK)(UNK)(UNK)(UNK)
(UNK)(UNK)(UNK)(UNK)(UNK)(UNK)(UNK)(UNK)(UNK)(UNK)(UNK)(UNK)(UNK)(UNK)(UNK)(UNK)
(UNK)(UNK)(UNK)(UNK)(UNK)(UNK)(UNK)(UNK)(UNK)
;
L
#
loop_
_chem_comp.id
_chem_comp.type
_chem_comp.name
_chem_comp.formula
BMA D-saccharide, beta linking beta-D-mannopyranose 'C6 H12 O6'
MAN D-saccharide, alpha linking alpha-D-mannopyranose 'C6 H12 O6'
NAG D-saccharide, beta linking 2-acetamido-2-deoxy-beta-D-glucopyranose 'C8 H15 N O6'
#
# COMPACT_ATOMS: atom_id res chain seq x y z
N LEU A 36 -26.89 38.64 -9.71
CA LEU A 36 -26.39 39.90 -9.16
C LEU A 36 -25.03 39.70 -8.46
N TRP A 37 -24.94 38.67 -7.60
CA TRP A 37 -23.81 38.29 -6.77
C TRP A 37 -23.31 36.91 -7.05
N VAL A 38 -22.03 36.69 -6.81
CA VAL A 38 -21.40 35.39 -6.94
C VAL A 38 -21.66 34.52 -5.73
N THR A 39 -22.20 33.35 -5.95
CA THR A 39 -22.43 32.38 -4.89
C THR A 39 -21.83 31.05 -5.27
N VAL A 40 -21.28 30.39 -4.27
CA VAL A 40 -20.67 29.08 -4.43
C VAL A 40 -21.66 27.96 -4.13
N TYR A 41 -21.69 27.01 -5.04
CA TYR A 41 -22.57 25.86 -4.99
C TYR A 41 -21.78 24.57 -4.94
N TYR A 42 -22.37 23.51 -4.41
CA TYR A 42 -21.69 22.23 -4.32
C TYR A 42 -22.72 21.10 -4.43
N GLY A 43 -22.32 19.93 -4.97
CA GLY A 43 -23.23 18.79 -5.11
C GLY A 43 -23.86 18.80 -6.50
N VAL A 44 -23.16 19.45 -7.41
CA VAL A 44 -23.64 19.58 -8.75
C VAL A 44 -23.42 18.33 -9.61
N PRO A 45 -24.32 18.01 -10.56
CA PRO A 45 -24.24 16.90 -11.48
C PRO A 45 -23.28 17.19 -12.61
N VAL A 46 -22.00 17.30 -12.29
CA VAL A 46 -20.98 17.62 -13.28
C VAL A 46 -19.86 16.61 -13.29
N TRP A 47 -19.47 16.21 -14.49
CA TRP A 47 -18.37 15.28 -14.64
C TRP A 47 -17.62 15.53 -15.91
N LYS A 48 -16.39 15.02 -15.95
CA LYS A 48 -15.54 15.14 -17.12
C LYS A 48 -14.80 13.86 -17.43
N ASP A 49 -14.42 13.65 -18.68
CA ASP A 49 -13.71 12.43 -19.05
C ASP A 49 -12.44 12.26 -18.24
N ALA A 50 -12.14 11.04 -17.85
CA ALA A 50 -10.94 10.82 -17.06
C ALA A 50 -10.29 9.46 -17.24
N GLU A 51 -9.01 9.40 -16.93
CA GLU A 51 -8.31 8.13 -16.93
C GLU A 51 -7.89 7.79 -15.53
N THR A 52 -8.39 6.69 -15.02
CA THR A 52 -8.01 6.30 -13.68
C THR A 52 -7.81 4.81 -13.62
N THR A 53 -7.43 4.33 -12.46
CA THR A 53 -7.19 2.92 -12.20
C THR A 53 -8.43 2.28 -11.64
N LEU A 54 -8.87 1.18 -12.24
CA LEU A 54 -10.05 0.50 -11.73
C LEU A 54 -9.67 -0.70 -10.88
N PHE A 55 -10.57 -1.04 -9.97
CA PHE A 55 -10.40 -2.17 -9.08
C PHE A 55 -10.84 -3.47 -9.74
N CYS A 56 -10.19 -4.58 -9.39
CA CYS A 56 -10.52 -5.95 -9.80
C CYS A 56 -11.41 -6.63 -8.76
N ALA A 57 -12.65 -6.95 -9.13
CA ALA A 57 -13.55 -7.61 -8.20
C ALA A 57 -13.99 -9.00 -8.72
N SER A 58 -14.14 -9.95 -7.78
CA SER A 58 -14.52 -11.34 -8.09
C SER A 58 -15.44 -12.04 -7.06
N ASP A 59 -15.80 -13.29 -7.35
CA ASP A 59 -16.74 -14.06 -6.49
C ASP A 59 -16.11 -14.91 -5.39
N ALA A 60 -14.79 -14.88 -5.29
CA ALA A 60 -14.00 -15.65 -4.34
C ALA A 60 -14.25 -17.15 -4.42
N HIS A 68 -7.54 -20.84 -6.96
CA HIS A 68 -6.25 -21.36 -7.37
C HIS A 68 -6.20 -21.34 -8.93
N ASN A 69 -6.05 -20.11 -9.45
CA ASN A 69 -6.22 -19.78 -10.90
C ASN A 69 -5.54 -18.42 -11.17
N VAL A 70 -5.19 -18.17 -12.44
CA VAL A 70 -4.59 -16.93 -12.87
C VAL A 70 -5.46 -15.81 -12.38
N TRP A 71 -6.76 -16.00 -12.53
CA TRP A 71 -7.72 -15.00 -12.13
C TRP A 71 -8.47 -15.37 -10.89
N ALA A 72 -7.93 -16.26 -10.07
CA ALA A 72 -8.66 -16.59 -8.86
C ALA A 72 -7.94 -16.05 -7.65
N THR A 73 -6.61 -15.98 -7.75
CA THR A 73 -5.77 -15.56 -6.64
C THR A 73 -5.03 -14.29 -7.00
N HIS A 74 -5.58 -13.55 -7.94
CA HIS A 74 -5.02 -12.30 -8.44
C HIS A 74 -5.52 -10.98 -7.83
N CYS A 75 -6.68 -10.97 -7.14
CA CYS A 75 -7.30 -9.80 -6.52
C CYS A 75 -8.18 -10.32 -5.39
N CYS A 76 -8.64 -9.42 -4.54
CA CYS A 76 -9.46 -9.81 -3.39
C CYS A 76 -10.79 -9.07 -3.33
N VAL A 77 -10.98 -8.02 -4.12
CA VAL A 77 -12.19 -7.26 -3.92
C VAL A 77 -13.36 -8.13 -4.33
N PRO A 78 -14.40 -8.27 -3.51
CA PRO A 78 -15.59 -9.01 -3.82
C PRO A 78 -16.39 -8.18 -4.77
N THR A 79 -17.20 -8.81 -5.56
CA THR A 79 -18.11 -8.05 -6.37
C THR A 79 -19.21 -7.53 -5.49
N ASP A 80 -19.93 -6.55 -6.00
CA ASP A 80 -21.06 -6.01 -5.32
C ASP A 80 -22.14 -7.09 -5.41
N PRO A 81 -22.63 -7.67 -4.29
CA PRO A 81 -23.61 -8.73 -4.27
C PRO A 81 -24.95 -8.28 -4.85
N ASN A 82 -25.15 -6.97 -4.93
CA ASN A 82 -26.37 -6.42 -5.47
C ASN A 82 -26.08 -5.07 -6.09
N PRO A 83 -25.45 -5.03 -7.28
CA PRO A 83 -25.01 -3.83 -7.94
C PRO A 83 -26.20 -2.95 -8.19
N GLN A 84 -26.01 -1.66 -8.02
CA GLN A 84 -27.09 -0.74 -8.28
C GLN A 84 -26.82 0.06 -9.52
N GLU A 85 -27.89 0.55 -10.11
CA GLU A 85 -27.79 1.41 -11.26
C GLU A 85 -28.49 2.71 -11.01
N ILE A 86 -27.83 3.78 -11.36
CA ILE A 86 -28.36 5.10 -11.18
C ILE A 86 -28.92 5.54 -12.50
N HIS A 87 -30.19 5.81 -12.56
CA HIS A 87 -30.69 6.15 -13.88
C HIS A 87 -30.42 7.61 -14.15
N LEU A 88 -29.24 7.87 -14.65
CA LEU A 88 -28.74 9.19 -14.95
C LEU A 88 -29.26 9.57 -16.31
N GLU A 89 -30.56 9.76 -16.34
CA GLU A 89 -31.35 10.02 -17.53
C GLU A 89 -31.48 11.51 -17.83
N ASN A 90 -32.17 11.84 -18.92
CA ASN A 90 -32.31 13.25 -19.34
C ASN A 90 -30.92 13.82 -19.67
N VAL A 91 -30.12 13.04 -20.40
CA VAL A 91 -28.82 13.41 -20.94
C VAL A 91 -28.63 12.62 -22.21
N THR A 92 -27.75 13.07 -23.10
CA THR A 92 -27.39 12.32 -24.30
C THR A 92 -25.90 12.29 -24.35
N GLU A 93 -25.35 11.41 -23.53
CA GLU A 93 -23.93 11.33 -23.29
C GLU A 93 -23.20 10.80 -24.49
N GLU A 94 -22.10 11.46 -24.85
CA GLU A 94 -21.31 10.99 -25.97
C GLU A 94 -20.34 9.91 -25.58
N PHE A 95 -20.48 8.78 -26.22
CA PHE A 95 -19.65 7.61 -25.99
C PHE A 95 -18.74 7.34 -27.17
N ASN A 96 -17.68 6.60 -26.92
CA ASN A 96 -16.76 6.15 -27.93
C ASN A 96 -16.31 4.79 -27.46
N MET A 97 -15.46 4.13 -28.23
CA MET A 97 -15.00 2.84 -27.82
C MET A 97 -13.64 2.65 -28.41
N TRP A 98 -13.35 3.53 -29.33
CA TRP A 98 -12.11 3.45 -30.06
C TRP A 98 -11.05 4.27 -29.34
N LYS A 99 -11.50 4.93 -28.29
CA LYS A 99 -10.73 5.83 -27.46
C LYS A 99 -10.93 5.47 -26.00
N ASN A 100 -11.18 4.21 -25.71
CA ASN A 100 -11.55 3.85 -24.36
C ASN A 100 -10.38 3.45 -23.46
N ASN A 101 -10.19 4.24 -22.41
CA ASN A 101 -9.11 4.11 -21.44
C ASN A 101 -9.18 2.79 -20.70
N MET A 102 -10.37 2.25 -20.62
CA MET A 102 -10.59 1.02 -19.91
C MET A 102 -9.98 -0.13 -20.68
N VAL A 103 -9.99 -0.05 -22.00
CA VAL A 103 -9.47 -1.15 -22.78
C VAL A 103 -8.00 -1.18 -22.61
N GLU A 104 -7.41 0.00 -22.62
CA GLU A 104 -5.99 0.03 -22.48
C GLU A 104 -5.55 -0.49 -21.13
N GLN A 105 -6.26 -0.18 -20.05
CA GLN A 105 -5.75 -0.77 -18.82
C GLN A 105 -6.05 -2.25 -18.77
N MET A 106 -7.10 -2.74 -19.43
CA MET A 106 -7.31 -4.18 -19.38
C MET A 106 -6.17 -4.88 -20.04
N HIS A 107 -5.70 -4.31 -21.14
CA HIS A 107 -4.64 -4.92 -21.86
C HIS A 107 -3.39 -4.93 -21.01
N THR A 108 -3.08 -3.80 -20.44
CA THR A 108 -1.86 -3.73 -19.68
C THR A 108 -1.87 -4.70 -18.52
N ASP A 109 -2.98 -4.74 -17.81
CA ASP A 109 -3.06 -5.55 -16.64
C ASP A 109 -3.15 -7.02 -16.94
N ILE A 110 -3.77 -7.44 -18.04
CA ILE A 110 -3.79 -8.86 -18.27
C ILE A 110 -2.40 -9.34 -18.58
N ILE A 111 -1.61 -8.52 -19.26
CA ILE A 111 -0.29 -8.97 -19.54
C ILE A 111 0.44 -9.08 -18.24
N SER A 112 0.31 -8.07 -17.40
CA SER A 112 1.00 -8.10 -16.15
C SER A 112 0.64 -9.32 -15.35
N LEU A 113 -0.63 -9.66 -15.31
CA LEU A 113 -1.04 -10.81 -14.55
C LEU A 113 -0.44 -12.07 -15.12
N TRP A 114 -0.44 -12.18 -16.43
CA TRP A 114 0.11 -13.34 -17.11
C TRP A 114 1.57 -13.48 -16.73
N ASP A 115 2.28 -12.37 -16.78
CA ASP A 115 3.68 -12.37 -16.48
C ASP A 115 3.92 -12.71 -15.03
N GLN A 116 3.08 -12.26 -14.12
CA GLN A 116 3.33 -12.59 -12.72
C GLN A 116 3.20 -14.06 -12.49
N SER A 117 2.27 -14.69 -13.20
CA SER A 117 2.06 -16.12 -13.07
C SER A 117 3.28 -16.91 -13.53
N LEU A 118 3.84 -16.53 -14.67
CA LEU A 118 4.97 -17.25 -15.21
C LEU A 118 6.33 -16.83 -14.65
N LYS A 119 6.45 -15.59 -14.21
CA LYS A 119 7.70 -15.07 -13.74
C LYS A 119 8.47 -15.96 -12.76
N PRO A 120 7.87 -16.51 -11.71
CA PRO A 120 8.56 -17.36 -10.76
C PRO A 120 8.65 -18.85 -11.10
N CYS A 121 8.24 -19.28 -12.32
CA CYS A 121 8.15 -20.69 -12.68
C CYS A 121 9.44 -21.13 -13.40
N VAL A 122 9.74 -22.41 -13.29
CA VAL A 122 10.94 -23.00 -13.85
C VAL A 122 11.12 -22.80 -15.35
N LYS A 123 12.36 -22.47 -15.73
CA LYS A 123 12.73 -22.22 -17.11
C LYS A 123 13.15 -23.50 -17.79
N LEU A 124 13.03 -23.54 -19.12
CA LEU A 124 13.40 -24.72 -19.87
C LEU A 124 14.67 -24.64 -20.67
N THR A 125 15.54 -23.71 -20.35
CA THR A 125 16.79 -23.56 -21.06
C THR A 125 17.54 -24.87 -21.30
N PRO A 126 17.67 -25.81 -20.32
CA PRO A 126 18.39 -27.06 -20.45
C PRO A 126 17.91 -27.94 -21.59
N LEU A 127 16.71 -27.69 -22.11
CA LEU A 127 16.17 -28.48 -23.22
C LEU A 127 16.55 -27.95 -24.62
N CYS A 128 17.23 -26.78 -24.71
CA CYS A 128 17.60 -26.16 -25.98
C CYS A 128 18.89 -26.77 -26.50
N VAL A 129 18.73 -28.00 -26.95
CA VAL A 129 19.79 -28.88 -27.44
C VAL A 129 19.44 -29.45 -28.77
N THR A 130 20.42 -29.98 -29.45
CA THR A 130 20.15 -30.67 -30.70
C THR A 130 19.38 -31.94 -30.38
N LEU A 131 18.31 -32.18 -31.13
CA LEU A 131 17.48 -33.36 -30.95
C LEU A 131 17.72 -34.38 -32.05
N GLN A 132 17.59 -35.66 -31.70
CA GLN A 132 17.61 -36.78 -32.65
C GLN A 132 16.19 -37.27 -32.83
N CYS A 133 15.56 -37.01 -34.00
CA CYS A 133 14.11 -37.29 -34.17
C CYS A 133 13.82 -38.25 -35.31
N THR A 134 12.73 -38.97 -35.10
CA THR A 134 12.08 -39.82 -36.08
C THR A 134 10.57 -39.57 -36.04
N ASN A 135 9.81 -40.15 -36.99
CA ASN A 135 8.35 -40.06 -37.10
C ASN A 135 7.65 -41.05 -36.16
N VAL A 136 6.47 -40.66 -35.59
CA VAL A 136 5.63 -41.60 -34.83
C VAL A 136 4.59 -42.14 -35.79
N THR A 137 4.70 -43.42 -36.11
CA THR A 137 3.85 -44.05 -37.10
C THR A 137 3.04 -45.18 -36.52
N ASN A 138 2.92 -45.20 -35.22
CA ASN A 138 2.24 -46.29 -34.56
C ASN A 138 0.75 -46.10 -34.55
N ASN A 139 0.02 -46.92 -35.29
CA ASN A 139 -1.43 -46.77 -35.36
C ASN A 139 -1.80 -45.34 -35.73
N ILE A 140 -1.17 -44.87 -36.79
CA ILE A 140 -1.33 -43.52 -37.25
C ILE A 140 -2.37 -43.34 -38.35
N THR A 141 -3.27 -42.38 -38.15
CA THR A 141 -4.25 -42.01 -39.14
C THR A 141 -3.46 -41.24 -40.20
N ASP A 142 -3.65 -41.53 -41.47
CA ASP A 142 -2.87 -40.80 -42.49
C ASP A 142 -3.03 -39.30 -42.42
N ASP A 143 -4.21 -38.85 -42.04
CA ASP A 143 -4.55 -37.44 -41.94
C ASP A 143 -3.75 -36.71 -40.88
N MET A 144 -3.15 -37.46 -39.96
CA MET A 144 -2.37 -36.94 -38.85
C MET A 144 -0.91 -37.33 -39.02
N ARG A 145 -0.60 -37.97 -40.14
CA ARG A 145 0.73 -38.47 -40.36
C ARG A 145 1.69 -37.33 -40.51
N GLY A 146 2.81 -37.44 -39.81
CA GLY A 146 3.88 -36.46 -39.87
C GLY A 146 3.74 -35.39 -38.79
N GLU A 147 2.61 -35.36 -38.09
CA GLU A 147 2.40 -34.35 -37.08
C GLU A 147 3.05 -34.63 -35.75
N LEU A 148 3.20 -35.90 -35.42
CA LEU A 148 3.77 -36.24 -34.13
C LEU A 148 5.15 -36.85 -34.33
N LYS A 149 6.14 -36.29 -33.62
CA LYS A 149 7.54 -36.72 -33.70
C LYS A 149 8.04 -37.35 -32.40
N ASN A 150 8.97 -38.32 -32.53
CA ASN A 150 9.67 -39.03 -31.44
C ASN A 150 11.13 -38.56 -31.37
N CYS A 151 11.48 -37.72 -30.37
CA CYS A 151 12.83 -37.09 -30.28
C CYS A 151 13.56 -37.45 -28.99
N SER A 152 14.84 -37.77 -29.16
CA SER A 152 15.72 -38.06 -28.03
C SER A 152 16.85 -37.05 -27.92
N PHE A 153 17.34 -36.90 -26.71
CA PHE A 153 18.42 -35.96 -26.45
C PHE A 153 19.26 -36.25 -25.19
N ASN A 154 20.46 -35.62 -25.12
CA ASN A 154 21.38 -35.66 -23.99
C ASN A 154 21.13 -34.46 -23.07
N MET A 155 20.44 -34.69 -21.93
CA MET A 155 20.07 -33.67 -20.93
C MET A 155 20.87 -33.89 -19.69
N THR A 156 21.14 -32.83 -18.94
CA THR A 156 21.92 -33.03 -17.73
C THR A 156 21.04 -33.65 -16.69
N THR A 157 21.67 -34.21 -15.68
CA THR A 157 21.00 -34.80 -14.54
C THR A 157 21.19 -33.82 -13.41
N GLU A 158 20.87 -34.24 -12.20
CA GLU A 158 21.01 -33.36 -11.07
C GLU A 158 22.47 -33.03 -10.79
N LEU A 159 23.40 -33.85 -11.29
CA LEU A 159 24.80 -33.55 -11.06
C LEU A 159 25.32 -32.81 -12.26
N ARG A 160 26.29 -31.97 -12.02
CA ARG A 160 26.87 -31.16 -13.09
C ARG A 160 27.74 -31.94 -14.04
N ASP A 161 28.13 -33.13 -13.63
CA ASP A 161 28.98 -33.98 -14.40
C ASP A 161 28.28 -35.20 -15.02
N LYS A 162 26.94 -35.23 -15.05
CA LYS A 162 26.28 -36.40 -15.64
C LYS A 162 25.18 -36.06 -16.62
N LYS A 163 25.02 -36.93 -17.61
CA LYS A 163 23.95 -36.83 -18.59
C LYS A 163 22.98 -37.96 -18.48
N GLN A 164 21.80 -37.74 -19.03
CA GLN A 164 20.76 -38.73 -19.15
C GLN A 164 20.21 -38.72 -20.57
N LYS A 165 19.80 -39.88 -21.04
CA LYS A 165 19.17 -39.99 -22.33
C LYS A 165 17.69 -39.93 -22.12
N VAL A 166 17.09 -38.92 -22.69
CA VAL A 166 15.69 -38.68 -22.50
C VAL A 166 15.01 -38.52 -23.82
N TYR A 167 13.79 -39.01 -23.91
CA TYR A 167 13.05 -38.77 -25.13
C TYR A 167 11.63 -38.40 -24.79
N SER A 168 11.01 -37.67 -25.70
CA SER A 168 9.63 -37.22 -25.55
C SER A 168 8.99 -36.97 -26.88
N LEU A 169 7.68 -36.74 -26.86
CA LEU A 169 7.05 -36.48 -28.12
C LEU A 169 6.79 -35.01 -28.34
N PHE A 170 6.85 -34.64 -29.60
CA PHE A 170 6.64 -33.26 -30.03
C PHE A 170 5.69 -33.10 -31.19
N TYR A 171 5.08 -31.95 -31.27
CA TYR A 171 4.28 -31.64 -32.43
C TYR A 171 5.13 -30.97 -33.47
N ARG A 172 4.83 -31.24 -34.72
CA ARG A 172 5.58 -30.70 -35.84
C ARG A 172 5.72 -29.18 -35.81
N LEU A 173 4.70 -28.48 -35.34
CA LEU A 173 4.71 -27.03 -35.34
C LEU A 173 5.73 -26.42 -34.40
N ASP A 174 6.28 -27.21 -33.48
CA ASP A 174 7.25 -26.72 -32.53
C ASP A 174 8.68 -27.15 -32.88
N VAL A 175 8.87 -27.86 -34.00
CA VAL A 175 10.19 -28.41 -34.30
C VAL A 175 10.71 -28.06 -35.67
N VAL A 176 11.97 -27.66 -35.74
CA VAL A 176 12.57 -27.31 -37.00
C VAL A 176 13.77 -28.18 -37.36
N GLN A 177 13.82 -28.62 -38.60
CA GLN A 177 14.93 -29.43 -39.05
C GLN A 177 16.20 -28.63 -39.22
N ILE A 178 17.31 -29.21 -38.80
CA ILE A 178 18.60 -28.61 -39.02
C ILE A 178 19.10 -29.18 -40.34
N ASN A 179 19.44 -28.32 -41.33
CA ASN A 179 19.87 -28.68 -42.69
C ASN A 179 18.68 -29.26 -43.44
N ASN A 190 18.47 -35.37 -41.94
CA ASN A 190 17.10 -35.73 -41.58
C ASN A 190 16.92 -36.29 -40.14
N LYS A 191 17.98 -36.23 -39.31
CA LYS A 191 18.01 -36.72 -37.93
C LYS A 191 18.11 -35.60 -36.93
N GLU A 192 18.78 -34.50 -37.31
CA GLU A 192 19.03 -33.40 -36.40
C GLU A 192 17.95 -32.34 -36.48
N TYR A 193 17.38 -32.04 -35.33
CA TYR A 193 16.28 -31.08 -35.15
C TYR A 193 16.53 -30.13 -34.00
N ARG A 194 15.86 -28.99 -34.06
CA ARG A 194 15.98 -27.99 -33.01
C ARG A 194 14.60 -27.58 -32.51
N LEU A 195 14.55 -27.09 -31.28
CA LEU A 195 13.29 -26.54 -30.84
C LEU A 195 13.12 -25.29 -31.67
N ILE A 196 11.91 -25.03 -32.10
CA ILE A 196 11.72 -23.90 -32.97
C ILE A 196 12.18 -22.55 -32.46
N ASN A 197 12.04 -22.26 -31.18
CA ASN A 197 12.41 -20.92 -30.74
C ASN A 197 13.80 -20.70 -30.13
N CYS A 198 14.75 -21.66 -30.25
CA CYS A 198 16.11 -21.50 -29.70
C CYS A 198 16.87 -20.34 -30.35
N ASN A 199 16.51 -19.98 -31.56
CA ASN A 199 17.20 -18.87 -32.21
C ASN A 199 16.54 -17.50 -31.93
N THR A 200 15.41 -17.47 -31.17
CA THR A 200 14.61 -16.27 -30.91
C THR A 200 14.51 -15.92 -29.45
N SER A 201 14.21 -16.87 -28.60
CA SER A 201 13.93 -16.52 -27.23
C SER A 201 14.11 -17.59 -26.20
N ALA A 202 14.16 -17.13 -24.97
CA ALA A 202 14.12 -18.03 -23.84
C ALA A 202 12.72 -18.60 -23.76
N ILE A 203 12.62 -19.84 -23.29
CA ILE A 203 11.34 -20.49 -23.12
C ILE A 203 11.16 -20.89 -21.67
N THR A 204 10.04 -20.52 -21.07
CA THR A 204 9.79 -20.97 -19.72
C THR A 204 8.70 -22.00 -19.73
N GLN A 205 8.45 -22.66 -18.62
CA GLN A 205 7.37 -23.64 -18.56
C GLN A 205 6.20 -23.10 -17.79
N ALA A 206 5.00 -23.27 -18.27
CA ALA A 206 3.92 -22.87 -17.40
C ALA A 206 3.88 -23.92 -16.30
N CYS A 207 3.72 -23.52 -15.02
CA CYS A 207 3.61 -24.46 -13.90
C CYS A 207 2.30 -25.25 -13.98
N PRO A 208 2.36 -26.59 -13.92
CA PRO A 208 1.25 -27.52 -14.06
C PRO A 208 0.24 -27.41 -12.94
N LYS A 209 0.63 -26.74 -11.88
CA LYS A 209 -0.21 -26.57 -10.73
C LYS A 209 -1.05 -25.32 -10.83
N VAL A 210 -0.90 -24.58 -11.90
CA VAL A 210 -1.65 -23.37 -12.06
C VAL A 210 -2.71 -23.56 -13.10
N SER A 211 -3.96 -23.31 -12.73
CA SER A 211 -5.02 -23.45 -13.71
C SER A 211 -5.05 -22.17 -14.53
N PHE A 212 -5.55 -22.27 -15.76
CA PHE A 212 -5.66 -21.11 -16.64
C PHE A 212 -7.05 -20.82 -17.17
N GLU A 213 -8.07 -21.28 -16.49
CA GLU A 213 -9.45 -21.04 -16.92
C GLU A 213 -9.97 -19.64 -16.57
N PRO A 214 -10.41 -18.82 -17.54
CA PRO A 214 -10.93 -17.47 -17.38
C PRO A 214 -12.10 -17.39 -16.42
N ILE A 215 -12.15 -16.30 -15.67
CA ILE A 215 -13.18 -15.98 -14.68
C ILE A 215 -13.73 -14.59 -15.00
N PRO A 216 -15.04 -14.31 -14.96
CA PRO A 216 -15.54 -12.98 -15.18
C PRO A 216 -15.03 -12.06 -14.11
N ILE A 217 -14.45 -10.95 -14.51
CA ILE A 217 -13.95 -9.96 -13.57
C ILE A 217 -14.69 -8.66 -13.73
N HIS A 218 -15.09 -8.09 -12.62
CA HIS A 218 -15.84 -6.86 -12.64
C HIS A 218 -14.91 -5.71 -12.34
N TYR A 219 -15.03 -4.63 -13.07
CA TYR A 219 -14.20 -3.48 -12.75
C TYR A 219 -14.95 -2.47 -11.96
N CYS A 220 -14.30 -1.93 -10.95
CA CYS A 220 -15.01 -0.96 -10.14
C CYS A 220 -14.33 0.39 -10.04
N ALA A 221 -15.13 1.44 -10.08
CA ALA A 221 -14.63 2.80 -9.97
C ALA A 221 -14.17 3.14 -8.55
N PRO A 222 -13.11 3.94 -8.40
CA PRO A 222 -12.67 4.56 -7.16
C PRO A 222 -13.57 5.69 -6.79
N ALA A 223 -13.59 6.05 -5.53
CA ALA A 223 -14.42 7.17 -5.12
C ALA A 223 -13.99 8.41 -5.87
N GLY A 224 -14.97 9.20 -6.28
CA GLY A 224 -14.73 10.42 -7.03
C GLY A 224 -14.87 10.16 -8.52
N PHE A 225 -15.09 8.91 -8.89
CA PHE A 225 -15.26 8.47 -10.27
C PHE A 225 -16.51 7.67 -10.51
N ALA A 226 -16.93 7.63 -11.75
CA ALA A 226 -18.09 6.83 -12.13
C ALA A 226 -17.95 6.31 -13.55
N ILE A 227 -18.62 5.19 -13.80
CA ILE A 227 -18.60 4.61 -15.12
C ILE A 227 -19.96 4.87 -15.74
N LEU A 228 -19.98 5.54 -16.87
CA LEU A 228 -21.23 5.83 -17.51
C LEU A 228 -21.49 4.67 -18.42
N LYS A 229 -22.75 4.31 -18.57
CA LYS A 229 -23.10 3.18 -19.40
C LYS A 229 -24.33 3.45 -20.29
N CYS A 230 -24.37 2.82 -21.50
CA CYS A 230 -25.57 2.82 -22.35
C CYS A 230 -26.43 1.59 -22.07
N LYS A 231 -27.73 1.81 -21.96
CA LYS A 231 -28.76 0.81 -21.77
C LYS A 231 -29.47 0.56 -23.08
N ASP A 232 -28.92 1.16 -24.12
CA ASP A 232 -29.41 1.07 -25.48
C ASP A 232 -29.14 -0.31 -26.02
N LYS A 233 -29.90 -0.67 -27.04
CA LYS A 233 -29.77 -1.95 -27.69
C LYS A 233 -29.20 -1.84 -29.10
N LYS A 234 -29.30 -0.66 -29.71
CA LYS A 234 -28.86 -0.50 -31.09
C LYS A 234 -27.76 0.53 -31.21
N PHE A 235 -27.07 0.72 -30.11
CA PHE A 235 -25.99 1.68 -30.01
C PHE A 235 -24.89 1.46 -31.04
N ASN A 236 -24.45 2.53 -31.71
CA ASN A 236 -23.43 2.46 -32.79
C ASN A 236 -22.06 2.09 -32.23
N GLY A 237 -21.73 2.58 -31.03
CA GLY A 237 -20.44 2.45 -30.36
C GLY A 237 -19.78 3.81 -30.17
N THR A 238 -20.12 4.75 -31.04
CA THR A 238 -19.61 6.11 -30.98
C THR A 238 -20.72 7.13 -30.95
N GLY A 239 -21.92 6.70 -30.64
CA GLY A 239 -23.01 7.64 -30.65
C GLY A 239 -23.29 8.29 -29.29
N PRO A 240 -24.04 9.40 -29.30
CA PRO A 240 -24.61 10.10 -28.16
C PRO A 240 -25.90 9.42 -27.72
N CYS A 241 -25.82 8.25 -27.04
CA CYS A 241 -27.02 7.45 -26.74
C CYS A 241 -27.92 8.20 -25.75
N THR A 242 -29.19 7.90 -25.82
CA THR A 242 -30.16 8.51 -24.91
C THR A 242 -30.42 7.71 -23.62
N ASN A 243 -30.24 6.40 -23.76
CA ASN A 243 -30.32 5.47 -22.61
C ASN A 243 -29.03 5.54 -21.81
N VAL A 244 -28.96 6.54 -20.94
CA VAL A 244 -27.79 6.75 -20.09
C VAL A 244 -28.07 6.46 -18.64
N SER A 245 -27.16 5.74 -18.03
CA SER A 245 -27.21 5.42 -16.63
C SER A 245 -25.79 5.36 -16.13
N THR A 246 -25.61 5.30 -14.82
CA THR A 246 -24.24 5.16 -14.33
C THR A 246 -24.11 4.14 -13.23
N VAL A 247 -22.94 3.53 -13.22
CA VAL A 247 -22.60 2.49 -12.27
C VAL A 247 -21.24 2.66 -11.63
N GLN A 248 -21.06 1.95 -10.53
CA GLN A 248 -19.76 1.84 -9.93
C GLN A 248 -19.09 0.56 -10.37
N CYS A 249 -19.88 -0.42 -10.79
CA CYS A 249 -19.32 -1.70 -11.18
C CYS A 249 -19.71 -2.08 -12.59
N THR A 250 -18.78 -2.66 -13.34
CA THR A 250 -19.11 -3.11 -14.69
C THR A 250 -19.66 -4.50 -14.61
N HIS A 251 -20.22 -4.94 -15.73
CA HIS A 251 -20.63 -6.31 -15.86
C HIS A 251 -19.33 -7.05 -15.88
N GLY A 252 -19.27 -8.20 -15.28
CA GLY A 252 -18.01 -8.88 -15.33
C GLY A 252 -17.74 -9.34 -16.73
N ILE A 253 -16.49 -9.28 -17.11
CA ILE A 253 -16.10 -9.77 -18.41
C ILE A 253 -15.13 -10.89 -18.23
N LYS A 254 -15.45 -12.03 -18.82
CA LYS A 254 -14.54 -13.13 -18.75
C LYS A 254 -13.53 -12.86 -19.83
N PRO A 255 -12.24 -12.79 -19.55
CA PRO A 255 -11.28 -12.51 -20.56
C PRO A 255 -11.25 -13.70 -21.46
N VAL A 256 -11.26 -13.49 -22.75
CA VAL A 256 -11.17 -14.59 -23.66
C VAL A 256 -10.12 -14.32 -24.68
N VAL A 257 -9.22 -15.26 -24.82
CA VAL A 257 -8.18 -15.11 -25.79
C VAL A 257 -8.45 -16.08 -26.89
N SER A 258 -8.66 -15.55 -28.06
CA SER A 258 -8.92 -16.34 -29.23
C SER A 258 -8.69 -15.47 -30.43
N THR A 259 -8.56 -16.10 -31.58
CA THR A 259 -8.50 -15.30 -32.80
C THR A 259 -9.59 -15.67 -33.78
N GLN A 260 -9.95 -14.68 -34.59
CA GLN A 260 -10.94 -14.79 -35.66
C GLN A 260 -12.33 -15.20 -35.19
N LEU A 261 -12.57 -15.23 -33.90
CA LEU A 261 -13.86 -15.70 -33.43
C LEU A 261 -14.05 -15.29 -31.99
N LEU A 262 -15.14 -14.63 -31.68
CA LEU A 262 -15.33 -14.20 -30.31
C LEU A 262 -16.16 -15.21 -29.57
N LEU A 263 -15.58 -15.77 -28.52
CA LEU A 263 -16.23 -16.81 -27.73
C LEU A 263 -16.59 -16.34 -26.33
N ASN A 264 -17.73 -16.82 -25.81
CA ASN A 264 -18.15 -16.66 -24.39
C ASN A 264 -18.38 -15.19 -24.03
N GLY A 265 -18.87 -14.38 -24.97
CA GLY A 265 -19.12 -12.95 -24.78
C GLY A 265 -20.60 -12.69 -24.69
N SER A 266 -20.95 -11.43 -24.83
CA SER A 266 -22.35 -11.06 -24.76
C SER A 266 -22.99 -11.10 -26.14
N LEU A 267 -24.31 -11.23 -26.15
CA LEU A 267 -25.07 -11.16 -27.37
C LEU A 267 -25.82 -9.86 -27.49
N ALA A 268 -26.08 -9.49 -28.72
CA ALA A 268 -26.86 -8.34 -29.08
C ALA A 268 -28.29 -8.64 -28.69
N GLU A 269 -29.08 -7.63 -28.34
CA GLU A 269 -30.44 -7.94 -27.94
C GLU A 269 -31.52 -7.84 -29.02
N GLU A 270 -31.32 -6.98 -30.00
CA GLU A 270 -32.37 -6.77 -31.02
C GLU A 270 -32.04 -7.29 -32.40
N GLU A 271 -30.79 -7.20 -32.77
CA GLU A 271 -30.36 -7.53 -34.10
C GLU A 271 -28.89 -7.82 -34.09
N VAL A 272 -28.37 -8.32 -35.18
CA VAL A 272 -26.94 -8.50 -35.29
C VAL A 272 -26.31 -7.11 -35.47
N ILE A 273 -25.30 -6.79 -34.68
CA ILE A 273 -24.70 -5.47 -34.71
C ILE A 273 -23.32 -5.41 -35.31
N ILE A 274 -23.17 -4.53 -36.28
CA ILE A 274 -21.90 -4.37 -36.98
C ILE A 274 -21.24 -3.09 -36.52
N ARG A 275 -19.99 -3.17 -36.07
CA ARG A 275 -19.28 -1.98 -35.63
C ARG A 275 -17.87 -1.86 -36.21
N SER A 276 -17.43 -0.63 -36.38
CA SER A 276 -16.08 -0.35 -36.83
C SER A 276 -15.74 1.06 -36.44
N GLU A 277 -14.47 1.41 -36.46
CA GLU A 277 -14.10 2.81 -36.22
C GLU A 277 -14.45 3.71 -37.42
N ASN A 278 -14.14 3.24 -38.65
CA ASN A 278 -14.37 3.90 -39.93
C ASN A 278 -14.63 2.83 -40.99
N ILE A 279 -15.91 2.57 -41.35
CA ILE A 279 -16.33 1.49 -42.26
C ILE A 279 -15.74 1.63 -43.66
N THR A 280 -15.52 2.87 -44.04
CA THR A 280 -14.93 3.28 -45.30
C THR A 280 -13.49 2.84 -45.45
N ASN A 281 -12.72 2.90 -44.37
CA ASN A 281 -11.31 2.62 -44.44
C ASN A 281 -11.05 1.14 -44.23
N ASN A 282 -10.54 0.45 -45.25
CA ASN A 282 -10.34 -1.01 -45.19
C ASN A 282 -9.35 -1.42 -44.11
N ALA A 283 -8.54 -0.46 -43.64
CA ALA A 283 -7.55 -0.66 -42.60
C ALA A 283 -8.19 -0.94 -41.25
N LYS A 284 -9.45 -0.58 -41.08
CA LYS A 284 -10.12 -0.78 -39.81
C LYS A 284 -10.77 -2.14 -39.84
N ASN A 285 -10.91 -2.79 -38.69
CA ASN A 285 -11.61 -4.07 -38.75
C ASN A 285 -13.10 -3.90 -38.60
N ILE A 286 -13.81 -5.01 -38.74
CA ILE A 286 -15.24 -5.09 -38.59
C ILE A 286 -15.55 -6.06 -37.50
N LEU A 287 -16.33 -5.64 -36.55
CA LEU A 287 -16.65 -6.57 -35.52
C LEU A 287 -18.13 -6.82 -35.51
N VAL A 288 -18.48 -8.08 -35.36
CA VAL A 288 -19.88 -8.40 -35.31
C VAL A 288 -20.29 -9.08 -34.06
N GLN A 289 -21.37 -8.56 -33.51
CA GLN A 289 -22.00 -9.13 -32.36
C GLN A 289 -23.28 -9.77 -32.80
N LEU A 290 -23.41 -11.05 -32.54
CA LEU A 290 -24.59 -11.78 -32.93
C LEU A 290 -25.63 -11.57 -31.87
N ASN A 291 -26.93 -11.68 -32.19
CA ASN A 291 -28.02 -11.66 -31.21
C ASN A 291 -28.44 -13.07 -30.72
N GLU A 292 -27.80 -14.14 -31.26
CA GLU A 292 -28.01 -15.56 -30.97
C GLU A 292 -26.63 -16.20 -30.93
N SER A 293 -26.38 -17.13 -30.03
CA SER A 293 -25.08 -17.79 -30.04
C SER A 293 -25.05 -19.02 -30.93
N VAL A 294 -23.84 -19.44 -31.27
CA VAL A 294 -23.62 -20.67 -32.03
C VAL A 294 -22.75 -21.64 -31.23
N GLN A 295 -23.21 -22.87 -31.07
CA GLN A 295 -22.42 -23.82 -30.30
C GLN A 295 -21.30 -24.46 -31.11
N ILE A 296 -20.13 -24.54 -30.50
CA ILE A 296 -18.98 -25.21 -31.10
C ILE A 296 -18.35 -26.23 -30.11
N ASN A 297 -18.17 -27.50 -30.57
CA ASN A 297 -17.61 -28.62 -29.79
C ASN A 297 -16.23 -29.04 -30.31
N CYS A 298 -15.15 -28.73 -29.56
CA CYS A 298 -13.77 -29.01 -29.92
C CYS A 298 -13.23 -30.06 -28.96
N THR A 299 -12.57 -31.09 -29.46
CA THR A 299 -12.08 -32.07 -28.51
C THR A 299 -10.69 -32.54 -28.80
N ARG A 300 -10.06 -33.12 -27.78
CA ARG A 300 -8.81 -33.77 -28.04
C ARG A 300 -9.09 -35.11 -28.69
N PRO A 301 -8.27 -35.53 -29.63
CA PRO A 301 -8.30 -36.83 -30.25
C PRO A 301 -7.60 -37.96 -29.53
N ASN A 302 -6.70 -37.64 -28.60
CA ASN A 302 -5.81 -38.68 -28.12
C ASN A 302 -5.64 -38.73 -26.61
N ASN A 303 -5.75 -39.94 -26.02
CA ASN A 303 -5.63 -40.19 -24.58
C ASN A 303 -4.14 -40.27 -24.16
N ASN A 304 -3.49 -39.11 -24.18
CA ASN A 304 -2.08 -38.89 -23.87
C ASN A 304 -1.73 -38.97 -22.40
N THR A 305 -0.49 -39.32 -22.15
CA THR A 305 0.06 -39.24 -20.80
C THR A 305 1.24 -38.28 -20.81
N ARG A 306 1.87 -38.10 -19.65
CA ARG A 306 2.98 -37.18 -19.52
C ARG A 306 4.03 -37.72 -18.59
N LYS A 307 5.24 -37.20 -18.71
CA LYS A 307 6.29 -37.69 -17.82
C LYS A 307 6.93 -36.59 -17.02
N SER A 308 7.11 -36.88 -15.75
CA SER A 308 7.75 -35.97 -14.82
C SER A 308 9.23 -36.28 -14.81
N ILE A 309 10.02 -35.36 -15.34
CA ILE A 309 11.43 -35.60 -15.49
C ILE A 309 12.24 -34.67 -14.65
N ARG A 310 13.14 -35.24 -13.87
CA ARG A 310 14.01 -34.40 -13.05
C ARG A 310 15.03 -33.79 -13.96
N ILE A 311 15.14 -32.45 -13.90
CA ILE A 311 16.08 -31.75 -14.75
C ILE A 311 17.13 -30.98 -13.94
N GLY A 312 16.87 -30.82 -12.65
CA GLY A 312 17.82 -30.11 -11.81
C GLY A 312 17.41 -30.13 -10.33
N PRO A 313 18.19 -29.50 -9.47
CA PRO A 313 18.04 -29.46 -8.04
C PRO A 313 16.87 -28.61 -7.61
N GLY A 314 15.69 -29.23 -7.72
CA GLY A 314 14.40 -28.61 -7.46
C GLY A 314 13.64 -28.27 -8.73
N GLN A 315 14.14 -28.74 -9.87
CA GLN A 315 13.49 -28.45 -11.13
C GLN A 315 13.02 -29.67 -11.86
N TRP A 316 11.81 -29.55 -12.39
CA TRP A 316 11.16 -30.59 -13.15
C TRP A 316 10.59 -30.13 -14.47
N PHE A 317 10.66 -31.02 -15.44
CA PHE A 317 10.06 -30.82 -16.73
C PHE A 317 8.91 -31.77 -16.96
N TYR A 318 7.83 -31.28 -17.54
CA TYR A 318 6.72 -32.16 -17.82
C TYR A 318 6.54 -32.39 -19.30
N ALA A 319 6.99 -33.55 -19.72
CA ALA A 319 7.06 -33.98 -21.10
C ALA A 319 5.79 -34.58 -21.60
N THR A 320 5.58 -34.45 -22.89
CA THR A 320 4.50 -35.19 -23.51
C THR A 320 4.97 -36.64 -23.59
N GLY A 321 4.14 -37.54 -23.07
CA GLY A 321 4.43 -38.96 -23.00
C GLY A 321 3.76 -39.63 -24.17
N ASP A 322 3.59 -40.95 -24.10
CA ASP A 322 3.01 -41.65 -25.23
C ASP A 322 1.47 -41.58 -25.20
N ILE A 323 0.85 -42.19 -26.19
CA ILE A 323 -0.60 -42.17 -26.34
C ILE A 323 -1.24 -43.49 -26.04
N ILE A 324 -2.28 -43.45 -25.25
CA ILE A 324 -3.02 -44.64 -24.97
C ILE A 324 -4.00 -44.80 -26.12
N GLY A 325 -3.90 -45.91 -26.83
CA GLY A 325 -4.75 -46.14 -27.98
C GLY A 325 -4.15 -45.59 -29.28
N ASP A 326 -4.97 -45.63 -30.33
CA ASP A 326 -4.59 -45.23 -31.68
C ASP A 326 -4.50 -43.72 -31.79
N ILE A 327 -3.78 -43.23 -32.79
CA ILE A 327 -3.63 -41.80 -33.02
C ILE A 327 -4.71 -41.25 -33.95
N ARG A 328 -5.34 -40.18 -33.51
CA ARG A 328 -6.42 -39.49 -34.22
C ARG A 328 -6.14 -37.98 -34.39
N GLN A 329 -6.79 -37.39 -35.37
CA GLN A 329 -6.70 -35.95 -35.65
C GLN A 329 -7.67 -35.09 -34.83
N ALA A 330 -7.18 -33.98 -34.27
CA ALA A 330 -7.99 -33.03 -33.50
C ALA A 330 -8.90 -32.28 -34.40
N HIS A 331 -10.09 -31.97 -33.90
CA HIS A 331 -11.04 -31.24 -34.69
C HIS A 331 -12.15 -30.62 -33.84
N CYS A 332 -12.95 -29.71 -34.48
CA CYS A 332 -14.14 -29.07 -33.91
C CYS A 332 -15.37 -29.27 -34.79
N ASN A 333 -16.53 -29.47 -34.18
CA ASN A 333 -17.80 -29.60 -34.89
C ASN A 333 -18.76 -28.45 -34.58
N VAL A 334 -19.31 -27.81 -35.65
CA VAL A 334 -20.31 -26.74 -35.59
C VAL A 334 -21.48 -27.12 -36.49
N SER A 335 -22.70 -26.80 -36.09
CA SER A 335 -23.84 -27.12 -36.95
C SER A 335 -23.73 -26.40 -38.27
N LYS A 336 -23.97 -27.13 -39.35
CA LYS A 336 -23.85 -26.52 -40.65
C LYS A 336 -24.97 -25.56 -40.91
N ALA A 337 -26.15 -25.91 -40.42
CA ALA A 337 -27.28 -25.05 -40.64
C ALA A 337 -27.12 -23.83 -39.82
N THR A 338 -26.67 -24.00 -38.59
CA THR A 338 -26.61 -22.85 -37.75
C THR A 338 -25.64 -21.87 -38.35
N TRP A 339 -24.49 -22.35 -38.80
CA TRP A 339 -23.53 -21.45 -39.37
C TRP A 339 -24.12 -20.69 -40.57
N ASN A 340 -24.81 -21.40 -41.52
CA ASN A 340 -25.41 -20.83 -42.73
C ASN A 340 -26.50 -19.78 -42.37
N GLU A 341 -27.32 -20.05 -41.33
CA GLU A 341 -28.39 -19.19 -40.84
C GLU A 341 -27.82 -17.92 -40.22
N THR A 342 -26.74 -18.10 -39.49
CA THR A 342 -26.09 -16.98 -38.84
C THR A 342 -25.50 -16.07 -39.89
N LEU A 343 -24.87 -16.63 -40.91
CA LEU A 343 -24.29 -15.81 -41.93
C LEU A 343 -25.34 -15.04 -42.66
N GLY A 344 -26.49 -15.67 -42.90
CA GLY A 344 -27.54 -14.97 -43.60
C GLY A 344 -27.91 -13.71 -42.84
N LYS A 345 -28.03 -13.80 -41.51
CA LYS A 345 -28.36 -12.61 -40.75
C LYS A 345 -27.26 -11.57 -40.86
N VAL A 346 -26.02 -12.01 -40.83
CA VAL A 346 -24.93 -11.07 -40.90
C VAL A 346 -24.94 -10.33 -42.21
N VAL A 347 -25.15 -11.02 -43.31
CA VAL A 347 -25.15 -10.36 -44.59
C VAL A 347 -26.25 -9.35 -44.71
N LYS A 348 -27.42 -9.68 -44.23
CA LYS A 348 -28.49 -8.71 -44.35
C LYS A 348 -28.12 -7.42 -43.63
N GLN A 349 -27.30 -7.51 -42.58
CA GLN A 349 -26.89 -6.34 -41.84
C GLN A 349 -25.71 -5.61 -42.48
N LEU A 350 -25.14 -6.18 -43.53
CA LEU A 350 -24.04 -5.54 -44.21
C LEU A 350 -24.62 -4.75 -45.35
N ARG A 351 -25.65 -5.30 -45.96
CA ARG A 351 -26.26 -4.65 -47.12
C ARG A 351 -26.77 -3.26 -46.81
N LYS A 352 -27.21 -3.05 -45.59
CA LYS A 352 -27.69 -1.72 -45.25
C LYS A 352 -26.57 -0.68 -45.29
N HIS A 353 -25.31 -1.09 -45.26
CA HIS A 353 -24.20 -0.17 -45.34
C HIS A 353 -23.44 -0.26 -46.66
N PHE A 354 -23.51 -1.40 -47.33
CA PHE A 354 -22.76 -1.58 -48.56
C PHE A 354 -23.59 -1.55 -49.84
N GLY A 355 -24.90 -1.58 -49.72
CA GLY A 355 -25.80 -1.55 -50.86
C GLY A 355 -26.50 -2.88 -51.10
N ASN A 356 -27.85 -2.83 -51.28
CA ASN A 356 -28.74 -3.98 -51.49
C ASN A 356 -28.41 -4.74 -52.79
N ASN A 357 -27.82 -4.04 -53.77
CA ASN A 357 -27.48 -4.54 -55.09
C ASN A 357 -26.04 -4.97 -55.27
N THR A 358 -25.24 -5.06 -54.21
CA THR A 358 -23.87 -5.52 -54.45
C THR A 358 -23.82 -7.00 -54.18
N ILE A 359 -22.73 -7.64 -54.51
CA ILE A 359 -22.58 -9.06 -54.25
C ILE A 359 -21.68 -9.27 -53.05
N ILE A 360 -22.12 -10.08 -52.10
CA ILE A 360 -21.31 -10.28 -50.92
C ILE A 360 -20.70 -11.66 -50.84
N ARG A 361 -19.39 -11.65 -50.65
CA ARG A 361 -18.62 -12.86 -50.57
C ARG A 361 -17.78 -12.97 -49.33
N PHE A 362 -17.72 -14.18 -48.82
CA PHE A 362 -16.85 -14.49 -47.72
C PHE A 362 -15.82 -15.43 -48.23
N ALA A 363 -14.61 -15.22 -47.78
CA ALA A 363 -13.52 -16.00 -48.30
C ALA A 363 -12.45 -16.33 -47.29
N ASN A 364 -11.67 -17.35 -47.65
CA ASN A 364 -10.52 -17.79 -46.90
C ASN A 364 -9.57 -16.66 -46.73
N SER A 365 -9.00 -16.62 -45.56
CA SER A 365 -8.12 -15.59 -45.04
C SER A 365 -6.81 -15.46 -45.77
N SER A 366 -6.15 -14.34 -45.50
CA SER A 366 -4.88 -14.02 -46.09
C SER A 366 -3.84 -14.87 -45.47
N GLY A 367 -2.65 -14.88 -46.03
CA GLY A 367 -1.61 -15.63 -45.39
C GLY A 367 -1.13 -14.81 -44.22
N GLY A 368 -0.16 -15.34 -43.49
CA GLY A 368 0.34 -14.67 -42.30
C GLY A 368 0.70 -15.70 -41.26
N ASP A 369 0.93 -15.23 -40.04
CA ASP A 369 1.32 -16.06 -38.92
C ASP A 369 0.23 -17.04 -38.52
N LEU A 370 0.61 -18.12 -37.87
CA LEU A 370 -0.36 -19.10 -37.41
C LEU A 370 -1.46 -18.46 -36.56
N GLU A 371 -1.09 -17.44 -35.78
CA GLU A 371 -2.02 -16.78 -34.87
C GLU A 371 -2.88 -15.77 -35.60
N VAL A 372 -2.66 -15.64 -36.88
CA VAL A 372 -3.38 -14.75 -37.73
C VAL A 372 -4.30 -15.48 -38.66
N THR A 373 -3.78 -16.54 -39.29
CA THR A 373 -4.52 -17.22 -40.33
C THR A 373 -5.44 -18.31 -39.84
N THR A 374 -5.22 -18.84 -38.65
CA THR A 374 -6.10 -19.88 -38.15
C THR A 374 -6.78 -19.45 -36.89
N HIS A 375 -7.75 -20.23 -36.47
CA HIS A 375 -8.42 -19.96 -35.24
C HIS A 375 -7.68 -20.53 -34.09
N SER A 376 -7.14 -19.62 -33.30
CA SER A 376 -6.34 -19.95 -32.15
C SER A 376 -7.23 -20.04 -30.95
N PHE A 377 -7.20 -21.19 -30.32
CA PHE A 377 -8.03 -21.47 -29.18
C PHE A 377 -7.35 -22.15 -28.01
N ASN A 378 -7.52 -21.53 -26.85
CA ASN A 378 -6.99 -21.97 -25.56
C ASN A 378 -7.98 -22.81 -24.76
N CYS A 379 -7.71 -24.13 -24.60
CA CYS A 379 -8.56 -25.04 -23.84
C CYS A 379 -7.76 -25.65 -22.70
N GLY A 380 -7.86 -25.04 -21.53
CA GLY A 380 -7.14 -25.52 -20.36
C GLY A 380 -5.64 -25.28 -20.45
N GLY A 381 -5.23 -24.38 -21.33
CA GLY A 381 -3.83 -24.13 -21.57
C GLY A 381 -3.32 -24.85 -22.81
N GLU A 382 -4.13 -25.73 -23.41
CA GLU A 382 -3.67 -26.37 -24.63
C GLU A 382 -4.17 -25.57 -25.82
N PHE A 383 -3.36 -25.51 -26.85
CA PHE A 383 -3.74 -24.70 -27.99
C PHE A 383 -4.02 -25.38 -29.31
N PHE A 384 -5.23 -25.11 -29.75
CA PHE A 384 -5.82 -25.57 -30.98
C PHE A 384 -5.67 -24.51 -32.04
N TYR A 385 -5.34 -24.94 -33.23
CA TYR A 385 -5.22 -24.06 -34.39
C TYR A 385 -6.07 -24.58 -35.52
N CYS A 386 -7.33 -24.15 -35.55
CA CYS A 386 -8.38 -24.70 -36.39
C CYS A 386 -8.45 -24.00 -37.74
N ASN A 387 -8.63 -24.80 -38.75
CA ASN A 387 -8.73 -24.33 -40.11
C ASN A 387 -10.17 -23.89 -40.39
N THR A 388 -10.36 -22.57 -40.50
CA THR A 388 -11.61 -21.86 -40.67
C THR A 388 -11.90 -21.56 -42.12
N SER A 389 -11.11 -22.08 -43.03
CA SER A 389 -11.35 -21.80 -44.44
C SER A 389 -12.74 -22.26 -44.85
N GLY A 390 -13.20 -23.36 -44.28
CA GLY A 390 -14.48 -23.94 -44.64
C GLY A 390 -15.66 -23.12 -44.14
N LEU A 391 -15.41 -22.13 -43.31
CA LEU A 391 -16.47 -21.31 -42.78
C LEU A 391 -16.69 -20.06 -43.63
N PHE A 392 -15.72 -19.77 -44.51
CA PHE A 392 -15.77 -18.56 -45.32
C PHE A 392 -15.47 -18.90 -46.78
N ASN A 393 -16.44 -19.53 -47.45
CA ASN A 393 -16.35 -20.02 -48.82
C ASN A 393 -17.73 -19.94 -49.50
N SER A 394 -18.31 -18.71 -49.60
CA SER A 394 -19.67 -18.51 -50.15
C SER A 394 -19.98 -17.09 -50.62
N THR A 395 -20.69 -17.00 -51.75
CA THR A 395 -21.09 -15.73 -52.33
C THR A 395 -22.58 -15.72 -52.61
N TRP A 396 -23.28 -14.65 -52.23
CA TRP A 396 -24.70 -14.64 -52.54
C TRP A 396 -25.35 -13.22 -52.59
N ILE A 397 -26.63 -13.20 -53.04
CA ILE A 397 -27.53 -12.03 -53.15
C ILE A 397 -28.97 -12.53 -53.28
N ILE A 414 -20.29 -29.44 -39.76
CA ILE A 414 -19.01 -28.94 -40.33
C ILE A 414 -17.87 -29.26 -39.39
N THR A 415 -16.88 -29.97 -39.90
CA THR A 415 -15.74 -30.31 -39.07
C THR A 415 -14.53 -29.49 -39.46
N LEU A 416 -13.92 -28.86 -38.47
CA LEU A 416 -12.71 -28.09 -38.69
C LEU A 416 -11.56 -28.91 -38.17
N PRO A 417 -10.56 -29.29 -38.95
CA PRO A 417 -9.42 -30.01 -38.47
C PRO A 417 -8.69 -28.95 -37.68
N CYS A 418 -7.97 -29.34 -36.62
CA CYS A 418 -7.20 -28.42 -35.77
C CYS A 418 -5.82 -28.95 -35.47
N ARG A 419 -4.84 -28.07 -35.49
CA ARG A 419 -3.49 -28.47 -35.14
C ARG A 419 -3.22 -28.19 -33.68
N ILE A 420 -2.32 -28.95 -33.09
CA ILE A 420 -1.94 -28.76 -31.70
C ILE A 420 -0.51 -28.28 -31.57
N LYS A 421 -0.32 -27.22 -30.79
CA LYS A 421 1.02 -26.64 -30.58
C LYS A 421 1.30 -26.37 -29.10
N GLN A 422 2.53 -26.64 -28.64
CA GLN A 422 2.89 -26.40 -27.24
C GLN A 422 3.81 -25.20 -26.97
N ILE A 423 4.55 -24.71 -27.96
CA ILE A 423 5.43 -23.56 -27.68
C ILE A 423 4.81 -22.34 -28.26
N ILE A 424 4.31 -21.47 -27.38
CA ILE A 424 3.23 -20.49 -27.68
C ILE A 424 3.64 -19.10 -27.21
N ASN A 425 3.22 -18.05 -27.93
CA ASN A 425 3.52 -16.66 -27.51
C ASN A 425 2.21 -15.90 -27.32
N MET A 426 2.09 -15.13 -26.23
CA MET A 426 0.78 -14.45 -25.95
C MET A 426 0.92 -12.94 -26.13
N TRP A 427 -0.02 -12.33 -26.87
CA TRP A 427 -0.06 -10.86 -27.08
C TRP A 427 1.18 -10.40 -27.87
N GLN A 428 1.70 -11.25 -28.75
CA GLN A 428 2.67 -10.83 -29.79
C GLN A 428 3.86 -10.08 -29.21
N ARG A 429 4.21 -10.33 -27.94
CA ARG A 429 5.44 -9.71 -27.38
C ARG A 429 6.62 -10.63 -27.73
N ILE A 430 7.02 -10.65 -29.01
CA ILE A 430 8.11 -11.58 -29.45
C ILE A 430 9.31 -11.46 -28.51
N GLY A 431 9.71 -12.58 -27.90
CA GLY A 431 10.88 -12.58 -27.00
C GLY A 431 10.65 -13.46 -25.78
N GLN A 432 9.39 -13.68 -25.40
CA GLN A 432 9.15 -14.42 -24.16
C GLN A 432 8.27 -15.60 -24.44
N ALA A 433 8.86 -16.78 -24.63
CA ALA A 433 8.07 -17.92 -25.02
C ALA A 433 7.73 -18.76 -23.82
N MET A 434 6.64 -19.49 -23.95
CA MET A 434 6.22 -20.39 -22.92
C MET A 434 5.78 -21.76 -23.45
N TYR A 435 6.14 -22.79 -22.71
CA TYR A 435 5.74 -24.14 -22.98
C TYR A 435 4.55 -24.56 -22.20
N ALA A 436 3.56 -25.04 -22.92
CA ALA A 436 2.37 -25.49 -22.27
C ALA A 436 2.49 -26.99 -22.04
N PRO A 437 2.55 -27.46 -20.78
CA PRO A 437 2.71 -28.85 -20.46
C PRO A 437 1.37 -29.45 -20.83
N PRO A 438 1.31 -30.74 -21.12
CA PRO A 438 0.11 -31.47 -21.49
C PRO A 438 -0.85 -31.69 -20.35
N ILE A 439 -2.13 -31.77 -20.71
CA ILE A 439 -3.22 -32.15 -19.83
C ILE A 439 -3.39 -33.63 -20.00
N GLN A 440 -3.54 -34.38 -18.93
CA GLN A 440 -3.70 -35.81 -19.10
C GLN A 440 -5.04 -36.20 -19.72
N GLY A 441 -5.00 -37.09 -20.70
CA GLY A 441 -6.17 -37.65 -21.34
C GLY A 441 -6.89 -36.74 -22.33
N VAL A 442 -8.05 -37.21 -22.76
CA VAL A 442 -8.88 -36.49 -23.72
C VAL A 442 -9.85 -35.59 -23.00
N ILE A 443 -9.93 -34.36 -23.46
CA ILE A 443 -10.83 -33.41 -22.87
C ILE A 443 -11.76 -32.86 -23.93
N ARG A 444 -12.89 -32.35 -23.47
CA ARG A 444 -13.86 -31.71 -24.34
C ARG A 444 -13.88 -30.24 -24.03
N CYS A 445 -13.92 -29.42 -25.07
CA CYS A 445 -13.90 -27.98 -25.04
C CYS A 445 -15.20 -27.49 -25.68
N VAL A 446 -16.10 -26.95 -24.90
CA VAL A 446 -17.37 -26.57 -25.49
C VAL A 446 -17.64 -25.11 -25.24
N SER A 447 -17.92 -24.37 -26.30
CA SER A 447 -18.11 -22.94 -26.13
C SER A 447 -19.19 -22.30 -27.00
N ASN A 448 -19.56 -21.05 -26.62
CA ASN A 448 -20.54 -20.18 -27.25
C ASN A 448 -19.89 -19.16 -28.19
N ILE A 449 -20.24 -19.19 -29.48
CA ILE A 449 -19.79 -18.20 -30.45
C ILE A 449 -20.74 -17.04 -30.36
N THR A 450 -20.21 -15.89 -30.01
CA THR A 450 -21.03 -14.71 -29.83
C THR A 450 -20.74 -13.67 -30.88
N GLY A 451 -19.61 -13.83 -31.58
CA GLY A 451 -19.25 -12.87 -32.61
C GLY A 451 -17.97 -13.24 -33.32
N LEU A 452 -17.50 -12.36 -34.16
CA LEU A 452 -16.27 -12.58 -34.93
C LEU A 452 -15.70 -11.30 -35.49
N ILE A 453 -14.49 -11.35 -36.03
CA ILE A 453 -13.88 -10.17 -36.62
C ILE A 453 -13.47 -10.39 -38.08
N LEU A 454 -13.89 -9.46 -38.96
CA LEU A 454 -13.64 -9.43 -40.41
C LEU A 454 -12.93 -8.19 -40.94
N THR A 455 -12.29 -8.32 -42.10
CA THR A 455 -11.67 -7.19 -42.77
C THR A 455 -12.28 -7.01 -44.16
N ARG A 456 -12.08 -5.82 -44.74
CA ARG A 456 -12.58 -5.54 -46.08
C ARG A 456 -11.56 -5.65 -47.17
N ASP A 457 -11.73 -6.65 -48.01
CA ASP A 457 -10.86 -6.87 -49.15
C ASP A 457 -11.42 -6.29 -50.46
N ASN A 462 -14.17 -0.71 -58.03
CA ASN A 462 -15.34 -1.45 -58.45
C ASN A 462 -16.43 -1.25 -57.37
N SER A 463 -17.63 -1.83 -57.58
CA SER A 463 -18.78 -1.81 -56.66
C SER A 463 -19.53 -3.09 -56.80
N THR A 464 -19.11 -3.88 -57.78
CA THR A 464 -19.86 -5.10 -58.09
C THR A 464 -19.89 -6.04 -56.91
N THR A 465 -18.74 -6.23 -56.28
CA THR A 465 -18.67 -7.15 -55.17
C THR A 465 -17.96 -6.54 -54.00
N GLU A 466 -18.24 -7.10 -52.84
CA GLU A 466 -17.55 -6.78 -51.61
C GLU A 466 -17.20 -8.10 -50.95
N THR A 467 -15.93 -8.23 -50.59
CA THR A 467 -15.47 -9.47 -50.00
C THR A 467 -14.91 -9.24 -48.62
N PHE A 468 -15.31 -10.14 -47.72
CA PHE A 468 -14.87 -10.10 -46.35
C PHE A 468 -14.07 -11.34 -45.97
N ARG A 469 -13.06 -11.11 -45.13
CA ARG A 469 -12.22 -12.21 -44.65
C ARG A 469 -11.94 -12.09 -43.16
N PRO A 470 -11.62 -13.18 -42.45
CA PRO A 470 -11.27 -13.16 -41.04
C PRO A 470 -10.14 -12.19 -40.72
N GLY A 471 -10.32 -11.48 -39.62
CA GLY A 471 -9.40 -10.47 -39.10
C GLY A 471 -9.13 -10.64 -37.60
N GLY A 472 -9.06 -9.50 -36.91
CA GLY A 472 -8.73 -9.40 -35.47
C GLY A 472 -7.27 -9.70 -35.16
N GLY A 473 -7.03 -10.62 -34.23
CA GLY A 473 -5.66 -10.96 -33.82
C GLY A 473 -5.18 -10.07 -32.68
N ASP A 474 -5.22 -8.77 -32.92
CA ASP A 474 -4.85 -7.81 -31.88
C ASP A 474 -5.90 -7.88 -30.81
N MET A 475 -5.48 -8.25 -29.62
CA MET A 475 -6.37 -8.48 -28.50
C MET A 475 -7.22 -7.33 -28.07
N ARG A 476 -6.82 -6.13 -28.42
CA ARG A 476 -7.63 -5.00 -28.00
C ARG A 476 -8.97 -5.05 -28.65
N ASP A 477 -9.11 -5.77 -29.74
CA ASP A 477 -10.38 -5.89 -30.35
C ASP A 477 -11.29 -6.81 -29.54
N ASN A 478 -10.75 -7.80 -28.80
CA ASN A 478 -11.68 -8.68 -28.11
C ASN A 478 -12.21 -7.92 -26.92
N TRP A 479 -11.31 -7.19 -26.29
CA TRP A 479 -11.69 -6.44 -25.11
C TRP A 479 -12.60 -5.32 -25.44
N ARG A 480 -12.30 -4.62 -26.52
CA ARG A 480 -13.12 -3.51 -26.91
C ARG A 480 -14.50 -4.00 -27.25
N SER A 481 -14.59 -5.14 -27.91
CA SER A 481 -15.89 -5.65 -28.30
C SER A 481 -16.74 -5.90 -27.08
N GLU A 482 -16.17 -6.53 -26.05
CA GLU A 482 -16.94 -6.76 -24.85
C GLU A 482 -17.25 -5.47 -24.12
N LEU A 483 -16.31 -4.54 -24.10
CA LEU A 483 -16.55 -3.29 -23.44
C LEU A 483 -17.15 -2.32 -24.45
N TYR A 484 -18.32 -2.67 -24.88
CA TYR A 484 -19.11 -1.99 -25.86
C TYR A 484 -19.72 -0.71 -25.37
N LYS A 485 -20.24 -0.72 -24.16
CA LYS A 485 -21.04 0.40 -23.68
C LYS A 485 -20.57 1.18 -22.46
N TYR A 486 -19.27 1.18 -22.14
CA TYR A 486 -18.86 1.88 -20.92
C TYR A 486 -17.89 3.05 -21.14
N LYS A 487 -18.03 4.10 -20.33
CA LYS A 487 -17.16 5.28 -20.34
C LYS A 487 -16.71 5.70 -18.94
N VAL A 488 -15.49 6.23 -18.76
CA VAL A 488 -15.11 6.68 -17.41
C VAL A 488 -14.90 8.17 -17.29
N VAL A 489 -15.58 8.73 -16.28
CA VAL A 489 -15.53 10.14 -15.99
C VAL A 489 -15.21 10.36 -14.51
N LYS A 490 -14.80 11.58 -14.20
CA LYS A 490 -14.56 11.97 -12.82
C LYS A 490 -15.63 12.94 -12.43
N ILE A 491 -15.96 12.92 -11.16
CA ILE A 491 -16.98 13.76 -10.57
C ILE A 491 -16.41 15.11 -10.15
N GLU A 492 -17.09 16.19 -10.51
CA GLU A 492 -16.65 17.53 -10.16
C GLU A 492 -17.74 18.32 -9.43
N PRO A 493 -17.91 18.12 -8.12
CA PRO A 493 -19.02 18.60 -7.31
C PRO A 493 -19.11 20.10 -7.02
N LEU A 494 -18.06 20.86 -7.29
CA LEU A 494 -18.04 22.30 -6.98
C LEU A 494 -18.35 23.19 -8.18
N GLY A 495 -19.11 24.28 -7.97
CA GLY A 495 -19.34 25.24 -9.04
C GLY A 495 -19.82 26.62 -8.57
N VAL A 496 -20.11 27.53 -9.51
CA VAL A 496 -20.40 28.95 -9.14
C VAL A 496 -21.37 29.61 -10.15
N ALA A 497 -22.39 30.33 -9.63
CA ALA A 497 -23.48 30.93 -10.39
C ALA A 497 -23.93 32.26 -9.74
N PRO A 498 -24.58 33.17 -10.51
CA PRO A 498 -25.16 34.41 -10.03
C PRO A 498 -26.43 34.18 -9.26
N THR A 499 -26.65 34.99 -8.25
CA THR A 499 -27.90 34.94 -7.50
C THR A 499 -28.23 36.29 -6.87
N ARG A 500 -29.23 36.29 -5.99
CA ARG A 500 -29.68 37.52 -5.32
C ARG A 500 -28.97 37.85 -3.99
N CYS A 501 -28.44 36.82 -3.28
CA CYS A 501 -27.80 36.92 -1.96
C CYS A 501 -26.50 37.72 -2.03
N LYS A 502 -26.34 38.64 -1.10
CA LYS A 502 -25.15 39.47 -1.05
C LYS A 502 -23.91 38.68 -1.48
N GLY B 2 -29.11 6.56 -3.90
CA GLY B 2 -29.10 7.83 -4.60
C GLY B 2 -27.71 8.47 -4.64
N PHE B 3 -26.66 7.65 -4.85
CA PHE B 3 -25.21 7.99 -4.88
C PHE B 3 -24.94 9.20 -5.78
N LEU B 4 -25.53 9.18 -6.96
CA LEU B 4 -25.50 10.27 -7.92
C LEU B 4 -26.87 10.47 -8.48
N GLY B 5 -27.88 10.46 -7.62
CA GLY B 5 -29.27 10.60 -8.04
C GLY B 5 -29.58 12.07 -8.34
N ALA B 6 -28.91 12.60 -9.34
CA ALA B 6 -28.98 14.00 -9.71
C ALA B 6 -29.43 14.17 -11.15
N ALA B 7 -28.49 14.09 -12.11
CA ALA B 7 -28.71 14.30 -13.56
C ALA B 7 -28.91 15.78 -13.89
N GLY B 8 -29.83 16.43 -13.19
CA GLY B 8 -30.11 17.83 -13.36
C GLY B 8 -31.48 18.07 -13.94
N SER B 9 -32.18 18.98 -13.29
CA SER B 9 -33.55 19.39 -13.60
C SER B 9 -33.68 20.83 -13.17
N THR B 10 -33.48 20.99 -11.88
CA THR B 10 -33.47 22.24 -11.15
C THR B 10 -32.38 22.18 -10.14
N MET B 11 -31.84 23.32 -9.81
CA MET B 11 -30.83 23.37 -8.78
C MET B 11 -31.33 23.12 -7.41
N GLY B 12 -32.62 23.22 -7.19
CA GLY B 12 -33.12 22.94 -5.87
C GLY B 12 -32.81 21.48 -5.52
N ALA B 13 -32.74 20.63 -6.53
CA ALA B 13 -32.49 19.22 -6.36
C ALA B 13 -31.06 18.94 -5.98
N ALA B 14 -30.17 19.90 -6.16
CA ALA B 14 -28.78 19.65 -5.86
C ALA B 14 -28.53 19.78 -4.37
N SER B 15 -29.46 20.37 -3.64
CA SER B 15 -29.23 20.56 -2.23
C SER B 15 -29.32 19.24 -1.49
N MET B 16 -30.38 18.52 -1.77
CA MET B 16 -30.73 17.29 -1.10
C MET B 16 -29.75 16.15 -1.38
N THR B 17 -29.00 16.26 -2.46
CA THR B 17 -28.06 15.24 -2.86
C THR B 17 -26.68 15.48 -2.32
N LEU B 18 -26.45 16.64 -1.73
CA LEU B 18 -25.10 16.96 -1.35
C LEU B 18 -24.52 16.07 -0.29
N THR B 19 -25.27 15.75 0.76
CA THR B 19 -24.68 14.97 1.83
C THR B 19 -24.12 13.70 1.28
N VAL B 20 -24.87 13.06 0.40
CA VAL B 20 -24.41 11.84 -0.18
C VAL B 20 -23.22 12.07 -1.11
N GLN B 21 -23.30 13.05 -1.98
CA GLN B 21 -22.23 13.27 -2.94
C GLN B 21 -20.90 13.56 -2.26
N ALA B 22 -20.95 14.28 -1.17
CA ALA B 22 -19.79 14.66 -0.41
C ALA B 22 -19.29 13.57 0.52
N ARG B 23 -20.09 12.54 0.73
CA ARG B 23 -19.86 11.44 1.66
C ARG B 23 -19.24 10.28 0.93
N ASN B 24 -19.64 10.15 -0.33
CA ASN B 24 -19.27 9.08 -1.24
C ASN B 24 -17.76 9.03 -1.41
N LEU B 25 -17.14 10.16 -1.15
CA LEU B 25 -15.72 10.38 -1.29
C LEU B 25 -14.89 9.54 -0.33
N LEU B 26 -15.44 9.22 0.85
CA LEU B 26 -14.70 8.44 1.81
C LEU B 26 -15.52 7.24 2.19
N SER B 27 -15.57 6.25 1.32
CA SER B 27 -16.44 5.12 1.60
C SER B 27 -15.99 4.33 2.82
N GLY B 28 -14.68 4.29 3.09
CA GLY B 28 -14.19 3.60 4.28
C GLY B 28 -14.37 2.08 4.20
N GLU B 41 -10.65 -10.71 5.49
CA GLU B 41 -10.21 -10.21 4.20
C GLU B 41 -8.89 -10.90 3.77
N CYS B 42 -8.69 -10.94 2.44
CA CYS B 42 -7.61 -11.64 1.71
C CYS B 42 -6.64 -10.75 0.90
N GLN B 43 -6.29 -9.55 1.34
CA GLN B 43 -5.40 -8.76 0.49
C GLN B 43 -3.92 -9.06 0.70
N GLN B 44 -3.60 -10.03 1.53
CA GLN B 44 -2.22 -10.30 1.87
C GLN B 44 -1.40 -10.74 0.66
N HIS B 45 -2.01 -11.48 -0.26
CA HIS B 45 -1.30 -11.98 -1.41
C HIS B 45 -1.10 -10.94 -2.46
N LEU B 46 -1.66 -9.77 -2.26
CA LEU B 46 -1.56 -8.73 -3.24
C LEU B 46 -0.39 -7.81 -2.93
N LEU B 47 0.22 -7.96 -1.74
CA LEU B 47 1.30 -7.05 -1.38
C LEU B 47 2.50 -7.20 -2.29
N LYS B 48 2.78 -8.42 -2.69
CA LYS B 48 3.90 -8.77 -3.53
C LYS B 48 3.76 -8.25 -4.95
N LEU B 49 2.55 -7.89 -5.35
CA LEU B 49 2.35 -7.47 -6.71
C LEU B 49 2.70 -6.03 -6.73
N THR B 50 3.98 -5.75 -6.82
CA THR B 50 4.42 -4.40 -6.60
C THR B 50 3.92 -3.40 -7.64
N VAL B 51 3.72 -3.82 -8.88
CA VAL B 51 3.23 -2.85 -9.85
C VAL B 51 1.72 -2.72 -9.73
N TRP B 52 1.05 -3.85 -9.69
CA TRP B 52 -0.39 -3.84 -9.63
C TRP B 52 -0.85 -3.11 -8.37
N GLY B 53 -0.24 -3.49 -7.25
CA GLY B 53 -0.53 -2.95 -5.95
C GLY B 53 -0.17 -1.50 -5.81
N ILE B 54 0.93 -1.04 -6.39
CA ILE B 54 1.25 0.35 -6.19
C ILE B 54 0.26 1.20 -6.93
N LYS B 55 -0.21 0.75 -8.10
CA LYS B 55 -1.20 1.56 -8.78
C LYS B 55 -2.46 1.71 -7.95
N GLN B 56 -2.89 0.63 -7.30
CA GLN B 56 -4.10 0.72 -6.51
C GLN B 56 -3.87 1.65 -5.31
N LEU B 57 -2.68 1.59 -4.73
CA LEU B 57 -2.39 2.42 -3.59
C LEU B 57 -2.29 3.88 -3.92
N GLN B 58 -1.63 4.22 -5.00
CA GLN B 58 -1.49 5.62 -5.28
C GLN B 58 -2.84 6.18 -5.66
N ALA B 59 -3.70 5.36 -6.24
CA ALA B 59 -5.01 5.84 -6.59
C ALA B 59 -5.77 6.27 -5.33
N ARG B 60 -5.58 5.54 -4.23
CA ARG B 60 -6.25 5.91 -2.99
C ARG B 60 -5.74 7.24 -2.51
N VAL B 61 -4.44 7.44 -2.67
CA VAL B 61 -3.83 8.67 -2.23
C VAL B 61 -4.39 9.83 -3.02
N LEU B 62 -4.55 9.65 -4.32
CA LEU B 62 -5.09 10.72 -5.13
C LEU B 62 -6.51 11.04 -4.74
N ALA B 63 -7.29 10.01 -4.39
CA ALA B 63 -8.65 10.30 -3.98
C ALA B 63 -8.63 11.20 -2.75
N VAL B 64 -7.68 10.94 -1.85
CA VAL B 64 -7.55 11.76 -0.66
C VAL B 64 -7.19 13.16 -1.04
N GLU B 65 -6.28 13.32 -1.99
CA GLU B 65 -5.93 14.66 -2.34
C GLU B 65 -7.11 15.42 -2.89
N ARG B 66 -7.93 14.77 -3.71
CA ARG B 66 -9.02 15.51 -4.29
C ARG B 66 -9.96 16.00 -3.23
N TYR B 67 -10.23 15.14 -2.25
CA TYR B 67 -11.10 15.53 -1.17
C TYR B 67 -10.58 16.74 -0.45
N LEU B 68 -9.31 16.69 -0.09
CA LEU B 68 -8.76 17.78 0.65
C LEU B 68 -8.71 19.03 -0.19
N ARG B 69 -8.46 18.93 -1.50
CA ARG B 69 -8.40 20.13 -2.30
C ARG B 69 -9.70 20.90 -2.19
N ASP B 70 -10.84 20.21 -2.22
CA ASP B 70 -12.07 20.96 -2.09
C ASP B 70 -12.26 21.51 -0.70
N GLN B 71 -11.88 20.75 0.31
CA GLN B 71 -12.13 21.25 1.64
C GLN B 71 -11.30 22.47 1.94
N GLN B 72 -10.07 22.47 1.46
CA GLN B 72 -9.19 23.58 1.70
C GLN B 72 -9.65 24.80 0.98
N LEU B 73 -10.16 24.64 -0.22
CA LEU B 73 -10.59 25.79 -0.96
C LEU B 73 -11.85 26.40 -0.33
N LEU B 74 -12.77 25.56 0.09
CA LEU B 74 -13.95 26.10 0.71
C LEU B 74 -13.56 26.77 2.00
N GLY B 75 -12.58 26.21 2.69
CA GLY B 75 -12.12 26.78 3.93
C GLY B 75 -11.57 28.18 3.72
N ILE B 76 -10.69 28.35 2.74
CA ILE B 76 -10.09 29.67 2.54
C ILE B 76 -11.13 30.71 2.14
N TRP B 77 -12.20 30.27 1.48
CA TRP B 77 -13.28 31.15 1.10
C TRP B 77 -14.28 31.43 2.19
N GLY B 78 -14.13 30.77 3.34
CA GLY B 78 -15.08 30.93 4.43
C GLY B 78 -16.41 30.20 4.22
N CYS B 79 -16.40 29.11 3.40
CA CYS B 79 -17.55 28.33 3.00
C CYS B 79 -17.58 26.98 3.71
N SER B 80 -16.62 26.74 4.58
CA SER B 80 -16.60 25.47 5.26
C SER B 80 -17.87 25.33 6.06
N GLY B 81 -18.48 24.16 5.99
CA GLY B 81 -19.70 23.86 6.74
C GLY B 81 -20.97 24.31 6.03
N LYS B 82 -20.82 24.95 4.87
CA LYS B 82 -21.97 25.45 4.15
C LYS B 82 -22.26 24.60 2.96
N LEU B 83 -23.49 24.67 2.48
CA LEU B 83 -23.81 23.98 1.25
C LEU B 83 -23.86 25.01 0.16
N ILE B 84 -24.41 26.16 0.53
CA ILE B 84 -24.55 27.31 -0.32
C ILE B 84 -23.78 28.41 0.40
N CYS B 85 -22.83 29.10 -0.29
CA CYS B 85 -21.98 30.13 0.35
C CYS B 85 -22.04 31.50 -0.34
N CYS B 86 -22.56 32.45 0.42
CA CYS B 86 -22.73 33.82 -0.03
C CYS B 86 -21.48 34.63 0.30
N THR B 87 -21.20 35.58 -0.55
CA THR B 87 -20.09 36.48 -0.34
C THR B 87 -20.28 37.77 -1.10
N ASN B 88 -19.65 38.82 -0.64
CA ASN B 88 -19.82 40.11 -1.29
C ASN B 88 -18.90 40.32 -2.48
N VAL B 89 -19.12 39.50 -3.49
CA VAL B 89 -18.40 39.56 -4.74
C VAL B 89 -19.46 39.64 -5.83
N PRO B 90 -19.57 40.72 -6.61
CA PRO B 90 -20.59 40.93 -7.63
C PRO B 90 -20.37 40.04 -8.83
N TRP B 91 -21.46 39.74 -9.53
CA TRP B 91 -21.42 38.97 -10.75
C TRP B 91 -21.08 39.87 -11.94
N ASN B 92 -20.33 39.35 -12.92
CA ASN B 92 -19.89 40.17 -14.09
C ASN B 92 -20.62 39.77 -15.38
N SER B 93 -20.97 40.79 -16.20
CA SER B 93 -21.61 40.69 -17.52
C SER B 93 -20.66 40.07 -18.53
N THR B 94 -19.39 40.00 -18.16
CA THR B 94 -18.39 39.39 -19.02
C THR B 94 -18.38 37.89 -18.78
N TRP B 95 -19.11 37.43 -17.77
CA TRP B 95 -19.14 36.03 -17.46
C TRP B 95 -20.44 35.49 -18.03
N SER B 96 -21.55 36.14 -17.71
CA SER B 96 -22.82 35.67 -18.26
C SER B 96 -23.90 36.74 -18.29
N ASN B 97 -24.90 36.50 -19.14
CA ASN B 97 -26.05 37.38 -19.31
C ASN B 97 -27.34 36.58 -19.43
N ARG B 98 -27.80 36.07 -18.31
CA ARG B 98 -28.97 35.19 -18.25
C ARG B 98 -29.82 35.73 -17.14
N ASN B 99 -31.10 35.45 -17.13
CA ASN B 99 -31.86 35.95 -16.01
C ASN B 99 -31.68 35.01 -14.84
N LEU B 100 -32.29 35.32 -13.69
CA LEU B 100 -32.12 34.50 -12.50
C LEU B 100 -33.26 33.53 -12.31
N SER B 101 -34.10 33.42 -13.32
CA SER B 101 -35.24 32.55 -13.28
C SER B 101 -34.90 31.24 -13.97
N GLU B 102 -34.60 31.32 -15.26
CA GLU B 102 -34.37 30.11 -16.00
C GLU B 102 -33.23 29.31 -15.43
N ILE B 103 -32.15 30.00 -15.09
CA ILE B 103 -30.95 29.32 -14.66
C ILE B 103 -31.09 28.58 -13.34
N TRP B 104 -32.04 28.88 -12.46
CA TRP B 104 -32.30 27.77 -11.52
C TRP B 104 -33.45 27.07 -12.14
N ASP B 105 -34.59 27.66 -11.77
CA ASP B 105 -35.78 26.84 -11.73
C ASP B 105 -36.02 25.95 -12.94
N ASN B 106 -35.57 26.34 -14.15
CA ASN B 106 -35.90 25.56 -15.33
C ASN B 106 -34.71 24.90 -16.03
N MET B 107 -33.52 25.39 -15.73
CA MET B 107 -32.31 24.94 -16.36
C MET B 107 -31.62 23.85 -15.53
N THR B 108 -31.06 22.88 -16.22
CA THR B 108 -30.31 21.82 -15.58
C THR B 108 -28.93 22.40 -15.28
N TRP B 109 -28.03 21.55 -14.79
CA TRP B 109 -26.69 21.99 -14.29
C TRP B 109 -25.62 21.92 -15.38
N LEU B 110 -25.71 20.94 -16.29
CA LEU B 110 -24.61 20.65 -17.26
C LEU B 110 -24.29 21.89 -18.09
N GLN B 111 -25.33 22.62 -18.52
CA GLN B 111 -25.11 23.88 -19.29
C GLN B 111 -24.38 24.87 -18.37
N TRP B 112 -24.74 24.84 -17.09
CA TRP B 112 -24.08 25.74 -16.12
C TRP B 112 -22.60 25.39 -16.01
N ASP B 113 -22.27 24.11 -16.01
CA ASP B 113 -20.85 23.67 -15.98
C ASP B 113 -20.19 24.15 -17.28
N LYS B 114 -20.97 24.18 -18.36
CA LYS B 114 -20.43 24.31 -19.73
C LYS B 114 -19.97 25.73 -20.00
N GLU B 115 -20.90 26.69 -20.09
CA GLU B 115 -20.54 28.07 -20.47
C GLU B 115 -19.61 28.70 -19.43
N ILE B 116 -19.87 28.46 -18.14
CA ILE B 116 -19.07 29.12 -17.07
C ILE B 116 -17.67 28.49 -17.00
N SER B 117 -17.45 27.39 -17.72
CA SER B 117 -16.15 26.65 -17.63
C SER B 117 -14.96 27.52 -18.05
N ASN B 118 -15.12 28.39 -19.06
CA ASN B 118 -13.95 29.15 -19.58
C ASN B 118 -13.31 30.03 -18.50
N TYR B 119 -14.11 30.73 -17.70
CA TYR B 119 -13.55 31.66 -16.69
C TYR B 119 -13.97 31.22 -15.29
N THR B 120 -13.01 31.04 -14.38
CA THR B 120 -13.34 30.54 -13.01
C THR B 120 -12.28 31.01 -12.03
N GLN B 121 -11.02 30.63 -12.27
CA GLN B 121 -9.89 31.04 -11.38
C GLN B 121 -10.13 32.44 -10.81
N ILE B 122 -10.41 33.42 -11.67
CA ILE B 122 -10.47 34.79 -11.22
C ILE B 122 -11.50 34.87 -10.13
N ILE B 123 -12.57 34.09 -10.27
CA ILE B 123 -13.59 34.10 -9.27
C ILE B 123 -13.03 33.58 -7.99
N TYR B 124 -12.28 32.52 -8.05
CA TYR B 124 -11.73 31.95 -6.86
C TYR B 124 -10.85 32.96 -6.17
N GLY B 125 -10.03 33.70 -6.93
CA GLY B 125 -9.18 34.70 -6.31
C GLY B 125 -10.01 35.80 -5.62
N LEU B 126 -11.11 36.19 -6.23
CA LEU B 126 -11.96 37.21 -5.65
C LEU B 126 -12.60 36.72 -4.38
N LEU B 127 -12.97 35.45 -4.35
CA LEU B 127 -13.60 34.90 -3.19
C LEU B 127 -12.61 34.91 -2.02
N GLU B 128 -11.35 34.60 -2.32
CA GLU B 128 -10.31 34.60 -1.30
C GLU B 128 -10.08 36.00 -0.78
N GLU B 129 -10.10 36.98 -1.67
CA GLU B 129 -9.84 38.33 -1.22
C GLU B 129 -10.97 38.81 -0.36
N SER B 130 -12.19 38.45 -0.70
CA SER B 130 -13.29 38.90 0.11
C SER B 130 -13.06 38.45 1.53
N GLN B 131 -12.67 37.19 1.72
CA GLN B 131 -12.43 36.76 3.08
C GLN B 131 -11.26 37.45 3.71
N ASN B 132 -10.21 37.70 2.93
CA ASN B 132 -9.03 38.33 3.49
C ASN B 132 -9.40 39.65 4.12
N GLN B 133 -10.23 40.41 3.44
CA GLN B 133 -10.64 41.69 3.96
C GLN B 133 -11.56 41.52 5.14
N GLN B 134 -12.45 40.53 5.09
CA GLN B 134 -13.38 40.36 6.19
C GLN B 134 -12.71 40.01 7.47
N GLU B 135 -11.70 39.14 7.44
CA GLU B 135 -11.09 38.78 8.69
C GLU B 135 -10.30 39.92 9.28
N LYS B 136 -9.65 40.73 8.46
CA LYS B 136 -8.93 41.82 9.07
C LYS B 136 -9.93 42.75 9.72
N ASN B 137 -11.08 42.94 9.08
CA ASN B 137 -12.05 43.82 9.66
C ASN B 137 -12.57 43.25 10.97
N GLU B 138 -12.71 41.93 11.07
CA GLU B 138 -13.17 41.34 12.31
C GLU B 138 -12.18 41.58 13.42
N GLN B 139 -10.89 41.49 13.12
CA GLN B 139 -9.91 41.71 14.16
C GLN B 139 -10.00 43.13 14.67
N ASP B 140 -10.21 44.09 13.78
CA ASP B 140 -10.33 45.45 14.28
C ASP B 140 -11.61 45.63 15.08
N LEU B 141 -12.69 45.00 14.67
CA LEU B 141 -13.93 45.17 15.41
C LEU B 141 -13.79 44.65 16.83
N LEU B 142 -13.04 43.56 17.00
CA LEU B 142 -12.80 43.03 18.32
C LEU B 142 -11.90 43.95 19.12
N ALA B 143 -10.85 44.49 18.49
CA ALA B 143 -9.95 45.42 19.20
C ALA B 143 -10.66 46.72 19.68
N LEU B 144 -11.60 47.19 18.87
CA LEU B 144 -12.35 48.44 19.16
C LEU B 144 -13.55 48.12 20.05
N ASP B 145 -14.73 48.61 19.66
CA ASP B 145 -15.95 48.51 20.52
C ASP B 145 -16.64 47.17 20.24
N ARG C 32 -43.91 13.89 28.36
CA ARG C 32 -43.92 12.56 27.72
C ARG C 32 -42.59 11.79 27.87
N ALA C 33 -41.49 12.46 28.30
CA ALA C 33 -40.15 11.90 28.46
C ALA C 33 -39.35 12.68 29.47
N GLU C 34 -38.32 12.02 29.98
CA GLU C 34 -37.34 12.63 30.87
C GLU C 34 -36.38 13.56 30.12
N ASN C 35 -36.46 13.53 28.79
CA ASN C 35 -35.65 14.35 27.90
C ASN C 35 -34.15 14.20 28.03
N LEU C 36 -33.69 12.95 27.89
CA LEU C 36 -32.25 12.64 27.72
C LEU C 36 -31.88 12.84 26.26
N TRP C 37 -30.73 13.45 25.99
CA TRP C 37 -30.34 13.74 24.59
C TRP C 37 -29.00 13.09 24.25
N VAL C 38 -28.92 12.42 23.10
CA VAL C 38 -27.65 11.79 22.66
C VAL C 38 -26.60 12.90 22.54
N THR C 39 -25.37 12.67 23.01
CA THR C 39 -24.30 13.56 22.60
C THR C 39 -23.14 12.76 22.09
N VAL C 40 -22.24 13.44 21.41
CA VAL C 40 -21.11 12.81 20.78
C VAL C 40 -19.83 13.57 21.08
N TYR C 41 -18.75 12.84 21.35
CA TYR C 41 -17.48 13.52 21.46
C TYR C 41 -16.25 12.68 21.13
N TYR C 42 -15.17 13.39 20.84
CA TYR C 42 -13.88 12.86 20.43
C TYR C 42 -12.79 12.98 21.49
N GLY C 43 -12.00 11.92 21.65
CA GLY C 43 -10.90 11.87 22.61
C GLY C 43 -11.15 10.85 23.72
N VAL C 44 -12.06 9.92 23.45
CA VAL C 44 -12.43 8.87 24.36
C VAL C 44 -11.35 7.78 24.49
N PRO C 45 -10.88 7.40 25.70
CA PRO C 45 -9.84 6.41 25.95
C PRO C 45 -10.32 4.98 25.82
N VAL C 46 -10.74 4.61 24.63
CA VAL C 46 -11.24 3.28 24.34
C VAL C 46 -10.51 2.63 23.19
N TRP C 47 -10.20 1.36 23.38
CA TRP C 47 -9.48 0.58 22.41
C TRP C 47 -10.05 -0.79 22.20
N LYS C 48 -9.73 -1.35 21.05
CA LYS C 48 -10.12 -2.69 20.70
C LYS C 48 -8.98 -3.47 20.10
N ASP C 49 -9.03 -4.77 20.25
CA ASP C 49 -8.00 -5.64 19.72
C ASP C 49 -7.84 -5.43 18.24
N ALA C 50 -6.59 -5.33 17.79
CA ALA C 50 -6.38 -5.15 16.37
C ALA C 50 -5.07 -5.73 15.89
N GLU C 51 -5.07 -6.21 14.67
CA GLU C 51 -3.86 -6.74 14.09
C GLU C 51 -3.24 -5.77 13.12
N THR C 52 -2.06 -5.29 13.45
CA THR C 52 -1.37 -4.38 12.59
C THR C 52 0.07 -4.76 12.50
N THR C 53 0.81 -4.00 11.74
CA THR C 53 2.22 -4.26 11.60
C THR C 53 3.00 -3.32 12.48
N LEU C 54 3.85 -3.87 13.31
CA LEU C 54 4.68 -3.08 14.19
C LEU C 54 5.99 -2.90 13.51
N PHE C 55 6.71 -1.86 13.86
CA PHE C 55 8.00 -1.67 13.21
C PHE C 55 9.11 -1.98 14.18
N CYS C 56 10.30 -2.33 13.63
CA CYS C 56 11.53 -2.63 14.36
C CYS C 56 12.27 -1.35 14.70
N ALA C 57 12.82 -1.30 15.91
CA ALA C 57 13.68 -0.21 16.34
C ALA C 57 14.89 -0.77 17.11
N SER C 58 16.02 -0.08 17.01
CA SER C 58 17.25 -0.56 17.66
C SER C 58 18.09 0.54 18.28
N HIS C 68 25.60 -3.38 10.19
CA HIS C 68 26.60 -4.22 9.54
C HIS C 68 26.07 -5.66 9.30
N ASN C 69 25.27 -6.18 10.27
CA ASN C 69 24.67 -7.51 10.34
C ASN C 69 23.25 -7.51 9.82
N VAL C 70 22.62 -8.66 9.78
CA VAL C 70 21.30 -8.69 9.19
C VAL C 70 20.23 -7.90 9.95
N TRP C 71 20.35 -7.80 11.28
CA TRP C 71 19.24 -7.18 12.04
C TRP C 71 19.45 -5.65 12.13
N ALA C 72 20.70 -5.22 12.24
CA ALA C 72 21.00 -3.82 12.37
C ALA C 72 20.72 -3.04 11.11
N THR C 73 21.00 -3.62 9.94
CA THR C 73 20.82 -2.79 8.76
C THR C 73 19.37 -2.71 8.37
N HIS C 74 18.56 -3.56 8.95
CA HIS C 74 17.14 -3.56 8.63
C HIS C 74 16.27 -3.04 9.79
N CYS C 75 16.88 -2.33 10.78
CA CYS C 75 16.22 -1.82 11.95
C CYS C 75 16.92 -0.49 12.21
N CYS C 76 16.82 0.37 11.19
CA CYS C 76 17.47 1.68 11.15
C CYS C 76 16.79 2.67 12.07
N VAL C 77 15.56 2.42 12.38
CA VAL C 77 14.83 3.33 13.23
C VAL C 77 15.38 3.16 14.64
N PRO C 78 15.79 4.23 15.31
CA PRO C 78 16.30 4.19 16.65
C PRO C 78 15.15 3.98 17.59
N THR C 79 15.43 3.41 18.73
CA THR C 79 14.44 3.33 19.76
C THR C 79 14.33 4.65 20.41
N ASP C 80 13.27 4.84 21.16
CA ASP C 80 13.10 6.03 21.94
C ASP C 80 14.17 5.94 23.04
N PRO C 81 15.11 6.88 23.16
CA PRO C 81 16.16 6.87 24.15
C PRO C 81 15.62 6.99 25.56
N ASN C 82 14.36 7.45 25.70
CA ASN C 82 13.74 7.61 27.00
C ASN C 82 12.33 7.06 26.99
N PRO C 83 12.15 5.72 27.00
CA PRO C 83 10.91 4.98 26.83
C PRO C 83 9.93 5.35 27.92
N GLN C 84 8.65 5.22 27.62
CA GLN C 84 7.63 5.56 28.58
C GLN C 84 6.77 4.37 28.86
N GLU C 85 6.18 4.39 30.02
CA GLU C 85 5.20 3.40 30.41
C GLU C 85 4.14 4.08 31.21
N ILE C 86 2.89 3.86 30.83
CA ILE C 86 1.78 4.46 31.53
C ILE C 86 0.88 3.44 32.16
N HIS C 87 0.86 3.44 33.48
CA HIS C 87 0.06 2.45 34.18
C HIS C 87 -1.39 2.81 34.02
N LEU C 88 -2.23 1.81 33.80
CA LEU C 88 -3.64 2.10 33.67
C LEU C 88 -4.35 1.83 34.97
N GLU C 89 -4.41 2.86 35.77
CA GLU C 89 -4.97 2.78 37.10
C GLU C 89 -6.42 2.36 36.98
N ASN C 90 -6.84 1.36 37.81
CA ASN C 90 -8.18 0.76 37.91
C ASN C 90 -8.71 0.18 36.58
N VAL C 91 -7.80 -0.42 35.75
CA VAL C 91 -8.13 -1.06 34.47
C VAL C 91 -7.70 -2.51 34.48
N THR C 92 -8.58 -3.40 34.02
CA THR C 92 -8.27 -4.82 33.92
C THR C 92 -8.34 -5.17 32.46
N GLU C 93 -7.44 -6.03 31.97
CA GLU C 93 -7.53 -6.38 30.57
C GLU C 93 -7.09 -7.81 30.31
N GLU C 94 -7.71 -8.45 29.32
CA GLU C 94 -7.39 -9.83 28.97
C GLU C 94 -6.38 -10.02 27.86
N PHE C 95 -5.38 -10.82 28.18
CA PHE C 95 -4.29 -11.15 27.29
C PHE C 95 -4.34 -12.63 26.96
N ASN C 96 -3.86 -13.01 25.78
CA ASN C 96 -3.81 -14.42 25.40
C ASN C 96 -2.63 -14.70 24.48
N MET C 97 -1.58 -15.27 25.03
CA MET C 97 -0.33 -15.49 24.33
C MET C 97 -0.46 -16.51 23.23
N TRP C 98 -1.49 -17.31 23.26
CA TRP C 98 -1.62 -18.37 22.31
C TRP C 98 -2.27 -17.92 21.03
N LYS C 99 -2.86 -16.72 21.03
CA LYS C 99 -3.59 -16.26 19.86
C LYS C 99 -2.97 -14.96 19.38
N ASN C 100 -1.80 -14.70 19.88
CA ASN C 100 -1.00 -13.52 19.65
C ASN C 100 -0.43 -13.38 18.24
N ASN C 101 -0.75 -12.27 17.56
CA ASN C 101 -0.28 -12.04 16.21
C ASN C 101 1.11 -11.44 16.15
N MET C 102 1.64 -11.07 17.30
CA MET C 102 2.95 -10.45 17.35
C MET C 102 3.92 -11.57 17.09
N VAL C 103 3.53 -12.78 17.48
CA VAL C 103 4.34 -13.95 17.25
C VAL C 103 4.44 -14.20 15.76
N GLU C 104 3.31 -14.05 15.07
CA GLU C 104 3.31 -14.24 13.63
C GLU C 104 4.12 -13.16 12.96
N GLN C 105 4.08 -11.96 13.53
CA GLN C 105 4.88 -10.91 12.95
C GLN C 105 6.35 -11.27 13.07
N MET C 106 6.76 -11.85 14.21
CA MET C 106 8.16 -12.22 14.35
C MET C 106 8.52 -13.27 13.35
N HIS C 107 7.63 -14.22 13.16
CA HIS C 107 7.91 -15.32 12.27
C HIS C 107 8.14 -14.81 10.89
N THR C 108 7.25 -13.97 10.42
CA THR C 108 7.39 -13.49 9.08
C THR C 108 8.64 -12.66 8.92
N ASP C 109 8.93 -11.78 9.86
CA ASP C 109 10.09 -10.92 9.68
C ASP C 109 11.38 -11.69 9.73
N ILE C 110 11.43 -12.70 10.59
CA ILE C 110 12.67 -13.52 10.78
C ILE C 110 12.94 -14.32 9.50
N ILE C 111 11.88 -14.74 8.81
CA ILE C 111 12.02 -15.45 7.56
C ILE C 111 12.42 -14.47 6.48
N SER C 112 11.77 -13.32 6.48
CA SER C 112 12.06 -12.34 5.48
C SER C 112 13.51 -11.92 5.54
N LEU C 113 14.06 -11.69 6.72
CA LEU C 113 15.44 -11.28 6.78
C LEU C 113 16.36 -12.36 6.28
N TRP C 114 16.06 -13.60 6.63
CA TRP C 114 16.92 -14.72 6.15
C TRP C 114 16.91 -14.74 4.62
N ASP C 115 15.75 -14.53 3.99
CA ASP C 115 15.75 -14.58 2.55
C ASP C 115 16.39 -13.35 1.95
N GLN C 116 16.17 -12.21 2.55
CA GLN C 116 16.70 -10.99 1.98
C GLN C 116 18.20 -10.99 1.99
N SER C 117 18.77 -11.52 3.06
CA SER C 117 20.19 -11.54 3.21
C SER C 117 20.88 -12.65 2.43
N LEU C 118 20.19 -13.73 2.12
CA LEU C 118 20.85 -14.78 1.35
C LEU C 118 20.64 -14.60 -0.13
N LYS C 119 19.56 -13.94 -0.50
CA LYS C 119 19.23 -13.74 -1.88
C LYS C 119 20.40 -13.30 -2.77
N PRO C 120 21.22 -12.29 -2.43
CA PRO C 120 22.32 -11.81 -3.24
C PRO C 120 23.68 -12.54 -3.13
N CYS C 121 23.77 -13.64 -2.35
CA CYS C 121 25.03 -14.32 -2.04
C CYS C 121 25.36 -15.37 -3.11
N VAL C 122 26.61 -15.82 -3.10
CA VAL C 122 27.11 -16.80 -4.05
C VAL C 122 26.34 -18.10 -4.01
N LYS C 123 25.94 -18.55 -5.17
CA LYS C 123 25.19 -19.78 -5.30
C LYS C 123 26.19 -20.89 -5.43
N LEU C 124 25.90 -22.03 -4.83
CA LEU C 124 26.84 -23.13 -4.89
C LEU C 124 26.43 -24.26 -5.79
N THR C 125 25.52 -24.00 -6.70
CA THR C 125 25.08 -24.97 -7.65
C THR C 125 26.20 -25.83 -8.26
N PRO C 126 27.33 -25.26 -8.77
CA PRO C 126 28.42 -25.97 -9.40
C PRO C 126 29.12 -26.97 -8.52
N LEU C 127 28.88 -26.95 -7.22
CA LEU C 127 29.54 -27.92 -6.37
C LEU C 127 28.84 -29.29 -6.33
N CYS C 128 27.64 -29.44 -6.94
CA CYS C 128 26.90 -30.69 -6.97
C CYS C 128 27.47 -31.60 -8.06
N VAL C 129 28.59 -32.19 -7.71
CA VAL C 129 29.39 -33.06 -8.56
C VAL C 129 29.74 -34.33 -7.84
N THR C 130 30.20 -35.31 -8.58
CA THR C 130 30.64 -36.54 -7.95
C THR C 130 31.85 -36.25 -7.08
N LEU C 131 31.82 -36.74 -5.86
CA LEU C 131 32.92 -36.57 -4.93
C LEU C 131 33.65 -37.88 -4.69
N GLN C 132 34.97 -37.80 -4.53
CA GLN C 132 35.77 -38.96 -4.15
C GLN C 132 36.26 -38.78 -2.73
N CYS C 133 35.66 -39.51 -1.77
CA CYS C 133 35.88 -39.26 -0.34
C CYS C 133 36.53 -40.44 0.37
N THR C 134 37.41 -40.08 1.29
CA THR C 134 38.05 -41.02 2.18
C THR C 134 37.94 -40.53 3.63
N ASN C 135 38.33 -41.35 4.62
CA ASN C 135 38.34 -40.98 6.04
C ASN C 135 39.58 -40.14 6.35
N VAL C 136 39.43 -39.16 7.28
CA VAL C 136 40.57 -38.42 7.84
C VAL C 136 41.07 -39.27 9.00
N THR C 137 42.32 -39.70 8.94
CA THR C 137 42.83 -40.59 9.97
C THR C 137 44.16 -40.13 10.54
N ASN C 138 44.12 -39.07 11.32
CA ASN C 138 45.32 -38.49 11.89
C ASN C 138 45.02 -37.84 13.22
N ASN C 139 45.49 -38.42 14.33
CA ASN C 139 45.22 -37.88 15.65
C ASN C 139 43.73 -37.70 15.93
N ILE C 140 42.97 -38.75 15.66
CA ILE C 140 41.53 -38.68 15.83
C ILE C 140 41.13 -39.36 17.12
N THR C 141 40.37 -38.69 17.98
CA THR C 141 39.90 -39.37 19.19
C THR C 141 38.97 -40.46 18.71
N ASP C 142 38.85 -41.55 19.43
CA ASP C 142 38.03 -42.64 18.92
C ASP C 142 36.62 -42.23 18.56
N ASP C 143 36.05 -41.34 19.34
CA ASP C 143 34.67 -40.91 19.15
C ASP C 143 34.44 -40.13 17.85
N MET C 144 35.48 -39.56 17.29
CA MET C 144 35.40 -38.77 16.09
C MET C 144 35.64 -39.58 14.84
N ARG C 145 35.89 -40.86 14.99
CA ARG C 145 36.18 -41.63 13.80
C ARG C 145 34.98 -41.69 12.92
N GLY C 146 35.20 -41.42 11.64
CA GLY C 146 34.13 -41.47 10.64
C GLY C 146 33.38 -40.15 10.50
N GLU C 147 33.68 -39.17 11.35
CA GLU C 147 32.97 -37.90 11.30
C GLU C 147 33.43 -36.99 10.20
N LEU C 148 34.71 -37.08 9.86
CA LEU C 148 35.26 -36.20 8.86
C LEU C 148 35.70 -36.93 7.62
N LYS C 149 35.20 -36.46 6.51
CA LYS C 149 35.49 -37.04 5.22
C LYS C 149 36.30 -36.07 4.38
N ASN C 150 37.40 -36.57 3.78
CA ASN C 150 38.30 -35.84 2.89
C ASN C 150 37.91 -36.11 1.44
N CYS C 151 37.23 -35.13 0.80
CA CYS C 151 36.63 -35.30 -0.52
C CYS C 151 37.28 -34.43 -1.57
N SER C 152 37.63 -35.06 -2.69
CA SER C 152 38.19 -34.33 -3.81
C SER C 152 37.22 -34.32 -4.97
N PHE C 153 37.32 -33.26 -5.76
CA PHE C 153 36.46 -33.11 -6.91
C PHE C 153 36.99 -32.15 -7.99
N ASN C 154 36.44 -32.25 -9.22
CA ASN C 154 36.74 -31.39 -10.37
C ASN C 154 35.73 -30.23 -10.42
N MET C 155 36.19 -29.01 -10.07
CA MET C 155 35.40 -27.79 -9.91
C MET C 155 35.67 -26.71 -10.95
N THR C 156 34.66 -25.92 -11.23
CA THR C 156 34.73 -24.76 -12.12
C THR C 156 35.68 -23.69 -11.60
N THR C 157 36.46 -23.10 -12.50
CA THR C 157 37.36 -21.97 -12.19
C THR C 157 36.72 -20.70 -12.71
N GLU C 158 37.42 -19.58 -12.59
CA GLU C 158 36.88 -18.32 -13.06
C GLU C 158 36.72 -18.28 -14.59
N LEU C 159 37.39 -19.16 -15.33
CA LEU C 159 37.22 -19.14 -16.77
C LEU C 159 36.38 -20.30 -17.19
N ARG C 160 35.60 -20.09 -18.21
CA ARG C 160 34.67 -21.14 -18.65
C ARG C 160 35.39 -22.38 -19.14
N ASP C 161 36.56 -22.21 -19.74
CA ASP C 161 37.27 -23.33 -20.26
C ASP C 161 38.36 -23.88 -19.35
N LYS C 162 38.32 -23.53 -18.06
CA LYS C 162 39.29 -24.05 -17.13
C LYS C 162 38.63 -24.70 -15.91
N LYS C 163 39.23 -25.82 -15.47
CA LYS C 163 38.77 -26.59 -14.33
C LYS C 163 39.90 -26.72 -13.33
N GLN C 164 39.55 -26.97 -12.07
CA GLN C 164 40.55 -27.18 -11.03
C GLN C 164 40.20 -28.37 -10.16
N LYS C 165 41.22 -29.10 -9.72
CA LYS C 165 40.99 -30.23 -8.86
C LYS C 165 41.28 -29.81 -7.45
N VAL C 166 40.26 -29.86 -6.63
CA VAL C 166 40.34 -29.37 -5.27
C VAL C 166 39.82 -30.36 -4.27
N TYR C 167 40.11 -30.13 -3.01
CA TYR C 167 39.56 -30.95 -1.96
C TYR C 167 39.33 -30.14 -0.71
N SER C 168 38.43 -30.64 0.13
CA SER C 168 38.12 -30.07 1.42
C SER C 168 37.51 -31.09 2.36
N LEU C 169 37.37 -30.73 3.62
CA LEU C 169 36.80 -31.66 4.56
C LEU C 169 35.34 -31.37 4.82
N PHE C 170 34.59 -32.45 4.98
CA PHE C 170 33.18 -32.38 5.24
C PHE C 170 32.75 -33.18 6.42
N TYR C 171 31.66 -32.76 7.02
CA TYR C 171 31.09 -33.54 8.07
C TYR C 171 30.24 -34.57 7.39
N ARG C 172 30.17 -35.76 7.95
CA ARG C 172 29.41 -36.83 7.31
C ARG C 172 27.92 -36.52 7.16
N LEU C 173 27.42 -35.63 7.98
CA LEU C 173 26.00 -35.31 7.97
C LEU C 173 25.56 -34.59 6.70
N ASP C 174 26.51 -34.04 5.96
CA ASP C 174 26.23 -33.29 4.75
C ASP C 174 26.41 -34.09 3.45
N VAL C 175 26.86 -35.34 3.55
CA VAL C 175 27.20 -36.13 2.36
C VAL C 175 26.58 -37.53 2.33
N VAL C 176 26.17 -37.97 1.14
CA VAL C 176 25.59 -39.30 1.01
C VAL C 176 26.31 -40.22 0.07
N GLN C 177 26.21 -41.50 0.42
CA GLN C 177 26.82 -42.59 -0.29
C GLN C 177 26.15 -42.92 -1.60
N ILE C 178 26.95 -43.06 -2.63
CA ILE C 178 26.44 -43.54 -3.90
C ILE C 178 26.81 -45.02 -3.99
N ASN C 179 25.82 -45.90 -4.29
CA ASN C 179 25.95 -47.36 -4.43
C ASN C 179 26.73 -48.01 -3.27
N ASN C 190 32.91 -47.76 -3.10
CA ASN C 190 32.34 -47.07 -1.93
C ASN C 190 32.92 -45.64 -1.69
N LYS C 191 33.84 -45.16 -2.55
CA LYS C 191 34.48 -43.84 -2.47
C LYS C 191 33.67 -42.75 -3.16
N GLU C 192 32.61 -43.15 -3.85
CA GLU C 192 31.78 -42.22 -4.60
C GLU C 192 30.62 -41.67 -3.77
N TYR C 193 30.59 -40.34 -3.65
CA TYR C 193 29.63 -39.56 -2.85
C TYR C 193 29.04 -38.33 -3.52
N ARG C 194 27.92 -37.87 -3.01
CA ARG C 194 27.33 -36.60 -3.45
C ARG C 194 26.79 -35.83 -2.26
N LEU C 195 26.47 -34.56 -2.48
CA LEU C 195 25.93 -33.74 -1.41
C LEU C 195 24.47 -34.09 -1.18
N ILE C 196 24.03 -33.95 0.07
CA ILE C 196 22.64 -34.29 0.39
C ILE C 196 21.58 -33.51 -0.35
N ASN C 197 21.84 -32.28 -0.73
CA ASN C 197 20.81 -31.50 -1.41
C ASN C 197 20.67 -31.69 -2.93
N CYS C 198 21.53 -32.50 -3.59
CA CYS C 198 21.55 -32.65 -5.06
C CYS C 198 20.24 -33.13 -5.63
N ASN C 199 19.55 -34.00 -4.93
CA ASN C 199 18.29 -34.52 -5.45
C ASN C 199 17.06 -33.71 -4.98
N THR C 200 17.25 -32.57 -4.25
CA THR C 200 16.17 -31.75 -3.68
C THR C 200 16.16 -30.29 -4.11
N SER C 201 17.24 -29.56 -3.85
CA SER C 201 17.22 -28.12 -4.05
C SER C 201 18.56 -27.46 -4.19
N ALA C 202 18.50 -26.23 -4.70
CA ALA C 202 19.67 -25.37 -4.78
C ALA C 202 20.09 -24.92 -3.40
N ILE C 203 21.40 -24.74 -3.26
CA ILE C 203 21.98 -24.25 -2.02
C ILE C 203 22.78 -22.98 -2.23
N THR C 204 22.61 -22.04 -1.32
CA THR C 204 23.28 -20.75 -1.35
C THR C 204 24.31 -20.59 -0.24
N GLN C 205 25.49 -20.09 -0.55
CA GLN C 205 26.51 -19.84 0.46
C GLN C 205 26.16 -18.60 1.23
N ALA C 206 26.19 -18.65 2.54
CA ALA C 206 25.92 -17.42 3.24
C ALA C 206 27.07 -16.47 2.99
N CYS C 207 26.80 -15.14 2.88
CA CYS C 207 27.82 -14.11 2.72
C CYS C 207 28.65 -14.03 4.02
N PRO C 208 29.97 -14.10 3.93
CA PRO C 208 30.91 -14.17 5.03
C PRO C 208 30.92 -12.93 5.89
N LYS C 209 30.35 -11.84 5.38
CA LYS C 209 30.35 -10.61 6.13
C LYS C 209 29.02 -10.30 6.79
N VAL C 210 28.04 -11.20 6.70
CA VAL C 210 26.78 -10.87 7.32
C VAL C 210 26.55 -11.77 8.50
N SER C 211 26.61 -11.19 9.69
CA SER C 211 26.38 -11.99 10.86
C SER C 211 24.90 -12.07 11.17
N PHE C 212 24.55 -13.13 11.89
CA PHE C 212 23.17 -13.33 12.42
C PHE C 212 23.26 -13.43 13.94
N GLU C 213 23.97 -12.47 14.55
CA GLU C 213 23.98 -12.34 15.98
C GLU C 213 22.60 -11.92 16.42
N PRO C 214 22.01 -12.53 17.46
CA PRO C 214 20.69 -12.21 17.96
C PRO C 214 20.70 -10.94 18.78
N ILE C 215 20.90 -9.85 18.10
CA ILE C 215 20.94 -8.53 18.65
C ILE C 215 19.52 -8.17 19.03
N PRO C 216 19.24 -7.73 20.24
CA PRO C 216 17.91 -7.45 20.67
C PRO C 216 17.33 -6.33 19.88
N ILE C 217 16.09 -6.52 19.49
CA ILE C 217 15.36 -5.50 18.77
C ILE C 217 14.06 -5.23 19.45
N HIS C 218 13.53 -4.05 19.23
CA HIS C 218 12.29 -3.68 19.85
C HIS C 218 11.21 -3.57 18.80
N TYR C 219 9.99 -3.90 19.14
CA TYR C 219 8.91 -3.61 18.22
C TYR C 219 8.14 -2.47 18.81
N CYS C 220 7.60 -1.59 17.94
CA CYS C 220 6.95 -0.36 18.38
C CYS C 220 5.75 -0.03 17.50
N ALA C 221 4.71 0.50 18.16
CA ALA C 221 3.45 0.79 17.48
C ALA C 221 3.46 2.04 16.62
N PRO C 222 2.74 2.03 15.49
CA PRO C 222 2.43 3.16 14.65
C PRO C 222 1.34 3.97 15.35
N ALA C 223 1.19 5.24 14.98
CA ALA C 223 0.14 6.03 15.58
C ALA C 223 -1.22 5.39 15.38
N GLY C 224 -2.03 5.44 16.42
CA GLY C 224 -3.36 4.87 16.40
C GLY C 224 -3.40 3.51 17.05
N PHE C 225 -2.23 2.99 17.38
CA PHE C 225 -2.12 1.69 18.02
C PHE C 225 -1.36 1.78 19.32
N ALA C 226 -1.62 0.82 20.18
CA ALA C 226 -0.93 0.76 21.45
C ALA C 226 -0.52 -0.65 21.80
N ILE C 227 0.61 -0.75 22.48
CA ILE C 227 1.08 -2.03 22.94
C ILE C 227 0.88 -2.13 24.43
N LEU C 228 0.15 -3.12 24.80
CA LEU C 228 -0.24 -3.35 26.16
C LEU C 228 0.62 -4.43 26.73
N LYS C 229 0.91 -4.35 28.02
CA LYS C 229 1.63 -5.44 28.64
C LYS C 229 1.14 -5.76 30.06
N CYS C 230 1.30 -7.05 30.47
CA CYS C 230 1.07 -7.50 31.84
C CYS C 230 2.33 -7.26 32.67
N LYS C 231 2.13 -6.63 33.80
CA LYS C 231 3.15 -6.34 34.80
C LYS C 231 2.90 -7.23 35.98
N ASP C 232 1.87 -8.03 35.83
CA ASP C 232 1.34 -8.83 36.89
C ASP C 232 2.22 -10.03 37.06
N LYS C 233 1.90 -10.86 38.02
CA LYS C 233 2.75 -12.00 38.31
C LYS C 233 1.99 -13.27 38.15
N LYS C 234 2.70 -14.36 37.89
CA LYS C 234 2.04 -15.65 37.74
C LYS C 234 0.99 -15.58 36.66
N PHE C 235 1.28 -14.85 35.61
CA PHE C 235 0.31 -14.77 34.56
C PHE C 235 0.24 -16.13 33.89
N ASN C 236 -0.98 -16.67 33.74
CA ASN C 236 -1.28 -18.00 33.17
C ASN C 236 -0.97 -18.09 31.66
N GLY C 237 -0.81 -16.93 30.97
CA GLY C 237 -0.60 -16.79 29.54
C GLY C 237 -1.91 -16.36 28.93
N THR C 238 -2.95 -16.52 29.73
CA THR C 238 -4.29 -16.16 29.36
C THR C 238 -4.97 -15.42 30.49
N GLY C 239 -6.08 -14.79 30.16
CA GLY C 239 -6.95 -14.19 31.14
C GLY C 239 -6.71 -12.72 31.49
N PRO C 240 -7.58 -12.18 32.35
CA PRO C 240 -7.71 -10.80 32.79
C PRO C 240 -6.70 -10.35 33.83
N CYS C 241 -5.41 -10.17 33.45
CA CYS C 241 -4.38 -9.72 34.41
C CYS C 241 -4.77 -8.27 34.80
N THR C 242 -4.45 -7.88 36.03
CA THR C 242 -4.88 -6.53 36.45
C THR C 242 -3.80 -5.47 36.49
N ASN C 243 -2.52 -5.87 36.57
CA ASN C 243 -1.41 -4.95 36.58
C ASN C 243 -1.05 -4.71 35.12
N VAL C 244 -1.74 -3.74 34.49
CA VAL C 244 -1.62 -3.46 33.07
C VAL C 244 -1.19 -2.04 32.84
N SER C 245 -0.38 -1.90 31.81
CA SER C 245 0.13 -0.62 31.39
C SER C 245 0.37 -0.66 29.92
N THR C 246 0.56 0.51 29.33
CA THR C 246 0.91 0.53 27.93
C THR C 246 2.23 1.19 27.72
N VAL C 247 2.82 0.88 26.61
CA VAL C 247 4.08 1.44 26.23
C VAL C 247 4.02 1.94 24.83
N GLN C 248 4.95 2.79 24.49
CA GLN C 248 5.09 3.20 23.11
C GLN C 248 5.65 2.01 22.29
N CYS C 249 6.77 1.42 22.81
CA CYS C 249 7.58 0.38 22.23
C CYS C 249 7.83 -0.67 23.32
N THR C 250 8.06 -1.91 22.90
CA THR C 250 8.44 -2.98 23.81
C THR C 250 9.91 -2.85 24.08
N HIS C 251 10.39 -3.63 25.03
CA HIS C 251 11.81 -3.70 25.31
C HIS C 251 12.44 -4.54 24.23
N GLY C 252 13.76 -4.66 24.25
CA GLY C 252 14.38 -5.45 23.21
C GLY C 252 14.22 -6.91 23.50
N ILE C 253 14.05 -7.67 22.45
CA ILE C 253 13.98 -9.12 22.47
C ILE C 253 15.02 -9.69 21.55
N LYS C 254 15.81 -10.62 22.06
CA LYS C 254 16.83 -11.24 21.25
C LYS C 254 16.21 -12.36 20.44
N PRO C 255 16.32 -12.36 19.10
CA PRO C 255 15.75 -13.35 18.21
C PRO C 255 16.60 -14.61 18.20
N VAL C 256 16.62 -15.27 19.34
CA VAL C 256 17.40 -16.47 19.51
C VAL C 256 16.64 -17.65 18.96
N VAL C 257 17.31 -18.44 18.17
CA VAL C 257 16.70 -19.60 17.59
C VAL C 257 17.28 -20.84 18.22
N SER C 258 16.42 -21.66 18.77
CA SER C 258 16.84 -22.90 19.39
C SER C 258 15.70 -23.87 19.52
N THR C 259 16.03 -25.10 19.84
CA THR C 259 15.00 -26.09 20.16
C THR C 259 15.27 -26.68 21.51
N GLN C 260 14.25 -27.24 22.15
CA GLN C 260 14.30 -27.93 23.45
C GLN C 260 14.61 -26.99 24.63
N LEU C 261 15.78 -26.37 24.62
CA LEU C 261 16.18 -25.42 25.65
C LEU C 261 16.13 -24.03 25.06
N LEU C 262 15.41 -23.17 25.76
CA LEU C 262 15.23 -21.79 25.40
C LEU C 262 16.35 -21.06 26.07
N LEU C 263 17.12 -20.38 25.26
CA LEU C 263 18.28 -19.71 25.74
C LEU C 263 18.15 -18.19 25.69
N ASN C 264 18.83 -17.50 26.64
CA ASN C 264 19.03 -16.05 26.78
C ASN C 264 17.70 -15.23 26.77
N GLY C 265 16.62 -15.74 27.40
CA GLY C 265 15.34 -15.05 27.51
C GLY C 265 15.20 -14.37 28.85
N SER C 266 14.00 -13.92 29.16
CA SER C 266 13.75 -13.28 30.44
C SER C 266 13.66 -14.35 31.48
N LEU C 267 14.03 -14.02 32.69
CA LEU C 267 13.95 -14.98 33.77
C LEU C 267 12.73 -14.63 34.62
N ALA C 268 12.02 -15.64 35.13
CA ALA C 268 10.83 -15.43 35.96
C ALA C 268 11.21 -14.72 37.25
N GLU C 269 10.31 -13.89 37.75
CA GLU C 269 10.55 -13.10 38.95
C GLU C 269 10.77 -13.84 40.26
N GLU C 270 10.09 -14.96 40.46
CA GLU C 270 10.19 -15.62 41.75
C GLU C 270 9.92 -17.12 41.79
N GLU C 271 9.29 -17.68 40.78
CA GLU C 271 8.98 -19.11 40.78
C GLU C 271 8.86 -19.60 39.37
N VAL C 272 8.94 -20.90 39.17
CA VAL C 272 8.78 -21.45 37.84
C VAL C 272 7.35 -21.35 37.37
N ILE C 273 7.18 -20.86 36.16
CA ILE C 273 5.86 -20.71 35.61
C ILE C 273 5.66 -21.69 34.46
N ILE C 274 4.63 -22.49 34.56
CA ILE C 274 4.34 -23.48 33.54
C ILE C 274 3.10 -23.10 32.77
N ARG C 275 3.22 -22.99 31.45
CA ARG C 275 2.10 -22.60 30.63
C ARG C 275 1.90 -23.48 29.41
N SER C 276 0.67 -23.66 29.01
CA SER C 276 0.40 -24.40 27.78
C SER C 276 -0.90 -23.91 27.25
N GLU C 277 -1.09 -23.99 25.94
CA GLU C 277 -2.41 -23.63 25.42
C GLU C 277 -3.51 -24.48 26.10
N ASN C 278 -3.22 -25.79 26.31
CA ASN C 278 -4.05 -26.77 26.98
C ASN C 278 -3.13 -27.73 27.76
N ILE C 279 -2.99 -27.53 29.08
CA ILE C 279 -2.10 -28.26 30.00
C ILE C 279 -2.46 -29.73 30.10
N THR C 280 -3.74 -29.99 30.05
CA THR C 280 -4.20 -31.32 30.19
C THR C 280 -4.21 -32.08 28.86
N ASN C 281 -3.80 -31.41 27.78
CA ASN C 281 -3.71 -32.07 26.49
C ASN C 281 -2.28 -32.53 26.32
N ASN C 282 -2.07 -33.83 26.31
CA ASN C 282 -0.72 -34.36 26.29
C ASN C 282 -0.01 -34.13 24.97
N ALA C 283 -0.76 -33.70 23.96
CA ALA C 283 -0.25 -33.44 22.64
C ALA C 283 0.24 -32.00 22.47
N LYS C 284 0.10 -31.16 23.48
CA LYS C 284 0.50 -29.76 23.32
C LYS C 284 1.85 -29.45 23.95
N ASN C 285 2.49 -28.41 23.47
CA ASN C 285 3.76 -27.99 24.06
C ASN C 285 3.56 -27.23 25.35
N ILE C 286 4.42 -27.49 26.29
CA ILE C 286 4.46 -26.83 27.56
C ILE C 286 5.67 -25.95 27.62
N LEU C 287 5.44 -24.70 27.88
CA LEU C 287 6.47 -23.70 27.94
C LEU C 287 6.78 -23.43 29.39
N VAL C 288 8.01 -23.69 29.79
CA VAL C 288 8.34 -23.51 31.19
C VAL C 288 9.39 -22.43 31.39
N GLN C 289 9.06 -21.42 32.18
CA GLN C 289 10.00 -20.35 32.44
C GLN C 289 10.62 -20.51 33.81
N LEU C 290 11.92 -20.46 33.87
CA LEU C 290 12.62 -20.65 35.11
C LEU C 290 12.81 -19.31 35.81
N ASN C 291 12.89 -19.29 37.17
CA ASN C 291 13.21 -18.09 37.97
C ASN C 291 14.70 -17.98 38.36
N GLU C 292 15.54 -18.97 37.97
CA GLU C 292 16.98 -19.07 38.18
C GLU C 292 17.54 -19.58 36.87
N SER C 293 18.57 -18.95 36.36
CA SER C 293 19.13 -19.39 35.10
C SER C 293 20.11 -20.51 35.30
N VAL C 294 20.36 -21.27 34.24
CA VAL C 294 21.40 -22.30 34.32
C VAL C 294 22.45 -22.01 33.27
N GLN C 295 23.69 -21.92 33.70
CA GLN C 295 24.74 -21.62 32.76
C GLN C 295 25.23 -22.85 32.05
N ILE C 296 25.41 -22.72 30.74
CA ILE C 296 25.95 -23.79 29.93
C ILE C 296 27.18 -23.29 29.11
N ASN C 297 28.31 -24.04 29.17
CA ASN C 297 29.57 -23.73 28.48
C ASN C 297 29.80 -24.70 27.30
N CYS C 298 29.72 -24.19 26.05
CA CYS C 298 29.83 -24.98 24.81
C CYS C 298 31.11 -24.66 24.05
N THR C 299 31.65 -25.70 23.42
CA THR C 299 32.85 -25.54 22.62
C THR C 299 32.93 -26.41 21.39
N ARG C 300 33.73 -25.92 20.45
CA ARG C 300 34.08 -26.61 19.23
C ARG C 300 35.60 -26.54 19.20
N PRO C 301 36.28 -27.51 19.82
CA PRO C 301 37.71 -27.53 20.12
C PRO C 301 38.69 -27.62 18.95
N ASN C 302 38.22 -28.02 17.79
CA ASN C 302 39.13 -28.20 16.68
C ASN C 302 39.55 -26.85 16.11
N ASN C 303 40.87 -26.67 15.84
CA ASN C 303 41.45 -25.45 15.28
C ASN C 303 41.37 -25.49 13.74
N ASN C 304 40.34 -24.82 13.20
CA ASN C 304 39.97 -24.80 11.80
C ASN C 304 40.61 -23.70 11.01
N THR C 305 40.74 -23.92 9.74
CA THR C 305 41.17 -22.84 8.90
C THR C 305 40.30 -22.88 7.68
N ARG C 306 40.52 -21.95 6.77
CA ARG C 306 39.71 -21.87 5.58
C ARG C 306 40.53 -21.66 4.37
N LYS C 307 39.98 -22.05 3.24
CA LYS C 307 40.61 -21.72 1.98
C LYS C 307 39.52 -21.09 1.14
N SER C 308 39.91 -20.21 0.23
CA SER C 308 38.91 -19.54 -0.58
C SER C 308 39.24 -19.74 -2.02
N ILE C 309 38.31 -20.37 -2.72
CA ILE C 309 38.56 -20.77 -4.08
C ILE C 309 37.67 -20.05 -5.08
N ARG C 310 38.27 -19.50 -6.12
CA ARG C 310 37.44 -18.82 -7.12
C ARG C 310 36.62 -19.86 -7.84
N ILE C 311 35.33 -19.62 -7.99
CA ILE C 311 34.46 -20.50 -8.76
C ILE C 311 33.76 -19.73 -9.85
N GLY C 312 34.23 -18.52 -10.06
CA GLY C 312 33.66 -17.62 -11.03
C GLY C 312 34.26 -16.22 -10.86
N PRO C 313 33.92 -15.29 -11.72
CA PRO C 313 34.40 -13.93 -11.74
C PRO C 313 33.89 -13.13 -10.58
N GLY C 314 34.61 -13.24 -9.47
CA GLY C 314 34.25 -12.59 -8.22
C GLY C 314 33.47 -13.49 -7.27
N GLN C 315 33.36 -14.76 -7.59
CA GLN C 315 32.61 -15.65 -6.73
C GLN C 315 33.53 -16.54 -5.95
N TRP C 316 33.65 -16.25 -4.67
CA TRP C 316 34.53 -17.01 -3.83
C TRP C 316 33.79 -18.02 -3.01
N PHE C 317 34.24 -19.25 -3.11
CA PHE C 317 33.73 -20.35 -2.34
C PHE C 317 34.57 -20.59 -1.13
N TYR C 318 33.93 -20.63 0.03
CA TYR C 318 34.69 -20.89 1.22
C TYR C 318 34.63 -22.34 1.54
N ALA C 319 35.76 -22.96 1.36
CA ALA C 319 35.93 -24.37 1.54
C ALA C 319 36.53 -24.63 2.88
N THR C 320 36.16 -25.73 3.46
CA THR C 320 36.70 -26.10 4.74
C THR C 320 38.19 -26.24 4.61
N GLY C 321 38.98 -25.61 5.49
CA GLY C 321 40.42 -25.79 5.43
C GLY C 321 40.77 -26.94 6.36
N ASP C 322 41.95 -27.48 6.26
CA ASP C 322 42.29 -28.58 7.13
C ASP C 322 42.38 -28.16 8.59
N ILE C 323 42.01 -29.07 9.47
CA ILE C 323 42.14 -28.81 10.90
C ILE C 323 43.55 -29.08 11.29
N ILE C 324 44.14 -28.15 12.01
CA ILE C 324 45.51 -28.31 12.41
C ILE C 324 45.55 -28.60 13.89
N GLY C 325 45.93 -29.82 14.22
CA GLY C 325 45.91 -30.29 15.60
C GLY C 325 45.15 -31.59 15.63
N ASP C 326 44.83 -32.06 16.83
CA ASP C 326 44.08 -33.30 16.99
C ASP C 326 42.59 -33.07 16.82
N ILE C 327 41.85 -34.14 16.53
CA ILE C 327 40.42 -34.02 16.33
C ILE C 327 39.62 -34.46 17.54
N ARG C 328 38.81 -33.53 18.01
CA ARG C 328 38.01 -33.66 19.21
C ARG C 328 36.55 -33.37 18.95
N GLN C 329 35.69 -33.82 19.86
CA GLN C 329 34.26 -33.60 19.75
C GLN C 329 33.81 -32.28 20.30
N ALA C 330 32.85 -31.68 19.63
CA ALA C 330 32.21 -30.49 20.14
C ALA C 330 31.37 -30.97 21.30
N HIS C 331 31.22 -30.14 22.31
CA HIS C 331 30.42 -30.53 23.46
C HIS C 331 30.00 -29.35 24.32
N CYS C 332 29.04 -29.56 25.26
CA CYS C 332 28.58 -28.58 26.25
C CYS C 332 28.65 -29.13 27.68
N ASN C 333 29.11 -28.28 28.61
CA ASN C 333 29.25 -28.58 30.03
C ASN C 333 28.17 -27.87 30.87
N VAL C 334 27.33 -28.66 31.58
CA VAL C 334 26.23 -28.20 32.46
C VAL C 334 26.52 -28.61 33.91
N SER C 335 26.50 -27.70 34.87
CA SER C 335 26.81 -28.16 36.23
C SER C 335 25.86 -29.26 36.61
N LYS C 336 26.40 -30.39 37.06
CA LYS C 336 25.53 -31.50 37.38
C LYS C 336 24.65 -31.23 38.55
N ALA C 337 25.15 -30.45 39.49
CA ALA C 337 24.35 -30.18 40.64
C ALA C 337 23.32 -29.16 40.28
N THR C 338 23.69 -28.15 39.50
CA THR C 338 22.72 -27.12 39.25
C THR C 338 21.54 -27.74 38.56
N TRP C 339 21.81 -28.61 37.59
CA TRP C 339 20.72 -29.23 36.91
C TRP C 339 19.88 -30.11 37.88
N ASN C 340 20.54 -30.96 38.74
CA ASN C 340 19.84 -31.81 39.72
C ASN C 340 19.58 -31.04 41.03
N GLU C 341 19.06 -29.82 40.86
CA GLU C 341 18.58 -28.83 41.81
C GLU C 341 17.48 -28.10 41.14
N THR C 342 17.79 -27.59 39.94
CA THR C 342 16.89 -26.72 39.24
C THR C 342 15.62 -27.41 38.83
N LEU C 343 15.71 -28.71 38.56
CA LEU C 343 14.53 -29.43 38.13
C LEU C 343 13.58 -29.75 39.27
N GLY C 344 14.03 -29.69 40.51
CA GLY C 344 13.16 -30.14 41.59
C GLY C 344 11.89 -29.30 41.62
N LYS C 345 12.06 -28.02 41.37
CA LYS C 345 10.99 -27.06 41.37
C LYS C 345 10.15 -27.14 40.12
N VAL C 346 10.64 -27.83 39.11
CA VAL C 346 9.86 -27.95 37.90
C VAL C 346 8.83 -28.99 38.20
N VAL C 347 9.24 -30.08 38.82
CA VAL C 347 8.29 -31.10 39.18
C VAL C 347 7.33 -30.55 40.21
N LYS C 348 7.86 -29.83 41.19
CA LYS C 348 6.99 -29.26 42.20
C LYS C 348 5.91 -28.42 41.54
N GLN C 349 6.26 -27.61 40.54
CA GLN C 349 5.23 -26.85 39.89
C GLN C 349 4.36 -27.70 38.96
N LEU C 350 4.89 -28.76 38.35
CA LEU C 350 4.05 -29.60 37.48
C LEU C 350 2.94 -30.20 38.31
N ARG C 351 3.26 -30.52 39.54
CA ARG C 351 2.32 -31.09 40.49
C ARG C 351 1.16 -30.14 40.81
N LYS C 352 1.29 -28.86 40.48
CA LYS C 352 0.21 -27.92 40.71
C LYS C 352 -0.95 -28.25 39.79
N HIS C 353 -0.66 -28.89 38.66
CA HIS C 353 -1.68 -29.21 37.68
C HIS C 353 -1.98 -30.69 37.70
N PHE C 354 -1.02 -31.47 38.14
CA PHE C 354 -1.18 -32.91 38.11
C PHE C 354 -1.35 -33.59 39.47
N GLY C 355 -1.15 -32.88 40.55
CA GLY C 355 -1.25 -33.40 41.90
C GLY C 355 0.14 -33.75 42.40
N ASN C 356 0.33 -33.77 43.73
CA ASN C 356 1.65 -34.11 44.33
C ASN C 356 1.60 -35.49 45.01
N ASN C 357 0.79 -36.39 44.44
CA ASN C 357 0.68 -37.81 44.73
C ASN C 357 1.03 -38.60 43.48
N THR C 358 1.88 -38.00 42.66
CA THR C 358 2.35 -38.60 41.42
C THR C 358 3.86 -38.35 41.30
N ILE C 359 4.53 -39.28 40.66
CA ILE C 359 5.96 -39.21 40.42
C ILE C 359 6.23 -38.88 38.97
N ILE C 360 6.98 -37.81 38.77
CA ILE C 360 7.24 -37.34 37.42
C ILE C 360 8.65 -37.60 36.95
N ARG C 361 8.75 -38.22 35.79
CA ARG C 361 10.02 -38.53 35.19
C ARG C 361 10.35 -37.68 33.97
N PHE C 362 11.62 -37.33 33.89
CA PHE C 362 12.17 -36.67 32.74
C PHE C 362 12.82 -37.73 31.90
N ALA C 363 12.38 -37.84 30.65
CA ALA C 363 12.91 -38.86 29.77
C ALA C 363 13.48 -38.29 28.50
N ASN C 364 14.44 -39.04 28.00
CA ASN C 364 15.21 -38.86 26.81
C ASN C 364 14.69 -39.53 25.57
N SER C 365 15.48 -39.45 24.50
CA SER C 365 15.18 -40.09 23.23
C SER C 365 13.82 -39.73 22.70
N SER C 366 13.50 -38.45 22.77
CA SER C 366 12.27 -37.94 22.23
C SER C 366 12.46 -38.20 20.75
N GLY C 367 11.40 -38.56 20.02
CA GLY C 367 11.59 -38.89 18.61
C GLY C 367 11.64 -37.68 17.67
N GLY C 368 11.81 -37.96 16.37
CA GLY C 368 11.93 -36.91 15.37
C GLY C 368 13.29 -36.94 14.67
N ASP C 369 13.51 -35.95 13.81
CA ASP C 369 14.73 -35.85 13.01
C ASP C 369 15.86 -35.21 13.81
N LEU C 370 17.04 -35.06 13.21
CA LEU C 370 18.18 -34.50 13.96
C LEU C 370 17.83 -33.17 14.59
N GLU C 371 17.18 -32.34 13.80
CA GLU C 371 16.79 -30.99 14.17
C GLU C 371 15.76 -30.95 15.30
N VAL C 372 15.15 -32.07 15.59
CA VAL C 372 14.14 -32.21 16.59
C VAL C 372 14.67 -32.88 17.85
N THR C 373 15.42 -33.96 17.67
CA THR C 373 15.85 -34.76 18.80
C THR C 373 17.08 -34.23 19.48
N THR C 374 17.89 -33.44 18.79
CA THR C 374 19.01 -32.88 19.49
C THR C 374 18.66 -31.47 19.80
N HIS C 375 19.41 -30.87 20.73
CA HIS C 375 19.25 -29.43 21.04
C HIS C 375 19.85 -28.60 19.89
N SER C 376 19.01 -27.83 19.19
CA SER C 376 19.47 -27.03 18.09
C SER C 376 20.09 -25.78 18.62
N PHE C 377 21.39 -25.67 18.39
CA PHE C 377 22.20 -24.59 18.89
C PHE C 377 23.00 -23.89 17.81
N ASN C 378 22.92 -22.57 17.77
CA ASN C 378 23.64 -21.77 16.80
C ASN C 378 24.43 -20.65 17.45
N CYS C 379 25.78 -20.73 17.42
CA CYS C 379 26.66 -19.74 18.04
C CYS C 379 27.91 -19.55 17.19
N GLY C 380 28.19 -18.30 16.88
CA GLY C 380 29.35 -17.94 16.07
C GLY C 380 29.01 -18.17 14.60
N GLY C 381 27.79 -18.59 14.37
CA GLY C 381 27.32 -18.96 13.08
C GLY C 381 27.52 -20.46 12.88
N GLU C 382 28.02 -21.14 13.90
CA GLU C 382 28.21 -22.58 13.79
C GLU C 382 26.97 -23.30 14.26
N PHE C 383 26.64 -24.39 13.58
CA PHE C 383 25.45 -25.14 13.90
C PHE C 383 25.71 -26.48 14.52
N PHE C 384 25.24 -26.58 15.75
CA PHE C 384 25.45 -27.69 16.64
C PHE C 384 24.19 -28.47 16.91
N TYR C 385 24.40 -29.77 17.03
CA TYR C 385 23.33 -30.71 17.31
C TYR C 385 23.71 -31.50 18.56
N CYS C 386 23.31 -30.97 19.73
CA CYS C 386 23.76 -31.44 21.04
C CYS C 386 22.83 -32.49 21.63
N ASN C 387 23.45 -33.57 22.07
CA ASN C 387 22.72 -34.70 22.62
C ASN C 387 22.44 -34.46 24.11
N THR C 388 21.16 -34.20 24.42
CA THR C 388 20.59 -33.87 25.70
C THR C 388 19.95 -35.06 26.36
N SER C 389 20.18 -36.24 25.85
CA SER C 389 19.52 -37.39 26.45
C SER C 389 19.89 -37.56 27.92
N GLY C 390 21.12 -37.28 28.29
CA GLY C 390 21.55 -37.46 29.67
C GLY C 390 21.09 -36.33 30.55
N LEU C 391 20.47 -35.33 29.93
CA LEU C 391 19.97 -34.17 30.61
C LEU C 391 18.54 -34.47 31.10
N PHE C 392 17.90 -35.48 30.48
CA PHE C 392 16.53 -35.82 30.81
C PHE C 392 16.39 -37.31 31.07
N ASN C 393 16.99 -37.79 32.18
CA ASN C 393 17.06 -39.20 32.56
C ASN C 393 16.94 -39.30 34.10
N SER C 394 15.81 -38.79 34.69
CA SER C 394 15.63 -38.73 36.17
C SER C 394 14.21 -38.58 36.69
N THR C 395 13.94 -39.19 37.84
CA THR C 395 12.64 -39.05 38.49
C THR C 395 12.76 -39.12 39.98
N TRP C 396 11.81 -38.51 40.68
CA TRP C 396 11.80 -38.54 42.14
C TRP C 396 10.43 -38.28 42.77
N ILE C 397 10.29 -38.66 44.08
CA ILE C 397 9.13 -38.38 44.93
C ILE C 397 9.34 -36.99 45.52
N SER C 413 29.55 -31.67 36.62
CA SER C 413 29.62 -31.16 35.26
C SER C 413 29.26 -32.30 34.26
N ILE C 414 28.07 -32.19 33.64
CA ILE C 414 27.45 -33.09 32.66
C ILE C 414 28.00 -32.76 31.30
N THR C 415 28.50 -33.75 30.56
CA THR C 415 29.01 -33.40 29.24
C THR C 415 28.06 -33.92 28.18
N LEU C 416 27.62 -33.01 27.34
CA LEU C 416 26.74 -33.32 26.24
C LEU C 416 27.55 -33.24 24.96
N PRO C 417 27.71 -34.32 24.18
CA PRO C 417 28.47 -34.30 22.95
C PRO C 417 27.61 -33.56 21.96
N CYS C 418 28.22 -32.89 20.95
CA CYS C 418 27.51 -32.16 19.89
C CYS C 418 28.10 -32.47 18.51
N ARG C 419 27.22 -32.66 17.53
CA ARG C 419 27.67 -32.83 16.16
C ARG C 419 27.58 -31.53 15.39
N ILE C 420 28.34 -31.43 14.31
CA ILE C 420 28.34 -30.23 13.48
C ILE C 420 27.83 -30.52 12.08
N LYS C 421 26.96 -29.63 11.55
CA LYS C 421 26.42 -29.82 10.18
C LYS C 421 26.47 -28.50 9.39
N GLN C 422 27.05 -28.51 8.17
CA GLN C 422 27.13 -27.28 7.38
C GLN C 422 26.03 -27.06 6.35
N ILE C 423 25.29 -28.10 5.99
CA ILE C 423 24.21 -27.85 5.05
C ILE C 423 22.91 -27.83 5.77
N ILE C 424 22.32 -26.63 5.87
CA ILE C 424 21.33 -26.36 6.96
C ILE C 424 20.02 -25.83 6.37
N ASN C 425 18.91 -25.98 7.10
CA ASN C 425 17.59 -25.47 6.65
C ASN C 425 17.00 -24.61 7.77
N MET C 426 16.21 -23.60 7.44
CA MET C 426 15.70 -22.68 8.48
C MET C 426 14.18 -22.78 8.62
N TRP C 427 13.71 -22.98 9.84
CA TRP C 427 12.25 -23.01 10.14
C TRP C 427 11.54 -24.02 9.23
N GLN C 428 12.12 -25.22 9.07
CA GLN C 428 11.43 -26.35 8.40
C GLN C 428 10.86 -25.89 7.05
N ARG C 429 11.59 -25.07 6.31
CA ARG C 429 11.13 -24.68 4.95
C ARG C 429 11.74 -25.65 3.95
N ILE C 430 11.07 -26.78 3.69
CA ILE C 430 11.65 -27.85 2.83
C ILE C 430 12.01 -27.28 1.45
N GLY C 431 13.00 -27.86 0.78
CA GLY C 431 13.34 -27.41 -0.57
C GLY C 431 13.86 -25.99 -0.60
N GLN C 432 14.88 -25.70 0.22
CA GLN C 432 15.82 -24.62 -0.05
C GLN C 432 16.89 -24.66 1.02
N ALA C 433 18.16 -24.58 0.64
CA ALA C 433 19.17 -24.70 1.69
C ALA C 433 20.24 -23.65 1.63
N MET C 434 20.99 -23.57 2.74
CA MET C 434 21.98 -22.50 2.98
C MET C 434 23.27 -23.12 3.55
N TYR C 435 24.40 -22.91 2.90
CA TYR C 435 25.65 -23.45 3.34
C TYR C 435 26.33 -22.58 4.35
N ALA C 436 26.66 -23.20 5.46
CA ALA C 436 27.34 -22.54 6.51
C ALA C 436 28.82 -22.60 6.24
N PRO C 437 29.49 -21.48 6.04
CA PRO C 437 30.88 -21.43 5.70
C PRO C 437 31.63 -21.84 6.93
N PRO C 438 32.85 -22.29 6.78
CA PRO C 438 33.74 -22.65 7.83
C PRO C 438 34.16 -21.41 8.60
N ILE C 439 34.55 -21.64 9.84
CA ILE C 439 35.02 -20.62 10.76
C ILE C 439 36.45 -20.90 11.20
N GLN C 440 37.28 -19.87 11.22
CA GLN C 440 38.68 -19.97 11.64
C GLN C 440 38.82 -20.21 13.13
N GLY C 441 39.80 -21.00 13.54
CA GLY C 441 40.07 -21.19 14.95
C GLY C 441 39.11 -22.13 15.61
N VAL C 442 38.81 -21.82 16.87
CA VAL C 442 37.97 -22.66 17.71
C VAL C 442 36.90 -21.77 18.27
N ILE C 443 35.85 -22.34 18.82
CA ILE C 443 34.89 -21.44 19.44
C ILE C 443 34.65 -21.82 20.87
N ARG C 444 34.16 -20.84 21.62
CA ARG C 444 33.71 -21.02 22.97
C ARG C 444 32.51 -20.11 23.14
N CYS C 445 31.39 -20.65 23.67
CA CYS C 445 30.14 -19.93 23.88
C CYS C 445 29.58 -20.23 25.26
N VAL C 446 29.17 -19.20 25.95
CA VAL C 446 28.52 -19.39 27.23
C VAL C 446 27.15 -18.77 27.15
N SER C 447 26.15 -19.52 27.53
CA SER C 447 24.79 -19.01 27.45
C SER C 447 23.95 -19.39 28.66
N ASN C 448 22.77 -18.73 28.79
CA ASN C 448 21.79 -18.90 29.87
C ASN C 448 20.58 -19.72 29.41
N ILE C 449 20.28 -20.82 30.13
CA ILE C 449 19.09 -21.62 29.92
C ILE C 449 18.03 -20.94 30.75
N THR C 450 17.01 -20.43 30.09
CA THR C 450 15.97 -19.66 30.75
C THR C 450 14.63 -20.37 30.74
N GLY C 451 14.49 -21.38 29.89
CA GLY C 451 13.23 -22.10 29.86
C GLY C 451 13.28 -23.35 29.01
N LEU C 452 12.22 -24.13 29.11
CA LEU C 452 12.14 -25.41 28.42
C LEU C 452 10.89 -25.61 27.59
N ILE C 453 11.01 -26.39 26.51
CA ILE C 453 9.80 -26.83 25.82
C ILE C 453 9.66 -28.31 26.05
N LEU C 454 8.56 -28.69 26.70
CA LEU C 454 8.28 -30.06 27.06
C LEU C 454 6.94 -30.56 26.57
N THR C 455 6.81 -31.86 26.39
CA THR C 455 5.51 -32.46 26.09
C THR C 455 5.27 -33.61 27.06
N ARG C 456 4.03 -34.05 27.18
CA ARG C 456 3.72 -35.18 28.03
C ARG C 456 3.80 -36.48 27.27
N ASP C 457 4.29 -37.52 27.93
CA ASP C 457 4.41 -38.86 27.37
C ASP C 457 3.29 -39.70 27.96
N GLY C 458 2.32 -39.03 28.55
CA GLY C 458 1.22 -39.67 29.19
C GLY C 458 0.06 -39.87 28.23
N GLY C 459 -1.11 -40.12 28.83
CA GLY C 459 -2.34 -40.46 28.13
C GLY C 459 -2.72 -41.88 28.51
N SER C 460 -1.78 -42.54 29.19
CA SER C 460 -1.93 -43.90 29.68
C SER C 460 -2.80 -43.88 30.93
N THR C 461 -3.32 -45.04 31.31
CA THR C 461 -4.14 -45.16 32.51
C THR C 461 -3.28 -45.38 33.74
N ASN C 462 -2.43 -44.41 34.01
CA ASN C 462 -1.53 -44.47 35.13
C ASN C 462 -1.29 -43.11 35.72
N SER C 463 -1.95 -42.83 36.82
CA SER C 463 -1.79 -41.53 37.44
C SER C 463 -0.63 -41.52 38.43
N THR C 464 -0.12 -42.70 38.76
CA THR C 464 0.90 -42.81 39.79
C THR C 464 2.18 -42.25 39.26
N THR C 465 2.51 -42.62 38.03
CA THR C 465 3.72 -42.12 37.42
C THR C 465 3.45 -41.55 36.05
N GLU C 466 4.19 -40.52 35.71
CA GLU C 466 4.07 -39.92 34.39
C GLU C 466 5.41 -39.41 33.91
N THR C 467 5.61 -39.48 32.61
CA THR C 467 6.84 -39.03 31.98
C THR C 467 6.61 -37.87 31.04
N PHE C 468 7.58 -36.98 31.02
CA PHE C 468 7.66 -35.83 30.11
C PHE C 468 8.92 -35.93 29.28
N ARG C 469 8.87 -35.40 28.06
CA ARG C 469 10.04 -35.41 27.19
C ARG C 469 10.27 -34.03 26.56
N PRO C 470 11.50 -33.69 26.16
CA PRO C 470 11.81 -32.48 25.41
C PRO C 470 11.02 -32.42 24.12
N GLY C 471 10.53 -31.23 23.82
CA GLY C 471 9.75 -30.96 22.61
C GLY C 471 10.22 -29.69 21.91
N GLY C 472 9.34 -29.15 21.07
CA GLY C 472 9.64 -27.94 20.30
C GLY C 472 10.00 -28.22 18.85
N GLY C 473 10.63 -27.24 18.22
CA GLY C 473 10.95 -27.24 16.78
C GLY C 473 10.15 -26.19 16.04
N ASP C 474 9.03 -25.78 16.62
CA ASP C 474 8.25 -24.71 16.03
C ASP C 474 8.69 -23.45 16.71
N MET C 475 9.44 -22.65 15.99
CA MET C 475 10.10 -21.48 16.53
C MET C 475 9.15 -20.44 17.04
N ARG C 476 7.89 -20.51 16.63
CA ARG C 476 6.93 -19.55 17.08
C ARG C 476 6.70 -19.65 18.55
N ASP C 477 7.02 -20.78 19.15
CA ASP C 477 6.83 -20.90 20.57
C ASP C 477 7.95 -20.19 21.29
N ASN C 478 9.09 -19.96 20.64
CA ASN C 478 10.17 -19.32 21.34
C ASN C 478 9.81 -17.87 21.45
N TRP C 479 9.24 -17.38 20.38
CA TRP C 479 8.88 -15.99 20.35
C TRP C 479 7.67 -15.79 21.21
N ARG C 480 6.82 -16.81 21.29
CA ARG C 480 5.63 -16.71 22.10
C ARG C 480 6.03 -16.51 23.53
N SER C 481 7.07 -17.21 23.99
CA SER C 481 7.49 -17.01 25.35
C SER C 481 7.99 -15.60 25.55
N GLU C 482 8.74 -15.09 24.59
CA GLU C 482 9.28 -13.75 24.78
C GLU C 482 8.17 -12.68 24.75
N LEU C 483 7.15 -12.95 23.96
CA LEU C 483 6.01 -12.08 23.77
C LEU C 483 4.83 -12.41 24.67
N TYR C 484 5.05 -13.29 25.63
CA TYR C 484 4.08 -13.73 26.61
C TYR C 484 3.27 -12.64 27.26
N LYS C 485 3.90 -11.55 27.60
CA LYS C 485 3.23 -10.48 28.29
C LYS C 485 2.59 -9.41 27.41
N TYR C 486 2.65 -9.53 26.08
CA TYR C 486 2.17 -8.43 25.24
C TYR C 486 0.92 -8.62 24.38
N LYS C 487 0.22 -7.50 24.14
CA LYS C 487 -0.96 -7.44 23.27
C LYS C 487 -1.09 -6.12 22.47
N VAL C 488 -1.68 -6.16 21.27
CA VAL C 488 -1.89 -4.93 20.50
C VAL C 488 -3.34 -4.58 20.18
N VAL C 489 -3.66 -3.32 20.43
CA VAL C 489 -4.99 -2.79 20.20
C VAL C 489 -4.93 -1.50 19.38
N LYS C 490 -6.06 -1.11 18.82
CA LYS C 490 -6.19 0.16 18.12
C LYS C 490 -7.09 1.06 18.92
N ILE C 491 -6.94 2.36 18.70
CA ILE C 491 -7.70 3.35 19.44
C ILE C 491 -8.89 3.86 18.65
N GLU C 492 -10.04 3.94 19.30
CA GLU C 492 -11.25 4.44 18.69
C GLU C 492 -11.79 5.63 19.50
N PRO C 493 -11.32 6.86 19.24
CA PRO C 493 -11.56 8.07 20.01
C PRO C 493 -12.98 8.63 20.00
N LEU C 494 -13.86 8.16 19.11
CA LEU C 494 -15.22 8.68 19.15
C LEU C 494 -16.13 7.84 19.99
N GLY C 495 -17.05 8.51 20.66
CA GLY C 495 -18.06 7.79 21.38
C GLY C 495 -19.30 8.62 21.64
N VAL C 496 -20.31 7.91 22.06
CA VAL C 496 -21.64 8.44 22.29
C VAL C 496 -22.09 8.10 23.68
N ALA C 497 -22.77 9.06 24.30
CA ALA C 497 -23.31 8.88 25.63
C ALA C 497 -24.50 9.83 25.81
N PRO C 498 -25.38 9.65 26.84
CA PRO C 498 -26.63 10.46 27.11
C PRO C 498 -26.29 11.78 27.81
N THR C 499 -26.85 12.90 27.33
CA THR C 499 -26.48 14.22 27.90
C THR C 499 -27.70 15.10 28.13
N ARG C 500 -27.64 15.98 29.14
CA ARG C 500 -28.76 16.92 29.42
C ARG C 500 -28.93 17.92 28.27
N CYS C 501 -27.83 18.40 27.70
CA CYS C 501 -27.92 19.47 26.65
C CYS C 501 -28.65 18.97 25.40
N LYS C 502 -29.44 19.83 24.78
CA LYS C 502 -30.08 19.48 23.48
C LYS C 502 -29.72 20.60 22.49
N ARG C 503 -29.22 20.27 21.30
CA ARG C 503 -28.76 21.32 20.35
C ARG C 503 -29.82 22.40 20.21
N LEU D 1 -1.88 14.46 32.19
CA LEU D 1 -1.87 13.42 33.25
C LEU D 1 -1.90 12.03 32.59
N GLY D 2 -0.88 11.72 31.78
CA GLY D 2 -0.79 10.42 31.09
C GLY D 2 -1.59 10.39 29.81
N PHE D 3 -1.66 9.21 29.17
CA PHE D 3 -2.27 9.13 27.86
C PHE D 3 -3.59 8.35 27.91
N LEU D 4 -3.54 7.03 28.04
CA LEU D 4 -4.80 6.29 28.16
C LEU D 4 -5.13 6.06 29.61
N GLY D 5 -4.36 6.66 30.50
CA GLY D 5 -4.53 6.49 31.95
C GLY D 5 -5.67 7.35 32.49
N ALA D 6 -6.79 7.27 31.81
CA ALA D 6 -8.02 7.93 32.09
C ALA D 6 -9.04 6.85 31.94
N ALA D 7 -8.60 5.75 31.36
CA ALA D 7 -9.50 4.66 31.08
C ALA D 7 -10.14 4.14 32.35
N GLY D 8 -9.43 4.17 33.45
CA GLY D 8 -10.03 3.66 34.68
C GLY D 8 -10.84 4.70 35.44
N SER D 9 -10.86 5.94 34.95
CA SER D 9 -11.56 7.04 35.59
C SER D 9 -13.01 6.95 35.24
N THR D 10 -13.87 7.66 35.97
CA THR D 10 -15.23 7.55 35.55
C THR D 10 -15.32 8.25 34.25
N MET D 11 -16.35 7.97 33.47
CA MET D 11 -16.37 8.61 32.18
C MET D 11 -16.39 10.10 32.32
N GLY D 12 -17.11 10.61 33.31
CA GLY D 12 -17.16 12.03 33.48
C GLY D 12 -15.77 12.59 33.71
N ALA D 13 -15.06 12.04 34.68
CA ALA D 13 -13.72 12.53 34.97
C ALA D 13 -12.76 12.36 33.81
N ALA D 14 -12.88 11.25 33.11
CA ALA D 14 -11.98 10.94 32.02
C ALA D 14 -12.09 11.97 30.93
N SER D 15 -13.30 12.47 30.73
CA SER D 15 -13.63 13.41 29.69
C SER D 15 -13.04 14.77 29.89
N MET D 16 -12.47 15.02 31.06
CA MET D 16 -11.87 16.31 31.26
C MET D 16 -10.64 16.47 30.37
N THR D 17 -9.97 15.38 30.01
CA THR D 17 -8.81 15.50 29.14
C THR D 17 -9.03 14.76 27.85
N LEU D 18 -9.25 15.51 26.77
CA LEU D 18 -9.49 14.90 25.46
C LEU D 18 -8.41 15.21 24.41
N THR D 19 -7.69 16.33 24.56
CA THR D 19 -6.75 16.79 23.52
C THR D 19 -5.54 15.91 23.39
N VAL D 20 -5.20 15.30 24.50
CA VAL D 20 -4.06 14.44 24.56
C VAL D 20 -4.28 13.25 23.68
N GLN D 21 -5.48 12.71 23.73
CA GLN D 21 -5.84 11.56 22.98
C GLN D 21 -6.16 11.99 21.56
N ALA D 22 -6.74 13.17 21.43
CA ALA D 22 -7.17 13.69 20.15
C ALA D 22 -6.07 13.79 19.14
N ARG D 23 -4.88 14.17 19.59
CA ARG D 23 -3.71 14.35 18.74
C ARG D 23 -2.90 13.10 18.51
N ASN D 24 -3.23 12.01 19.16
CA ASN D 24 -2.38 10.85 19.06
C ASN D 24 -2.36 10.22 17.69
N LEU D 25 -3.41 10.42 16.92
CA LEU D 25 -3.48 9.77 15.63
C LEU D 25 -2.71 10.50 14.57
N LEU D 26 -2.32 11.72 14.86
CA LEU D 26 -1.69 12.53 13.86
C LEU D 26 -0.32 12.99 14.27
N SER D 27 0.65 12.14 14.03
CA SER D 27 2.01 12.34 14.47
C SER D 27 2.95 11.58 13.56
N GLY D 28 4.16 11.35 14.04
CA GLY D 28 5.20 10.63 13.30
C GLY D 28 6.32 11.56 12.88
N CYS D 42 20.92 6.62 9.03
CA CYS D 42 20.48 5.70 8.01
C CYS D 42 19.13 6.12 7.43
N GLN D 43 18.14 5.28 7.65
CA GLN D 43 16.76 5.32 7.19
C GLN D 43 16.67 5.13 5.68
N GLN D 44 17.79 4.72 5.08
CA GLN D 44 17.90 4.47 3.65
C GLN D 44 17.97 3.01 3.27
N HIS D 45 18.43 2.16 4.18
CA HIS D 45 18.67 0.76 3.85
C HIS D 45 17.39 0.09 3.40
N LEU D 46 16.32 0.45 4.09
CA LEU D 46 15.01 -0.11 3.94
C LEU D 46 14.34 0.26 2.64
N LEU D 47 14.93 1.19 1.88
CA LEU D 47 14.34 1.62 0.64
C LEU D 47 14.45 0.53 -0.41
N LYS D 48 15.33 -0.46 -0.21
CA LYS D 48 15.45 -1.55 -1.18
C LYS D 48 14.37 -2.58 -0.95
N LEU D 49 13.64 -2.49 0.14
CA LEU D 49 12.67 -3.52 0.43
C LEU D 49 11.40 -3.19 -0.28
N THR D 50 11.34 -3.58 -1.55
CA THR D 50 10.28 -3.17 -2.44
C THR D 50 8.93 -3.76 -2.10
N VAL D 51 8.90 -4.72 -1.20
CA VAL D 51 7.63 -5.28 -0.77
C VAL D 51 7.31 -4.76 0.64
N TRP D 52 8.27 -4.89 1.56
CA TRP D 52 8.10 -4.46 2.94
C TRP D 52 7.84 -2.97 3.06
N GLY D 53 8.61 -2.17 2.33
CA GLY D 53 8.46 -0.74 2.38
C GLY D 53 7.08 -0.31 1.93
N ILE D 54 6.50 -1.04 0.98
CA ILE D 54 5.17 -0.68 0.56
C ILE D 54 4.23 -0.95 1.67
N LYS D 55 4.36 -2.08 2.35
CA LYS D 55 3.46 -2.33 3.46
C LYS D 55 3.49 -1.17 4.45
N GLN D 56 4.68 -0.62 4.70
CA GLN D 56 4.78 0.47 5.65
C GLN D 56 4.06 1.71 5.12
N LEU D 57 4.14 1.91 3.82
CA LEU D 57 3.48 3.03 3.20
C LEU D 57 1.99 2.82 3.30
N GLN D 58 1.53 1.60 3.12
CA GLN D 58 0.12 1.34 3.19
C GLN D 58 -0.37 1.63 4.58
N ALA D 59 0.42 1.27 5.59
CA ALA D 59 0.00 1.46 6.94
C ALA D 59 -0.23 2.92 7.28
N ARG D 60 0.65 3.79 6.81
CA ARG D 60 0.43 5.18 7.14
C ARG D 60 -0.70 5.76 6.33
N VAL D 61 -0.90 5.27 5.11
CA VAL D 61 -2.00 5.77 4.31
C VAL D 61 -3.33 5.38 4.96
N LEU D 62 -3.41 4.16 5.46
CA LEU D 62 -4.61 3.69 6.13
C LEU D 62 -4.91 4.50 7.35
N ALA D 63 -3.89 4.87 8.10
CA ALA D 63 -4.12 5.69 9.26
C ALA D 63 -4.71 7.04 8.86
N VAL D 64 -4.23 7.59 7.75
CA VAL D 64 -4.77 8.86 7.30
C VAL D 64 -6.21 8.73 6.91
N GLU D 65 -6.55 7.69 6.17
CA GLU D 65 -7.93 7.58 5.80
C GLU D 65 -8.82 7.49 7.01
N ARG D 66 -8.43 6.73 8.02
CA ARG D 66 -9.29 6.61 9.17
C ARG D 66 -9.48 7.93 9.86
N TYR D 67 -8.41 8.70 9.99
CA TYR D 67 -8.52 9.98 10.63
C TYR D 67 -9.53 10.84 9.91
N LEU D 68 -9.40 10.91 8.61
CA LEU D 68 -10.27 11.75 7.85
C LEU D 68 -11.69 11.26 7.87
N ARG D 69 -11.87 9.94 7.89
CA ARG D 69 -13.22 9.38 7.91
C ARG D 69 -13.93 9.90 9.13
N ASP D 70 -13.27 9.86 10.28
CA ASP D 70 -13.94 10.29 11.48
C ASP D 70 -14.24 11.78 11.42
N GLN D 71 -13.34 12.54 10.82
CA GLN D 71 -13.61 13.95 10.76
C GLN D 71 -14.80 14.24 9.86
N GLN D 72 -14.93 13.47 8.79
CA GLN D 72 -16.05 13.70 7.92
C GLN D 72 -17.34 13.41 8.63
N LEU D 73 -17.36 12.39 9.46
CA LEU D 73 -18.58 12.05 10.16
C LEU D 73 -19.00 13.16 11.09
N LEU D 74 -18.03 13.76 11.76
CA LEU D 74 -18.36 14.84 12.65
C LEU D 74 -18.91 15.99 11.84
N GLY D 75 -18.38 16.17 10.64
CA GLY D 75 -18.88 17.21 9.76
C GLY D 75 -20.34 16.98 9.43
N ILE D 76 -20.66 15.76 9.03
CA ILE D 76 -22.01 15.37 8.65
C ILE D 76 -22.97 15.55 9.78
N TRP D 77 -22.54 15.22 10.97
CA TRP D 77 -23.37 15.31 12.13
C TRP D 77 -23.43 16.72 12.71
N GLY D 78 -22.66 17.65 12.15
CA GLY D 78 -22.61 19.03 12.65
C GLY D 78 -21.68 19.26 13.88
N CYS D 79 -20.84 18.27 14.22
CA CYS D 79 -19.96 18.24 15.38
C CYS D 79 -18.52 18.54 14.99
N SER D 80 -18.28 18.93 13.76
CA SER D 80 -16.91 19.20 13.42
C SER D 80 -16.45 20.48 14.06
N GLY D 81 -15.14 20.54 14.24
CA GLY D 81 -14.50 21.72 14.78
C GLY D 81 -14.54 21.73 16.30
N LYS D 82 -15.18 20.74 16.90
CA LYS D 82 -15.32 20.69 18.33
C LYS D 82 -14.90 19.34 18.85
N LEU D 83 -14.38 19.29 20.06
CA LEU D 83 -14.15 17.96 20.60
C LEU D 83 -15.46 17.44 21.13
N ILE D 84 -16.26 18.35 21.67
CA ILE D 84 -17.54 18.01 22.26
C ILE D 84 -18.69 18.80 21.64
N CYS D 85 -19.75 18.11 21.21
CA CYS D 85 -20.87 18.79 20.50
C CYS D 85 -22.20 18.42 21.17
N CYS D 86 -23.30 19.01 20.69
CA CYS D 86 -24.65 18.68 21.23
C CYS D 86 -25.62 18.53 20.05
N THR D 87 -26.63 17.66 20.17
CA THR D 87 -27.55 17.40 19.03
C THR D 87 -29.01 17.36 19.49
N ASN D 88 -29.92 16.95 18.59
CA ASN D 88 -31.35 17.01 18.90
C ASN D 88 -32.00 15.64 18.89
N VAL D 89 -31.19 14.61 19.02
CA VAL D 89 -31.65 13.25 19.01
C VAL D 89 -31.78 12.76 20.44
N PRO D 90 -32.97 12.31 20.88
CA PRO D 90 -33.25 11.80 22.21
C PRO D 90 -32.67 10.42 22.34
N TRP D 91 -32.42 10.00 23.56
CA TRP D 91 -31.95 8.65 23.79
C TRP D 91 -33.09 7.59 23.77
N ASN D 92 -32.78 6.42 23.19
CA ASN D 92 -33.73 5.29 23.11
C ASN D 92 -33.39 4.19 24.12
N SER D 93 -34.30 3.97 25.05
CA SER D 93 -34.07 3.13 26.25
C SER D 93 -33.67 1.71 25.92
N THR D 94 -33.90 1.35 24.68
CA THR D 94 -33.55 0.05 24.20
C THR D 94 -32.03 -0.04 24.04
N TRP D 95 -31.35 1.09 23.76
CA TRP D 95 -29.92 1.04 23.57
C TRP D 95 -29.32 0.72 24.92
N SER D 96 -29.86 1.38 25.91
CA SER D 96 -29.48 1.20 27.30
C SER D 96 -30.55 1.80 28.17
N ASN D 97 -30.71 1.24 29.37
CA ASN D 97 -31.65 1.80 30.32
C ASN D 97 -31.03 1.95 31.69
N ARG D 98 -30.44 3.09 31.90
CA ARG D 98 -29.73 3.47 33.12
C ARG D 98 -30.05 4.93 33.38
N ASN D 99 -29.83 5.45 34.61
CA ASN D 99 -30.03 6.87 34.91
C ASN D 99 -28.72 7.65 34.65
N LEU D 100 -28.74 9.00 34.79
CA LEU D 100 -27.57 9.84 34.46
C LEU D 100 -26.38 9.58 35.39
N SER D 101 -26.63 9.48 36.70
CA SER D 101 -25.54 9.29 37.64
C SER D 101 -24.89 7.94 37.44
N GLU D 102 -25.71 6.97 37.11
CA GLU D 102 -25.31 5.60 36.85
C GLU D 102 -24.33 5.48 35.71
N ILE D 103 -24.35 6.44 34.79
CA ILE D 103 -23.51 6.40 33.63
C ILE D 103 -22.30 7.27 33.77
N TRP D 104 -22.47 8.51 34.20
CA TRP D 104 -21.27 9.34 34.24
C TRP D 104 -20.33 9.03 35.39
N ASP D 105 -20.89 8.48 36.48
CA ASP D 105 -20.06 8.06 37.59
C ASP D 105 -20.12 6.55 37.53
N ASN D 106 -19.34 5.90 38.38
CA ASN D 106 -19.37 4.42 38.50
C ASN D 106 -19.32 3.81 37.10
N MET D 107 -18.44 4.33 36.23
CA MET D 107 -18.38 3.78 34.88
C MET D 107 -17.14 4.09 34.11
N THR D 108 -16.57 3.07 33.54
CA THR D 108 -15.43 3.22 32.65
C THR D 108 -15.91 3.25 31.23
N TRP D 109 -15.20 3.99 30.40
CA TRP D 109 -15.55 4.07 29.00
C TRP D 109 -15.47 2.74 28.31
N LEU D 110 -14.60 1.88 28.79
CA LEU D 110 -14.44 0.61 28.15
C LEU D 110 -15.71 -0.22 28.31
N GLN D 111 -16.29 -0.12 29.49
CA GLN D 111 -17.50 -0.85 29.83
C GLN D 111 -18.64 -0.28 29.10
N TRP D 112 -18.68 1.04 29.06
CA TRP D 112 -19.77 1.70 28.40
C TRP D 112 -19.79 1.33 26.95
N ASP D 113 -18.62 1.33 26.33
CA ASP D 113 -18.56 1.04 24.93
C ASP D 113 -19.03 -0.36 24.65
N LYS D 114 -18.64 -1.34 25.46
CA LYS D 114 -19.14 -2.64 25.07
C LYS D 114 -20.63 -2.77 25.35
N GLU D 115 -21.15 -2.07 26.36
CA GLU D 115 -22.58 -2.18 26.64
C GLU D 115 -23.42 -1.72 25.49
N ILE D 116 -22.96 -0.72 24.76
CA ILE D 116 -23.76 -0.24 23.65
C ILE D 116 -23.10 -0.48 22.31
N SER D 117 -22.25 -1.49 22.22
CA SER D 117 -21.55 -1.74 20.95
C SER D 117 -22.42 -2.07 19.72
N ASN D 118 -23.68 -2.56 19.91
CA ASN D 118 -24.62 -2.88 18.82
C ASN D 118 -25.55 -1.71 18.45
N TYR D 119 -25.38 -0.52 19.07
CA TYR D 119 -26.22 0.67 18.89
C TYR D 119 -25.31 1.80 18.55
N THR D 120 -24.71 1.73 17.38
CA THR D 120 -23.72 2.70 17.03
C THR D 120 -24.10 3.30 15.73
N GLN D 121 -24.17 2.44 14.75
CA GLN D 121 -24.45 2.80 13.38
C GLN D 121 -25.86 3.34 13.24
N ILE D 122 -26.69 3.01 14.20
CA ILE D 122 -28.06 3.44 14.17
C ILE D 122 -28.13 4.87 14.64
N ILE D 123 -27.25 5.21 15.56
CA ILE D 123 -27.24 6.53 16.10
C ILE D 123 -26.66 7.39 15.04
N TYR D 124 -25.63 6.89 14.40
CA TYR D 124 -24.99 7.67 13.38
C TYR D 124 -26.00 8.01 12.31
N GLY D 125 -26.87 7.06 11.95
CA GLY D 125 -27.89 7.34 10.96
C GLY D 125 -28.83 8.44 11.45
N LEU D 126 -29.21 8.39 12.73
CA LEU D 126 -30.07 9.43 13.27
C LEU D 126 -29.38 10.77 13.27
N LEU D 127 -28.10 10.79 13.58
CA LEU D 127 -27.40 12.05 13.64
C LEU D 127 -27.35 12.67 12.28
N GLU D 128 -27.11 11.85 11.26
CA GLU D 128 -27.04 12.36 9.92
C GLU D 128 -28.35 12.93 9.48
N GLU D 129 -29.44 12.23 9.74
CA GLU D 129 -30.67 12.79 9.26
C GLU D 129 -31.05 14.01 10.05
N SER D 130 -30.77 14.02 11.33
CA SER D 130 -31.14 15.19 12.07
C SER D 130 -30.43 16.39 11.52
N GLN D 131 -29.13 16.25 11.22
CA GLN D 131 -28.43 17.40 10.69
C GLN D 131 -28.95 17.76 9.32
N ASN D 132 -29.36 16.77 8.51
CA ASN D 132 -29.89 17.10 7.20
C ASN D 132 -31.16 17.91 7.36
N GLN D 133 -32.00 17.55 8.32
CA GLN D 133 -33.23 18.29 8.50
C GLN D 133 -32.92 19.68 8.99
N GLN D 134 -31.91 19.82 9.83
CA GLN D 134 -31.59 21.13 10.34
C GLN D 134 -31.17 22.04 9.20
N GLU D 135 -30.46 21.52 8.22
CA GLU D 135 -30.06 22.34 7.09
C GLU D 135 -31.29 22.71 6.26
N LYS D 136 -32.20 21.75 6.10
CA LYS D 136 -33.41 21.98 5.33
C LYS D 136 -34.22 23.08 5.98
N ASN D 137 -34.24 23.11 7.31
CA ASN D 137 -34.98 24.11 8.04
C ASN D 137 -34.34 25.48 7.90
N GLU D 138 -33.01 25.52 7.90
CA GLU D 138 -32.30 26.79 7.76
C GLU D 138 -32.42 27.41 6.34
N GLN D 139 -32.43 26.58 5.27
CA GLN D 139 -32.56 27.00 3.87
C GLN D 139 -33.98 27.51 3.63
N ASN E 35 -0.73 44.84 27.67
CA ASN E 35 -2.03 44.18 27.64
C ASN E 35 -2.35 43.63 26.22
N LEU E 36 -1.44 42.79 25.67
CA LEU E 36 -1.61 42.13 24.38
C LEU E 36 -1.89 40.68 24.59
N TRP E 37 -2.71 40.17 23.71
CA TRP E 37 -3.26 38.84 23.69
C TRP E 37 -2.83 38.04 22.50
N VAL E 38 -2.82 36.73 22.66
CA VAL E 38 -2.40 35.80 21.63
C VAL E 38 -3.37 35.63 20.47
N THR E 39 -2.82 35.74 19.26
CA THR E 39 -3.50 35.44 18.02
C THR E 39 -2.67 34.47 17.23
N VAL E 40 -3.34 33.47 16.68
CA VAL E 40 -2.67 32.47 15.89
C VAL E 40 -2.82 32.81 14.42
N TYR E 41 -1.69 32.90 13.74
CA TYR E 41 -1.65 33.30 12.35
C TYR E 41 -1.26 32.17 11.42
N TYR E 42 -2.12 31.85 10.46
CA TYR E 42 -1.79 30.78 9.53
C TYR E 42 -1.49 31.29 8.16
N GLY E 43 -0.34 30.91 7.64
CA GLY E 43 0.10 31.35 6.33
C GLY E 43 1.22 32.36 6.46
N VAL E 44 1.96 32.30 7.55
CA VAL E 44 3.08 33.20 7.80
C VAL E 44 4.27 32.82 6.90
N PRO E 45 4.88 33.76 6.14
CA PRO E 45 5.96 33.51 5.20
C PRO E 45 7.33 33.29 5.81
N VAL E 46 7.46 32.19 6.54
CA VAL E 46 8.73 31.82 7.17
C VAL E 46 9.15 30.39 6.86
N TRP E 47 10.43 30.09 7.07
CA TRP E 47 10.97 28.77 6.78
C TRP E 47 12.21 28.37 7.56
N LYS E 48 12.52 27.09 7.47
CA LYS E 48 13.73 26.49 8.06
C LYS E 48 14.43 25.50 7.14
N ASP E 49 15.71 25.26 7.43
CA ASP E 49 16.51 24.31 6.65
C ASP E 49 15.86 22.95 6.61
N ALA E 50 15.87 22.30 5.45
CA ALA E 50 15.24 21.00 5.36
C ALA E 50 15.84 20.10 4.27
N GLU E 51 15.56 18.80 4.38
CA GLU E 51 15.97 17.85 3.36
C GLU E 51 14.79 17.00 2.92
N THR E 52 14.59 16.90 1.60
CA THR E 52 13.51 16.08 1.06
C THR E 52 13.81 15.57 -0.34
N THR E 53 12.84 14.87 -0.91
CA THR E 53 12.88 14.30 -2.24
C THR E 53 12.51 15.35 -3.27
N LEU E 54 13.29 15.50 -4.33
CA LEU E 54 12.96 16.43 -5.38
C LEU E 54 12.46 15.69 -6.60
N PHE E 55 11.61 16.36 -7.37
CA PHE E 55 11.08 15.79 -8.59
C PHE E 55 12.01 16.15 -9.71
N CYS E 56 12.21 15.26 -10.70
CA CYS E 56 13.02 15.60 -11.88
C CYS E 56 12.10 16.00 -13.02
N ALA E 57 12.56 16.90 -13.88
CA ALA E 57 11.74 17.31 -15.01
C ALA E 57 12.56 17.68 -16.25
N SER E 58 11.91 17.60 -17.41
CA SER E 58 12.57 17.87 -18.69
C SER E 58 11.71 18.63 -19.72
N ASP E 59 12.26 18.82 -20.91
CA ASP E 59 11.60 19.59 -21.97
C ASP E 59 10.57 18.81 -22.78
N ALA E 60 10.47 17.52 -22.50
CA ALA E 60 9.59 16.57 -23.18
C ALA E 60 9.83 16.51 -24.69
N HIS E 68 15.41 6.95 -26.90
CA HIS E 68 15.59 5.90 -25.88
C HIS E 68 16.72 6.26 -24.85
N ASN E 69 16.98 7.57 -24.66
CA ASN E 69 17.95 8.16 -23.72
C ASN E 69 17.54 7.83 -22.30
N VAL E 70 18.49 7.36 -21.53
CA VAL E 70 18.20 6.95 -20.18
C VAL E 70 17.50 8.03 -19.34
N TRP E 71 17.80 9.30 -19.55
CA TRP E 71 17.15 10.28 -18.72
C TRP E 71 15.84 10.76 -19.31
N ALA E 72 15.61 10.41 -20.57
CA ALA E 72 14.39 10.80 -21.26
C ALA E 72 13.30 9.86 -20.84
N THR E 73 13.69 8.62 -20.55
CA THR E 73 12.69 7.64 -20.16
C THR E 73 12.50 7.72 -18.65
N HIS E 74 13.49 8.26 -17.95
CA HIS E 74 13.42 8.44 -16.52
C HIS E 74 12.45 9.54 -16.06
N CYS E 75 12.59 10.79 -16.57
CA CYS E 75 11.74 11.91 -16.15
C CYS E 75 10.56 12.02 -17.08
N CYS E 76 9.39 11.82 -16.50
CA CYS E 76 8.16 11.81 -17.27
C CYS E 76 7.34 13.04 -16.94
N VAL E 77 8.02 14.02 -16.37
CA VAL E 77 7.43 15.26 -15.97
C VAL E 77 8.02 16.41 -16.77
N PRO E 78 7.22 17.21 -17.48
CA PRO E 78 7.65 18.36 -18.21
C PRO E 78 7.95 19.47 -17.22
N THR E 79 8.83 20.37 -17.58
CA THR E 79 9.07 21.53 -16.76
C THR E 79 8.05 22.57 -17.05
N ASP E 80 7.99 23.55 -16.17
CA ASP E 80 7.25 24.77 -16.42
C ASP E 80 7.87 25.33 -17.68
N PRO E 81 7.10 25.65 -18.74
CA PRO E 81 7.61 26.18 -19.99
C PRO E 81 8.30 27.53 -19.79
N ASN E 82 7.98 28.20 -18.69
CA ASN E 82 8.58 29.46 -18.36
C ASN E 82 8.67 29.56 -16.84
N PRO E 83 9.68 28.93 -16.21
CA PRO E 83 9.84 28.75 -14.78
C PRO E 83 9.77 30.04 -14.01
N GLN E 84 9.16 29.98 -12.84
CA GLN E 84 8.99 31.17 -12.07
C GLN E 84 10.16 31.39 -11.12
N GLU E 85 10.41 32.66 -10.90
CA GLU E 85 11.40 33.14 -9.94
C GLU E 85 10.90 34.40 -9.30
N ILE E 86 10.90 34.42 -7.98
CA ILE E 86 10.44 35.57 -7.25
C ILE E 86 11.49 36.21 -6.38
N HIS E 87 11.80 37.46 -6.69
CA HIS E 87 12.81 38.17 -5.93
C HIS E 87 12.36 38.38 -4.51
N LEU E 88 13.23 38.12 -3.56
CA LEU E 88 12.81 38.38 -2.21
C LEU E 88 13.46 39.62 -1.67
N GLU E 89 12.68 40.65 -1.52
CA GLU E 89 13.26 41.88 -1.04
C GLU E 89 13.60 41.74 0.43
N ASN E 90 14.77 42.31 0.83
CA ASN E 90 15.30 42.39 2.20
C ASN E 90 15.44 41.01 2.90
N VAL E 91 15.88 39.97 2.16
CA VAL E 91 16.11 38.63 2.71
C VAL E 91 17.56 38.24 2.59
N THR E 92 18.15 37.92 3.72
CA THR E 92 19.52 37.46 3.77
C THR E 92 19.46 36.01 4.13
N GLU E 93 20.15 35.18 3.37
CA GLU E 93 20.07 33.75 3.63
C GLU E 93 21.41 33.06 3.51
N GLU E 94 21.72 32.21 4.49
CA GLU E 94 22.98 31.48 4.48
C GLU E 94 22.92 30.17 3.74
N PHE E 95 23.85 30.07 2.80
CA PHE E 95 24.03 28.92 1.94
C PHE E 95 25.35 28.27 2.24
N ASN E 96 25.43 26.96 2.00
CA ASN E 96 26.68 26.29 2.17
C ASN E 96 26.81 25.15 1.18
N MET E 97 27.57 25.38 0.14
CA MET E 97 27.68 24.40 -0.92
C MET E 97 28.33 23.10 -0.47
N TRP E 98 29.05 23.13 0.63
CA TRP E 98 29.78 21.96 1.06
C TRP E 98 28.90 21.08 1.92
N LYS E 99 27.73 21.59 2.28
CA LYS E 99 26.78 20.89 3.13
C LYS E 99 25.43 20.82 2.46
N ASN E 100 25.43 20.98 1.15
CA ASN E 100 24.19 20.99 0.41
C ASN E 100 23.68 19.60 0.19
N ASN E 101 22.61 19.28 0.89
CA ASN E 101 22.12 17.93 0.89
C ASN E 101 21.55 17.44 -0.42
N MET E 102 21.16 18.33 -1.33
CA MET E 102 20.58 17.81 -2.54
C MET E 102 21.67 17.20 -3.40
N VAL E 103 22.92 17.51 -3.09
CA VAL E 103 24.04 17.00 -3.84
C VAL E 103 24.09 15.52 -3.63
N GLU E 104 23.83 15.08 -2.40
CA GLU E 104 23.88 13.67 -2.08
C GLU E 104 22.75 13.00 -2.79
N GLN E 105 21.63 13.70 -2.88
CA GLN E 105 20.51 13.11 -3.56
C GLN E 105 20.81 12.93 -5.02
N MET E 106 21.44 13.92 -5.66
CA MET E 106 21.67 13.77 -7.08
C MET E 106 22.63 12.67 -7.36
N HIS E 107 23.63 12.53 -6.52
CA HIS E 107 24.62 11.51 -6.69
C HIS E 107 23.96 10.15 -6.49
N THR E 108 23.16 10.01 -5.46
CA THR E 108 22.53 8.74 -5.22
C THR E 108 21.62 8.33 -6.35
N ASP E 109 20.82 9.27 -6.82
CA ASP E 109 19.88 8.97 -7.87
C ASP E 109 20.52 8.77 -9.22
N ILE E 110 21.62 9.44 -9.52
CA ILE E 110 22.19 9.23 -10.84
C ILE E 110 22.72 7.81 -10.88
N ILE E 111 23.23 7.34 -9.74
CA ILE E 111 23.73 6.01 -9.67
C ILE E 111 22.62 5.02 -9.80
N SER E 112 21.54 5.27 -9.09
CA SER E 112 20.44 4.36 -9.14
C SER E 112 19.95 4.21 -10.55
N LEU E 113 19.79 5.31 -11.26
CA LEU E 113 19.31 5.23 -12.61
C LEU E 113 20.26 4.54 -13.55
N TRP E 114 21.53 4.91 -13.51
CA TRP E 114 22.52 4.20 -14.38
C TRP E 114 22.35 2.71 -14.17
N ASP E 115 22.42 2.30 -12.91
CA ASP E 115 22.43 0.90 -12.61
C ASP E 115 21.15 0.24 -13.09
N GLN E 116 20.02 0.92 -12.90
CA GLN E 116 18.73 0.38 -13.28
C GLN E 116 18.66 0.18 -14.78
N SER E 117 19.29 1.08 -15.51
CA SER E 117 19.30 1.04 -16.95
C SER E 117 19.94 -0.25 -17.43
N LEU E 118 21.00 -0.67 -16.75
CA LEU E 118 21.72 -1.87 -17.13
C LEU E 118 21.12 -3.16 -16.60
N LYS E 119 20.35 -3.10 -15.53
CA LYS E 119 19.81 -4.32 -14.96
C LYS E 119 19.18 -5.34 -15.92
N PRO E 120 18.32 -4.96 -16.88
CA PRO E 120 17.67 -5.90 -17.79
C PRO E 120 18.46 -6.33 -19.04
N CYS E 121 19.73 -5.92 -19.16
CA CYS E 121 20.56 -6.15 -20.34
C CYS E 121 21.31 -7.48 -20.24
N VAL E 122 21.89 -7.87 -21.35
CA VAL E 122 22.64 -9.11 -21.52
C VAL E 122 23.87 -9.23 -20.63
N LYS E 123 24.03 -10.38 -19.99
CA LYS E 123 25.18 -10.63 -19.12
C LYS E 123 26.27 -11.21 -20.00
N LEU E 124 27.54 -10.90 -19.76
CA LEU E 124 28.58 -11.45 -20.61
C LEU E 124 29.43 -12.53 -19.96
N THR E 125 28.93 -13.09 -18.88
CA THR E 125 29.63 -14.16 -18.17
C THR E 125 30.26 -15.22 -19.09
N PRO E 126 29.56 -15.82 -20.07
CA PRO E 126 30.07 -16.87 -20.94
C PRO E 126 31.24 -16.44 -21.80
N LEU E 127 31.52 -15.15 -21.89
CA LEU E 127 32.67 -14.72 -22.68
C LEU E 127 33.98 -14.63 -21.88
N CYS E 128 33.97 -14.92 -20.55
CA CYS E 128 35.16 -14.89 -19.71
C CYS E 128 35.90 -16.22 -19.89
N VAL E 129 36.67 -16.24 -20.97
CA VAL E 129 37.36 -17.43 -21.44
C VAL E 129 38.81 -17.14 -21.69
N THR E 130 39.59 -18.21 -21.83
CA THR E 130 40.96 -18.04 -22.22
C THR E 130 40.98 -17.60 -23.69
N LEU E 131 41.75 -16.56 -23.98
CA LEU E 131 41.87 -16.00 -25.32
C LEU E 131 43.18 -16.34 -25.99
N GLN E 132 43.12 -16.51 -27.31
CA GLN E 132 44.31 -16.69 -28.15
C GLN E 132 44.46 -15.39 -28.94
N CYS E 133 45.53 -14.55 -28.70
CA CYS E 133 45.62 -13.20 -29.29
C CYS E 133 46.91 -12.93 -30.06
N THR E 134 46.82 -12.05 -31.05
CA THR E 134 48.00 -11.63 -31.78
C THR E 134 48.15 -10.09 -32.00
N ASN E 135 49.35 -9.68 -32.48
CA ASN E 135 49.77 -8.30 -32.71
C ASN E 135 49.31 -7.75 -34.07
N VAL E 136 48.07 -7.24 -34.15
CA VAL E 136 47.61 -6.66 -35.43
C VAL E 136 48.04 -5.22 -35.48
N THR E 137 49.13 -5.05 -36.19
CA THR E 137 49.84 -3.81 -36.37
C THR E 137 49.83 -3.39 -37.82
N ASN E 138 48.86 -3.87 -38.55
CA ASN E 138 48.75 -3.59 -39.96
C ASN E 138 48.21 -2.20 -40.20
N ASN E 139 48.86 -1.44 -41.09
CA ASN E 139 48.40 -0.10 -41.45
C ASN E 139 48.20 0.81 -40.24
N ILE E 140 49.21 0.90 -39.37
CA ILE E 140 49.07 1.73 -38.18
C ILE E 140 50.17 2.75 -38.07
N THR E 141 49.95 3.78 -37.23
CA THR E 141 51.04 4.69 -36.93
C THR E 141 51.87 4.04 -35.82
N ASP E 142 53.11 4.51 -35.62
CA ASP E 142 54.04 3.90 -34.67
C ASP E 142 53.60 3.82 -33.21
N ASP E 143 52.85 4.77 -32.73
CA ASP E 143 52.47 4.75 -31.34
C ASP E 143 51.38 3.74 -31.06
N MET E 144 50.82 3.17 -32.11
CA MET E 144 49.75 2.21 -31.98
C MET E 144 50.32 0.79 -31.98
N ARG E 145 51.64 0.67 -31.95
CA ARG E 145 52.26 -0.64 -32.03
C ARG E 145 52.07 -1.45 -30.77
N GLY E 146 50.99 -2.21 -30.75
CA GLY E 146 50.62 -3.04 -29.63
C GLY E 146 49.35 -2.57 -28.93
N GLU E 147 48.74 -1.50 -29.39
CA GLU E 147 47.51 -1.03 -28.74
C GLU E 147 46.36 -2.01 -28.88
N LEU E 148 46.29 -2.71 -30.00
CA LEU E 148 45.21 -3.64 -30.16
C LEU E 148 45.66 -5.07 -30.16
N LYS E 149 44.79 -5.90 -29.62
CA LYS E 149 44.97 -7.34 -29.59
C LYS E 149 43.84 -8.01 -30.37
N ASN E 150 44.18 -8.86 -31.35
CA ASN E 150 43.24 -9.61 -32.16
C ASN E 150 43.11 -11.01 -31.57
N CYS E 151 42.00 -11.22 -30.84
CA CYS E 151 41.77 -12.39 -30.01
C CYS E 151 40.73 -13.29 -30.59
N SER E 152 40.90 -14.58 -30.35
CA SER E 152 39.93 -15.55 -30.79
C SER E 152 39.70 -16.57 -29.71
N PHE E 153 38.51 -17.12 -29.73
CA PHE E 153 38.13 -18.08 -28.71
C PHE E 153 36.97 -19.01 -29.05
N ASN E 154 36.85 -20.09 -28.24
CA ASN E 154 35.78 -21.08 -28.23
C ASN E 154 34.64 -20.58 -27.33
N MET E 155 33.42 -20.39 -27.88
CA MET E 155 32.24 -19.87 -27.15
C MET E 155 30.96 -20.58 -27.54
N THR E 156 29.91 -20.32 -26.77
CA THR E 156 28.61 -20.91 -26.99
C THR E 156 27.88 -20.32 -28.16
N THR E 157 26.84 -21.03 -28.56
CA THR E 157 25.91 -20.73 -29.63
C THR E 157 24.55 -20.86 -28.98
N GLU E 158 23.49 -20.82 -29.77
CA GLU E 158 22.15 -20.94 -29.20
C GLU E 158 21.87 -22.33 -28.64
N LEU E 159 22.66 -23.34 -29.02
CA LEU E 159 22.40 -24.66 -28.47
C LEU E 159 23.47 -25.02 -27.50
N ARG E 160 23.04 -25.65 -26.45
CA ARG E 160 23.92 -26.03 -25.38
C ARG E 160 25.01 -27.01 -25.84
N ASP E 161 24.71 -27.85 -26.82
CA ASP E 161 25.68 -28.82 -27.26
C ASP E 161 26.45 -28.42 -28.51
N LYS E 162 26.44 -27.14 -28.87
CA LYS E 162 27.21 -26.70 -30.02
C LYS E 162 28.16 -25.57 -29.63
N LYS E 163 29.29 -25.50 -30.33
CA LYS E 163 30.28 -24.46 -30.05
C LYS E 163 30.72 -23.78 -31.32
N GLN E 164 31.18 -22.54 -31.20
CA GLN E 164 31.70 -21.78 -32.33
C GLN E 164 33.00 -21.08 -32.01
N LYS E 165 33.76 -20.80 -33.07
CA LYS E 165 34.97 -20.02 -32.93
C LYS E 165 34.77 -18.65 -33.50
N VAL E 166 35.09 -17.64 -32.70
CA VAL E 166 34.94 -16.27 -33.14
C VAL E 166 36.19 -15.50 -32.86
N TYR E 167 36.31 -14.34 -33.47
CA TYR E 167 37.40 -13.44 -33.11
C TYR E 167 36.94 -11.98 -33.16
N SER E 168 37.63 -11.15 -32.39
CA SER E 168 37.36 -9.72 -32.28
C SER E 168 38.58 -8.92 -31.80
N LEU E 169 38.48 -7.60 -31.92
CA LEU E 169 39.57 -6.76 -31.47
C LEU E 169 39.31 -6.11 -30.13
N PHE E 170 40.36 -6.06 -29.33
CA PHE E 170 40.34 -5.44 -28.03
C PHE E 170 41.44 -4.44 -27.81
N TYR E 171 41.18 -3.48 -26.97
CA TYR E 171 42.22 -2.56 -26.58
C TYR E 171 43.03 -3.23 -25.51
N ARG E 172 44.34 -3.06 -25.51
CA ARG E 172 45.16 -3.70 -24.49
C ARG E 172 44.86 -3.26 -23.08
N LEU E 173 44.23 -2.12 -22.89
CA LEU E 173 43.92 -1.74 -21.51
C LEU E 173 43.01 -2.74 -20.84
N ASP E 174 42.18 -3.44 -21.62
CA ASP E 174 41.23 -4.37 -21.05
C ASP E 174 41.62 -5.84 -21.16
N VAL E 175 42.83 -6.12 -21.61
CA VAL E 175 43.24 -7.50 -21.80
C VAL E 175 44.55 -7.77 -21.08
N VAL E 176 44.59 -8.82 -20.32
CA VAL E 176 45.79 -9.11 -19.58
C VAL E 176 46.46 -10.40 -20.00
N GLN E 177 47.77 -10.34 -20.14
CA GLN E 177 48.54 -11.51 -20.51
C GLN E 177 48.73 -12.44 -19.36
N ILE E 178 48.61 -13.71 -19.64
CA ILE E 178 48.83 -14.71 -18.62
C ILE E 178 50.27 -15.21 -18.76
N ASN E 179 51.07 -15.11 -17.66
CA ASN E 179 52.49 -15.50 -17.54
C ASN E 179 53.32 -15.03 -18.75
N LYS E 191 50.79 -15.45 -26.24
CA LYS E 191 49.61 -15.90 -26.98
C LYS E 191 48.39 -16.01 -26.09
N GLU E 192 48.59 -16.30 -24.79
CA GLU E 192 47.50 -16.54 -23.86
C GLU E 192 47.12 -15.30 -23.07
N TYR E 193 45.84 -14.94 -23.20
CA TYR E 193 45.26 -13.75 -22.59
C TYR E 193 43.92 -13.99 -21.91
N ARG E 194 43.58 -13.08 -21.03
CA ARG E 194 42.31 -13.09 -20.32
C ARG E 194 41.73 -11.68 -20.31
N LEU E 195 40.42 -11.55 -20.14
CA LEU E 195 39.91 -10.20 -20.00
C LEU E 195 40.29 -9.70 -18.64
N ILE E 196 40.55 -8.41 -18.57
CA ILE E 196 40.99 -7.81 -17.33
C ILE E 196 40.08 -7.94 -16.14
N ASN E 197 38.77 -8.04 -16.33
CA ASN E 197 37.89 -8.17 -15.15
C ASN E 197 37.46 -9.59 -14.76
N CYS E 198 38.05 -10.64 -15.37
CA CYS E 198 37.72 -12.04 -15.03
C CYS E 198 38.13 -12.40 -13.61
N ASN E 199 39.13 -11.74 -13.05
CA ASN E 199 39.52 -12.06 -11.69
C ASN E 199 38.88 -11.12 -10.64
N THR E 200 37.93 -10.22 -11.05
CA THR E 200 37.29 -9.23 -10.17
C THR E 200 35.82 -9.49 -10.05
N SER E 201 35.09 -9.28 -11.13
CA SER E 201 33.65 -9.41 -11.04
C SER E 201 32.96 -9.63 -12.38
N ALA E 202 31.64 -9.69 -12.34
CA ALA E 202 30.80 -9.89 -13.50
C ALA E 202 30.87 -8.72 -14.46
N ILE E 203 30.80 -9.06 -15.74
CA ILE E 203 30.79 -8.08 -16.81
C ILE E 203 29.45 -8.20 -17.51
N THR E 204 28.78 -7.09 -17.71
CA THR E 204 27.52 -7.12 -18.44
C THR E 204 27.59 -6.16 -19.61
N GLN E 205 26.70 -6.32 -20.57
CA GLN E 205 26.64 -5.50 -21.76
C GLN E 205 25.59 -4.44 -21.71
N ALA E 206 25.94 -3.22 -22.07
CA ALA E 206 24.91 -2.20 -22.13
C ALA E 206 23.98 -2.48 -23.31
N CYS E 207 22.67 -2.20 -23.18
CA CYS E 207 21.68 -2.35 -24.25
C CYS E 207 21.98 -1.28 -25.32
N PRO E 208 22.18 -1.69 -26.59
CA PRO E 208 22.65 -0.87 -27.70
C PRO E 208 21.75 0.27 -28.10
N LYS E 209 20.48 0.20 -27.72
CA LYS E 209 19.58 1.26 -28.09
C LYS E 209 19.63 2.43 -27.14
N VAL E 210 20.23 2.24 -25.97
CA VAL E 210 20.15 3.28 -24.97
C VAL E 210 21.27 4.26 -25.06
N SER E 211 20.94 5.51 -25.21
CA SER E 211 21.95 6.53 -25.27
C SER E 211 22.08 7.23 -23.93
N PHE E 212 23.19 7.93 -23.80
CA PHE E 212 23.49 8.68 -22.60
C PHE E 212 23.82 10.14 -22.81
N GLU E 213 23.28 10.81 -23.81
CA GLU E 213 23.62 12.20 -23.88
C GLU E 213 23.05 12.88 -22.64
N PRO E 214 23.79 13.79 -22.02
CA PRO E 214 23.43 14.49 -20.81
C PRO E 214 22.41 15.59 -20.98
N ILE E 215 21.20 15.20 -21.29
CA ILE E 215 20.07 16.09 -21.43
C ILE E 215 19.88 16.77 -20.07
N PRO E 216 19.73 18.09 -19.98
CA PRO E 216 19.60 18.80 -18.73
C PRO E 216 18.33 18.46 -18.02
N ILE E 217 18.45 18.27 -16.73
CA ILE E 217 17.32 17.96 -15.87
C ILE E 217 17.12 19.00 -14.78
N HIS E 218 15.88 19.40 -14.58
CA HIS E 218 15.53 20.38 -13.56
C HIS E 218 15.02 19.70 -12.32
N TYR E 219 15.41 20.17 -11.13
CA TYR E 219 14.86 19.59 -9.91
C TYR E 219 13.91 20.54 -9.20
N CYS E 220 12.68 20.04 -8.89
CA CYS E 220 11.55 20.82 -8.38
C CYS E 220 11.16 20.39 -6.98
N ALA E 221 10.74 21.36 -6.17
CA ALA E 221 10.35 21.05 -4.79
C ALA E 221 8.92 20.52 -4.67
N PRO E 222 8.64 19.61 -3.72
CA PRO E 222 7.33 19.15 -3.32
C PRO E 222 6.62 20.21 -2.54
N ALA E 223 5.32 20.14 -2.52
CA ALA E 223 4.57 21.13 -1.78
C ALA E 223 4.98 21.17 -0.34
N GLY E 224 5.09 22.38 0.19
CA GLY E 224 5.50 22.61 1.56
C GLY E 224 6.97 22.96 1.64
N PHE E 225 7.66 22.85 0.51
CA PHE E 225 9.06 23.15 0.39
C PHE E 225 9.33 24.20 -0.63
N ALA E 226 10.48 24.83 -0.49
CA ALA E 226 10.86 25.84 -1.45
C ALA E 226 12.36 25.80 -1.71
N ILE E 227 12.71 26.19 -2.91
CA ILE E 227 14.09 26.27 -3.30
C ILE E 227 14.52 27.71 -3.31
N LEU E 228 15.58 27.98 -2.58
CA LEU E 228 16.10 29.31 -2.53
C LEU E 228 17.32 29.33 -3.42
N LYS E 229 17.54 30.45 -4.07
CA LYS E 229 18.69 30.59 -4.94
C LYS E 229 19.43 31.90 -4.68
N CYS E 230 20.80 31.87 -4.78
CA CYS E 230 21.62 33.08 -4.75
C CYS E 230 21.78 33.61 -6.16
N LYS E 231 21.39 34.86 -6.35
CA LYS E 231 21.57 35.58 -7.61
C LYS E 231 22.65 36.61 -7.37
N ASP E 232 23.23 36.50 -6.19
CA ASP E 232 24.25 37.39 -5.69
C ASP E 232 25.52 37.02 -6.43
N LYS E 233 26.08 37.99 -7.14
CA LYS E 233 27.24 37.76 -8.00
C LYS E 233 28.45 37.51 -7.15
N LYS E 234 29.38 36.74 -7.69
CA LYS E 234 30.59 36.38 -6.96
C LYS E 234 30.21 35.64 -5.69
N PHE E 235 29.20 34.78 -5.76
CA PHE E 235 28.87 34.09 -4.55
C PHE E 235 30.07 33.23 -4.16
N ASN E 236 30.44 33.31 -2.88
CA ASN E 236 31.61 32.73 -2.24
C ASN E 236 31.45 31.25 -1.82
N GLY E 237 30.34 30.56 -2.20
CA GLY E 237 30.10 29.14 -1.88
C GLY E 237 29.44 28.98 -0.53
N THR E 238 29.98 29.69 0.45
CA THR E 238 29.44 29.68 1.78
C THR E 238 29.15 31.07 2.29
N GLY E 239 28.30 31.10 3.30
CA GLY E 239 27.98 32.31 4.03
C GLY E 239 26.70 32.91 3.52
N PRO E 240 26.23 33.98 4.14
CA PRO E 240 25.03 34.67 3.77
C PRO E 240 25.24 35.34 2.44
N CYS E 241 24.21 35.30 1.57
CA CYS E 241 24.17 36.02 0.31
C CYS E 241 23.02 36.99 0.52
N THR E 242 23.12 38.14 -0.10
CA THR E 242 22.09 39.18 0.11
C THR E 242 21.19 39.54 -1.07
N ASN E 243 21.26 38.74 -2.13
CA ASN E 243 20.51 38.88 -3.37
C ASN E 243 19.97 37.50 -3.69
N VAL E 244 18.73 37.24 -3.24
CA VAL E 244 18.08 35.94 -3.32
C VAL E 244 16.70 36.01 -3.90
N SER E 245 16.27 34.87 -4.34
CA SER E 245 14.97 34.65 -4.88
C SER E 245 14.51 33.26 -4.57
N THR E 246 13.22 33.05 -4.68
CA THR E 246 12.66 31.74 -4.49
C THR E 246 12.20 31.21 -5.82
N VAL E 247 12.51 29.96 -6.07
CA VAL E 247 12.16 29.38 -7.34
C VAL E 247 11.40 28.09 -7.20
N GLN E 248 10.69 27.76 -8.24
CA GLN E 248 9.98 26.48 -8.29
C GLN E 248 10.89 25.25 -8.43
N CYS E 249 11.98 25.40 -9.23
CA CYS E 249 12.89 24.36 -9.62
C CYS E 249 14.24 24.99 -9.88
N THR E 250 15.25 24.16 -9.96
CA THR E 250 16.58 24.59 -10.35
C THR E 250 16.54 24.70 -11.86
N HIS E 251 17.59 25.27 -12.43
CA HIS E 251 17.67 25.35 -13.86
C HIS E 251 18.05 23.96 -14.30
N GLY E 252 18.12 23.73 -15.59
CA GLY E 252 18.45 22.37 -15.98
C GLY E 252 19.93 22.15 -15.86
N ILE E 253 20.29 21.05 -15.23
CA ILE E 253 21.68 20.68 -15.10
C ILE E 253 21.98 19.42 -15.87
N LYS E 254 22.96 19.49 -16.73
CA LYS E 254 23.36 18.37 -17.53
C LYS E 254 24.18 17.41 -16.68
N PRO E 255 23.85 16.12 -16.59
CA PRO E 255 24.52 15.11 -15.80
C PRO E 255 25.79 14.65 -16.47
N VAL E 256 26.72 15.56 -16.60
CA VAL E 256 27.98 15.29 -17.26
C VAL E 256 28.93 14.71 -16.25
N VAL E 257 29.57 13.62 -16.58
CA VAL E 257 30.49 13.00 -15.66
C VAL E 257 31.91 13.08 -16.20
N SER E 258 32.78 13.69 -15.43
CA SER E 258 34.17 13.85 -15.83
C SER E 258 35.09 14.00 -14.64
N THR E 259 36.38 13.90 -14.91
CA THR E 259 37.41 14.16 -13.90
C THR E 259 38.29 15.25 -14.45
N GLN E 260 39.06 15.92 -13.58
CA GLN E 260 40.01 16.98 -13.95
C GLN E 260 39.40 18.26 -14.57
N LEU E 261 38.72 18.13 -15.69
CA LEU E 261 38.11 19.28 -16.35
C LEU E 261 36.61 19.09 -16.37
N LEU E 262 35.93 20.13 -15.91
CA LEU E 262 34.49 20.17 -15.85
C LEU E 262 33.99 20.68 -17.16
N LEU E 263 33.14 19.89 -17.79
CA LEU E 263 32.66 20.24 -19.11
C LEU E 263 31.16 20.55 -19.12
N ASN E 264 30.75 21.46 -20.03
CA ASN E 264 29.37 21.86 -20.37
C ASN E 264 28.52 22.29 -19.15
N GLY E 265 29.10 23.00 -18.16
CA GLY E 265 28.42 23.47 -16.96
C GLY E 265 28.22 24.97 -16.98
N SER E 266 27.97 25.52 -15.81
CA SER E 266 27.76 26.93 -15.64
C SER E 266 29.07 27.69 -15.68
N LEU E 267 29.01 28.92 -16.13
CA LEU E 267 30.15 29.82 -16.12
C LEU E 267 30.09 30.71 -14.91
N ALA E 268 31.24 31.29 -14.58
CA ALA E 268 31.44 32.15 -13.41
C ALA E 268 30.93 33.58 -13.58
N GLU E 269 30.43 33.90 -14.77
CA GLU E 269 29.84 35.21 -15.12
C GLU E 269 30.74 36.43 -15.17
N GLU E 270 31.37 36.77 -14.07
CA GLU E 270 32.17 37.99 -14.02
C GLU E 270 33.67 37.84 -14.05
N GLU E 271 34.17 36.78 -13.47
CA GLU E 271 35.60 36.52 -13.36
C GLU E 271 35.79 35.07 -13.05
N VAL E 272 37.01 34.59 -13.06
CA VAL E 272 37.25 33.23 -12.62
C VAL E 272 37.02 33.15 -11.12
N ILE E 273 36.26 32.18 -10.66
CA ILE E 273 35.99 32.11 -9.23
C ILE E 273 36.47 30.83 -8.62
N ILE E 274 37.27 30.98 -7.58
CA ILE E 274 37.82 29.84 -6.89
C ILE E 274 37.13 29.59 -5.57
N ARG E 275 36.59 28.38 -5.40
CA ARG E 275 35.90 28.05 -4.16
C ARG E 275 36.45 26.77 -3.55
N SER E 276 36.52 26.72 -2.24
CA SER E 276 36.93 25.51 -1.55
C SER E 276 36.30 25.50 -0.20
N GLU E 277 36.21 24.33 0.41
CA GLU E 277 35.69 24.25 1.77
C GLU E 277 36.61 24.92 2.81
N ASN E 278 37.95 24.77 2.63
CA ASN E 278 39.02 25.28 3.47
C ASN E 278 40.19 25.64 2.55
N ILE E 279 40.49 26.96 2.42
CA ILE E 279 41.56 27.49 1.55
C ILE E 279 42.95 27.21 2.08
N THR E 280 43.10 27.27 3.40
CA THR E 280 44.36 27.05 4.10
C THR E 280 44.86 25.61 3.99
N ASN E 281 43.94 24.68 4.12
CA ASN E 281 44.23 23.25 4.12
C ASN E 281 44.53 22.76 2.72
N ASN E 282 45.23 21.64 2.62
CA ASN E 282 45.52 21.01 1.33
C ASN E 282 44.83 19.66 1.22
N ALA E 283 43.99 19.35 2.19
CA ALA E 283 43.22 18.12 2.24
C ALA E 283 41.89 18.24 1.50
N LYS E 284 41.60 19.42 0.99
CA LYS E 284 40.36 19.70 0.29
C LYS E 284 40.61 19.96 -1.17
N ASN E 285 39.62 19.72 -2.02
CA ASN E 285 39.86 20.05 -3.40
C ASN E 285 39.48 21.50 -3.61
N ILE E 286 39.74 21.98 -4.81
CA ILE E 286 39.38 23.31 -5.20
C ILE E 286 38.53 23.25 -6.44
N LEU E 287 37.40 23.91 -6.40
CA LEU E 287 36.55 23.90 -7.57
C LEU E 287 36.57 25.27 -8.20
N VAL E 288 36.94 25.32 -9.47
CA VAL E 288 37.07 26.61 -10.10
C VAL E 288 36.17 26.79 -11.28
N GLN E 289 35.39 27.86 -11.27
CA GLN E 289 34.56 28.16 -12.44
C GLN E 289 35.27 29.16 -13.30
N LEU E 290 35.15 29.00 -14.58
CA LEU E 290 35.73 29.94 -15.50
C LEU E 290 34.59 30.82 -15.94
N ASN E 291 34.83 32.11 -16.30
CA ASN E 291 33.79 32.97 -16.89
C ASN E 291 33.72 32.82 -18.43
N GLU E 292 34.85 32.44 -19.07
CA GLU E 292 35.02 32.20 -20.51
C GLU E 292 34.99 30.70 -20.75
N SER E 293 34.41 30.29 -21.87
CA SER E 293 34.41 28.88 -22.25
C SER E 293 35.71 28.53 -22.95
N VAL E 294 36.23 27.32 -22.75
CA VAL E 294 37.39 26.92 -23.53
C VAL E 294 36.97 25.78 -24.45
N GLN E 295 37.14 25.95 -25.75
CA GLN E 295 36.69 24.92 -26.66
C GLN E 295 37.68 23.79 -26.84
N ILE E 296 37.19 22.58 -26.73
CA ILE E 296 37.98 21.38 -26.95
C ILE E 296 37.33 20.45 -28.01
N ASN E 297 38.13 20.00 -29.02
CA ASN E 297 37.71 19.12 -30.12
C ASN E 297 38.36 17.73 -29.98
N CYS E 298 37.55 16.69 -29.66
CA CYS E 298 38.01 15.32 -29.39
C CYS E 298 37.64 14.36 -30.51
N THR E 299 38.54 13.42 -30.78
CA THR E 299 38.28 12.45 -31.82
C THR E 299 38.87 11.07 -31.63
N ARG E 300 38.20 10.11 -32.24
CA ARG E 300 38.63 8.73 -32.39
C ARG E 300 38.41 8.49 -33.88
N PRO E 301 39.40 8.79 -34.71
CA PRO E 301 39.34 8.89 -36.16
C PRO E 301 39.21 7.59 -36.94
N ASN E 302 39.44 6.47 -36.30
CA ASN E 302 39.47 5.21 -37.03
C ASN E 302 38.05 4.77 -37.38
N ASN E 303 37.80 4.34 -38.64
CA ASN E 303 36.48 3.90 -39.11
C ASN E 303 36.27 2.44 -38.70
N ASN E 304 35.48 2.22 -37.62
CA ASN E 304 35.28 0.90 -37.04
C ASN E 304 33.98 0.29 -37.48
N THR E 305 33.92 -1.04 -37.48
CA THR E 305 32.66 -1.69 -37.77
C THR E 305 32.33 -2.54 -36.56
N ARG E 306 31.11 -3.06 -36.52
CA ARG E 306 30.60 -3.92 -35.47
C ARG E 306 30.08 -5.22 -36.02
N LYS E 307 30.17 -6.28 -35.22
CA LYS E 307 29.56 -7.53 -35.64
C LYS E 307 28.68 -8.03 -34.51
N SER E 308 27.60 -8.71 -34.85
CA SER E 308 26.73 -9.22 -33.81
C SER E 308 26.84 -10.73 -33.74
N ILE E 309 27.23 -11.21 -32.58
CA ILE E 309 27.46 -12.61 -32.36
C ILE E 309 26.33 -13.23 -31.60
N ARG E 310 25.77 -14.29 -32.14
CA ARG E 310 24.71 -14.94 -31.42
C ARG E 310 25.38 -15.67 -30.28
N ILE E 311 24.92 -15.47 -29.06
CA ILE E 311 25.62 -16.10 -27.95
C ILE E 311 24.83 -17.12 -27.19
N GLY E 312 23.54 -17.16 -27.43
CA GLY E 312 22.74 -18.05 -26.65
C GLY E 312 21.27 -17.97 -27.06
N PRO E 313 20.41 -18.62 -26.31
CA PRO E 313 19.01 -18.78 -26.56
C PRO E 313 18.25 -17.48 -26.40
N GLY E 314 18.27 -16.71 -27.48
CA GLY E 314 17.59 -15.44 -27.51
C GLY E 314 18.43 -14.19 -27.39
N GLN E 315 19.76 -14.28 -27.45
CA GLN E 315 20.45 -13.01 -27.33
C GLN E 315 21.77 -12.89 -28.08
N TRP E 316 22.34 -11.68 -27.99
CA TRP E 316 23.49 -11.29 -28.77
C TRP E 316 24.56 -10.53 -28.02
N PHE E 317 25.78 -10.69 -28.49
CA PHE E 317 26.92 -9.92 -28.06
C PHE E 317 27.39 -9.00 -29.15
N TYR E 318 27.69 -7.77 -28.79
CA TYR E 318 28.19 -6.86 -29.77
C TYR E 318 29.68 -6.76 -29.69
N ALA E 319 30.32 -7.26 -30.73
CA ALA E 319 31.76 -7.36 -30.77
C ALA E 319 32.37 -6.30 -31.64
N THR E 320 33.59 -5.96 -31.31
CA THR E 320 34.36 -5.06 -32.12
C THR E 320 34.52 -5.74 -33.47
N GLY E 321 34.27 -5.01 -34.54
CA GLY E 321 34.41 -5.50 -35.88
C GLY E 321 35.77 -5.15 -36.42
N ASP E 322 35.86 -4.93 -37.70
CA ASP E 322 37.13 -4.67 -38.34
C ASP E 322 37.40 -3.17 -38.38
N ILE E 323 38.54 -2.79 -38.94
CA ILE E 323 38.89 -1.39 -39.06
C ILE E 323 39.19 -1.05 -40.50
N ILE E 324 38.57 0.00 -40.96
CA ILE E 324 38.72 0.45 -42.30
C ILE E 324 39.65 1.64 -42.34
N GLY E 325 40.73 1.51 -43.10
CA GLY E 325 41.72 2.56 -43.20
C GLY E 325 42.80 2.44 -42.14
N ASP E 326 43.66 3.45 -42.11
CA ASP E 326 44.80 3.50 -41.19
C ASP E 326 44.36 3.69 -39.77
N ILE E 327 45.17 3.20 -38.84
CA ILE E 327 44.87 3.39 -37.43
C ILE E 327 45.71 4.47 -36.79
N ARG E 328 45.02 5.47 -36.26
CA ARG E 328 45.64 6.61 -35.63
C ARG E 328 45.18 6.73 -34.21
N GLN E 329 45.98 7.38 -33.41
CA GLN E 329 45.61 7.53 -32.03
C GLN E 329 44.51 8.57 -31.84
N ALA E 330 43.64 8.30 -30.87
CA ALA E 330 42.59 9.23 -30.48
C ALA E 330 43.22 10.42 -29.79
N HIS E 331 42.62 11.58 -29.93
CA HIS E 331 43.19 12.75 -29.31
C HIS E 331 42.20 13.90 -29.15
N CYS E 332 42.55 14.92 -28.33
CA CYS E 332 41.79 16.16 -28.16
C CYS E 332 42.67 17.38 -28.41
N ASN E 333 42.09 18.35 -29.13
CA ASN E 333 42.74 19.60 -29.45
C ASN E 333 42.19 20.76 -28.61
N VAL E 334 43.10 21.46 -27.91
CA VAL E 334 42.85 22.64 -27.09
C VAL E 334 43.64 23.78 -27.68
N SER E 335 43.01 24.91 -28.00
CA SER E 335 43.84 25.95 -28.56
C SER E 335 44.71 26.56 -27.49
N LYS E 336 45.98 26.70 -27.79
CA LYS E 336 46.95 27.29 -26.89
C LYS E 336 46.67 28.76 -26.69
N ALA E 337 45.95 29.34 -27.65
CA ALA E 337 45.61 30.73 -27.68
C ALA E 337 44.58 31.06 -26.63
N THR E 338 43.89 30.06 -26.12
CA THR E 338 42.90 30.30 -25.11
C THR E 338 43.42 29.76 -23.80
N TRP E 339 44.00 28.56 -23.85
CA TRP E 339 44.45 27.94 -22.63
C TRP E 339 45.51 28.72 -21.85
N ASN E 340 46.48 29.29 -22.56
CA ASN E 340 47.53 30.10 -21.91
C ASN E 340 46.86 31.16 -21.02
N GLU E 341 46.01 31.96 -21.65
CA GLU E 341 45.35 33.10 -21.05
C GLU E 341 44.45 32.63 -19.91
N THR E 342 43.81 31.49 -20.11
CA THR E 342 42.92 30.95 -19.11
C THR E 342 43.68 30.67 -17.83
N LEU E 343 44.86 30.04 -17.93
CA LEU E 343 45.57 29.81 -16.68
C LEU E 343 46.05 31.11 -16.10
N GLY E 344 46.43 32.08 -16.93
CA GLY E 344 46.87 33.33 -16.34
C GLY E 344 45.74 33.93 -15.49
N LYS E 345 44.49 33.80 -15.96
CA LYS E 345 43.37 34.30 -15.17
C LYS E 345 43.21 33.56 -13.86
N VAL E 346 43.42 32.24 -13.90
CA VAL E 346 43.30 31.44 -12.69
C VAL E 346 44.33 31.85 -11.68
N VAL E 347 45.54 32.08 -12.15
CA VAL E 347 46.59 32.49 -11.26
C VAL E 347 46.29 33.82 -10.65
N LYS E 348 45.81 34.77 -11.44
CA LYS E 348 45.50 36.06 -10.89
C LYS E 348 44.56 35.90 -9.70
N GLN E 349 43.58 35.01 -9.82
CA GLN E 349 42.67 34.76 -8.72
C GLN E 349 43.36 34.02 -7.56
N LEU E 350 44.32 33.15 -7.85
CA LEU E 350 45.04 32.43 -6.78
C LEU E 350 45.83 33.39 -5.93
N ARG E 351 46.26 34.50 -6.53
CA ARG E 351 47.01 35.52 -5.83
C ARG E 351 46.18 36.23 -4.79
N LYS E 352 44.87 35.99 -4.75
CA LYS E 352 44.04 36.58 -3.73
C LYS E 352 44.09 35.74 -2.46
N HIS E 353 44.61 34.53 -2.57
CA HIS E 353 44.63 33.60 -1.45
C HIS E 353 46.04 33.25 -0.99
N PHE E 354 47.00 33.30 -1.90
CA PHE E 354 48.33 32.84 -1.57
C PHE E 354 49.38 33.93 -1.78
N GLY E 355 49.69 34.68 -0.72
CA GLY E 355 50.61 35.82 -0.82
C GLY E 355 50.01 36.73 -1.87
N ASN E 356 50.84 37.31 -2.72
CA ASN E 356 50.34 38.10 -3.84
C ASN E 356 51.44 38.17 -4.86
N ASN E 357 52.54 37.56 -4.49
CA ASN E 357 53.79 37.54 -5.20
C ASN E 357 54.47 36.20 -5.32
N THR E 358 53.74 35.11 -5.11
CA THR E 358 54.33 33.79 -5.17
C THR E 358 54.43 33.31 -6.59
N ILE E 359 55.19 32.26 -6.77
CA ILE E 359 55.37 31.63 -8.04
C ILE E 359 54.48 30.40 -8.11
N ILE E 360 53.58 30.37 -9.07
CA ILE E 360 52.67 29.24 -9.13
C ILE E 360 52.87 28.32 -10.30
N ARG E 361 53.15 27.09 -9.96
CA ARG E 361 53.43 26.08 -10.93
C ARG E 361 52.28 25.16 -11.16
N PHE E 362 52.07 24.80 -12.40
CA PHE E 362 51.11 23.78 -12.71
C PHE E 362 51.87 22.55 -13.04
N ALA E 363 51.34 21.42 -12.66
CA ALA E 363 52.04 20.18 -12.88
C ALA E 363 51.12 19.03 -13.18
N ASN E 364 51.73 17.89 -13.46
CA ASN E 364 51.03 16.67 -13.82
C ASN E 364 50.34 16.14 -12.58
N SER E 365 49.63 15.04 -12.73
CA SER E 365 48.92 14.50 -11.61
C SER E 365 49.84 13.72 -10.71
N SER E 366 49.32 13.42 -9.56
CA SER E 366 49.97 12.54 -8.63
C SER E 366 49.69 11.14 -9.15
N GLY E 367 50.35 10.13 -8.57
CA GLY E 367 50.08 8.78 -9.02
C GLY E 367 48.67 8.38 -8.60
N GLY E 368 48.06 7.51 -9.39
CA GLY E 368 46.72 7.03 -9.12
C GLY E 368 46.29 6.19 -10.30
N ASP E 369 45.05 5.75 -10.34
CA ASP E 369 44.66 4.93 -11.46
C ASP E 369 44.32 5.81 -12.66
N LEU E 370 43.98 5.17 -13.76
CA LEU E 370 43.67 5.82 -15.02
C LEU E 370 42.58 6.84 -14.90
N GLU E 371 41.61 6.54 -14.07
CA GLU E 371 40.44 7.38 -13.85
C GLU E 371 40.79 8.75 -13.32
N VAL E 372 41.89 8.86 -12.57
CA VAL E 372 42.22 10.13 -11.99
C VAL E 372 43.48 10.76 -12.54
N THR E 373 44.35 9.98 -13.17
CA THR E 373 45.56 10.56 -13.70
C THR E 373 45.31 11.14 -15.07
N THR E 374 44.31 10.62 -15.77
CA THR E 374 44.00 11.16 -17.09
C THR E 374 42.64 11.81 -17.00
N HIS E 375 42.32 12.61 -18.01
CA HIS E 375 41.01 13.19 -18.01
C HIS E 375 40.04 12.15 -18.46
N SER E 376 38.97 11.99 -17.70
CA SER E 376 37.93 11.05 -18.07
C SER E 376 36.82 11.76 -18.79
N PHE E 377 36.63 11.34 -20.04
CA PHE E 377 35.68 11.91 -20.96
C PHE E 377 34.85 10.87 -21.69
N ASN E 378 33.55 11.07 -21.75
CA ASN E 378 32.73 10.15 -22.54
C ASN E 378 31.99 10.93 -23.58
N CYS E 379 31.97 10.39 -24.81
CA CYS E 379 31.20 10.96 -25.89
C CYS E 379 30.81 9.88 -26.86
N GLY E 380 29.52 9.81 -27.12
CA GLY E 380 28.99 8.84 -28.04
C GLY E 380 28.93 7.48 -27.40
N GLY E 381 29.18 7.39 -26.10
CA GLY E 381 29.19 6.09 -25.48
C GLY E 381 30.61 5.57 -25.37
N GLU E 382 31.59 6.23 -25.99
CA GLU E 382 32.94 5.73 -25.84
C GLU E 382 33.70 6.53 -24.81
N PHE E 383 34.58 5.82 -24.12
CA PHE E 383 35.33 6.39 -23.03
C PHE E 383 36.79 6.65 -23.33
N PHE E 384 37.12 7.92 -23.24
CA PHE E 384 38.41 8.47 -23.54
C PHE E 384 39.15 8.81 -22.26
N TYR E 385 40.43 8.49 -22.27
CA TYR E 385 41.33 8.76 -21.17
C TYR E 385 42.52 9.59 -21.67
N CYS E 386 42.35 10.93 -21.59
CA CYS E 386 43.22 11.91 -22.24
C CYS E 386 44.36 12.38 -21.34
N ASN E 387 45.53 12.38 -21.91
CA ASN E 387 46.74 12.79 -21.20
C ASN E 387 46.86 14.31 -21.24
N THR E 388 46.62 14.92 -20.07
CA THR E 388 46.57 16.34 -19.78
C THR E 388 47.82 16.84 -19.14
N SER E 389 48.86 16.03 -19.08
CA SER E 389 50.05 16.52 -18.39
C SER E 389 50.63 17.75 -19.06
N GLY E 390 50.48 17.88 -20.37
CA GLY E 390 51.05 19.00 -21.10
C GLY E 390 50.14 20.21 -21.03
N LEU E 391 49.02 20.05 -20.39
CA LEU E 391 48.05 21.08 -20.23
C LEU E 391 48.41 21.84 -18.95
N PHE E 392 49.19 21.19 -18.09
CA PHE E 392 49.58 21.72 -16.80
C PHE E 392 51.09 21.59 -16.61
N ASN E 393 51.85 22.41 -17.37
CA ASN E 393 53.31 22.40 -17.45
C ASN E 393 53.98 23.72 -16.99
N SER E 394 53.30 24.88 -17.21
CA SER E 394 53.85 26.22 -16.97
C SER E 394 53.88 26.68 -15.53
N THR E 395 54.71 27.69 -15.29
CA THR E 395 54.83 28.32 -14.01
C THR E 395 54.67 29.81 -14.19
N TRP E 396 53.83 30.41 -13.37
CA TRP E 396 53.53 31.80 -13.49
C TRP E 396 54.14 32.68 -12.40
N ILE E 397 54.64 33.86 -12.81
CA ILE E 397 55.22 34.93 -11.99
C ILE E 397 55.59 36.07 -12.93
N SER E 413 48.75 24.84 -31.33
CA SER E 413 47.64 24.10 -30.75
C SER E 413 48.21 23.01 -29.81
N ILE E 414 47.43 22.64 -28.77
CA ILE E 414 47.77 21.64 -27.77
C ILE E 414 47.09 20.34 -28.09
N THR E 415 47.84 19.27 -28.29
CA THR E 415 47.17 18.02 -28.59
C THR E 415 47.40 17.04 -27.47
N LEU E 416 46.31 16.54 -26.96
CA LEU E 416 46.32 15.59 -25.89
C LEU E 416 46.02 14.22 -26.48
N PRO E 417 46.90 13.24 -26.42
CA PRO E 417 46.63 11.92 -26.94
C PRO E 417 45.63 11.34 -25.97
N CYS E 418 44.74 10.44 -26.42
CA CYS E 418 43.72 9.81 -25.58
C CYS E 418 43.65 8.30 -25.79
N ARG E 419 43.57 7.57 -24.69
CA ARG E 419 43.40 6.15 -24.77
C ARG E 419 41.94 5.79 -24.79
N ILE E 420 41.61 4.67 -25.41
CA ILE E 420 40.24 4.20 -25.40
C ILE E 420 40.11 2.94 -24.59
N LYS E 421 39.15 2.94 -23.69
CA LYS E 421 38.90 1.78 -22.84
C LYS E 421 37.50 1.31 -23.15
N GLN E 422 37.25 0.00 -23.11
CA GLN E 422 35.92 -0.50 -23.44
C GLN E 422 35.15 -1.08 -22.26
N ILE E 423 35.88 -1.76 -21.36
CA ILE E 423 35.25 -2.40 -20.17
C ILE E 423 35.49 -1.47 -18.99
N ILE E 424 34.42 -0.87 -18.46
CA ILE E 424 34.52 0.45 -17.77
C ILE E 424 33.83 0.36 -16.42
N ASN E 425 34.58 0.49 -15.31
CA ASN E 425 33.96 0.84 -14.00
C ASN E 425 33.36 2.24 -14.12
N MET E 426 32.25 2.51 -13.43
CA MET E 426 31.56 3.82 -13.50
C MET E 426 31.48 4.43 -12.10
N TRP E 427 32.02 5.64 -11.92
CA TRP E 427 32.01 6.34 -10.59
C TRP E 427 32.92 5.60 -9.60
N GLN E 428 33.89 4.83 -10.11
CA GLN E 428 34.93 4.21 -9.24
C GLN E 428 34.29 3.47 -8.07
N ARG E 429 33.16 2.78 -8.31
CA ARG E 429 32.52 1.97 -7.24
C ARG E 429 32.59 0.49 -7.65
N ILE E 430 33.35 -0.32 -6.90
CA ILE E 430 33.97 -1.54 -7.51
C ILE E 430 32.98 -2.68 -7.36
N GLY E 431 32.78 -3.46 -8.43
CA GLY E 431 31.85 -4.59 -8.38
C GLY E 431 31.19 -4.85 -9.72
N GLN E 432 31.00 -3.82 -10.54
CA GLN E 432 30.15 -4.04 -11.71
C GLN E 432 30.83 -3.53 -12.95
N ALA E 433 31.25 -4.43 -13.83
CA ALA E 433 31.93 -3.97 -15.03
C ALA E 433 30.97 -3.89 -16.18
N MET E 434 30.95 -2.77 -16.86
CA MET E 434 30.07 -2.65 -18.00
C MET E 434 30.86 -2.66 -19.29
N TYR E 435 30.36 -3.41 -20.25
CA TYR E 435 30.95 -3.49 -21.57
C TYR E 435 30.25 -2.59 -22.53
N ALA E 436 31.00 -1.68 -23.09
CA ALA E 436 30.47 -0.76 -24.04
C ALA E 436 30.54 -1.34 -25.44
N PRO E 437 29.42 -1.50 -26.16
CA PRO E 437 29.39 -1.96 -27.52
C PRO E 437 30.17 -0.91 -28.25
N PRO E 438 30.84 -1.24 -29.34
CA PRO E 438 31.58 -0.32 -30.15
C PRO E 438 30.66 0.58 -30.94
N ILE E 439 31.13 1.76 -31.28
CA ILE E 439 30.38 2.63 -32.16
C ILE E 439 30.98 2.59 -33.56
N GLN E 440 30.13 2.30 -34.53
CA GLN E 440 30.61 2.17 -35.90
C GLN E 440 30.89 3.53 -36.50
N GLY E 441 31.82 3.59 -37.44
CA GLY E 441 32.13 4.87 -38.05
C GLY E 441 33.22 5.53 -37.24
N VAL E 442 33.26 6.85 -37.28
CA VAL E 442 34.31 7.61 -36.60
C VAL E 442 33.62 8.60 -35.74
N ILE E 443 34.33 9.15 -34.77
CA ILE E 443 33.69 10.15 -33.95
C ILE E 443 34.47 11.44 -33.76
N ARG E 444 33.74 12.55 -33.79
CA ARG E 444 34.24 13.88 -33.50
C ARG E 444 33.26 14.56 -32.55
N CYS E 445 33.76 15.07 -31.41
CA CYS E 445 32.99 15.72 -30.35
C CYS E 445 33.56 17.08 -30.04
N VAL E 446 32.68 18.03 -29.86
CA VAL E 446 33.13 19.35 -29.48
C VAL E 446 32.41 19.76 -28.23
N SER E 447 33.17 20.19 -27.25
CA SER E 447 32.58 20.58 -25.97
C SER E 447 33.29 21.78 -25.36
N ASN E 448 32.66 22.37 -24.31
CA ASN E 448 33.18 23.53 -23.58
C ASN E 448 33.71 23.13 -22.21
N ILE E 449 34.92 23.62 -21.85
CA ILE E 449 35.49 23.45 -20.52
C ILE E 449 35.00 24.66 -19.79
N THR E 450 34.26 24.42 -18.71
CA THR E 450 33.64 25.48 -17.96
C THR E 450 34.24 25.60 -16.58
N GLY E 451 35.04 24.61 -16.18
CA GLY E 451 35.65 24.67 -14.87
C GLY E 451 36.75 23.64 -14.68
N LEU E 452 37.43 23.75 -13.55
CA LEU E 452 38.56 22.89 -13.24
C LEU E 452 38.44 22.24 -11.87
N ILE E 453 39.01 21.04 -11.72
CA ILE E 453 39.13 20.44 -10.39
C ILE E 453 40.59 20.41 -10.07
N LEU E 454 41.00 21.17 -9.06
CA LEU E 454 42.41 21.28 -8.74
C LEU E 454 42.74 20.97 -7.30
N THR E 455 43.95 20.50 -7.07
CA THR E 455 44.43 20.30 -5.71
C THR E 455 45.81 20.91 -5.59
N ARG E 456 46.28 21.08 -4.35
CA ARG E 456 47.64 21.59 -4.13
C ARG E 456 48.67 20.48 -3.99
N ASN E 462 56.38 26.84 2.10
CA ASN E 462 57.16 27.53 1.12
C ASN E 462 56.53 28.88 0.88
N SER E 463 57.23 29.92 1.31
CA SER E 463 56.71 31.27 1.24
C SER E 463 56.80 31.91 -0.14
N THR E 464 57.50 31.29 -1.07
CA THR E 464 57.66 31.89 -2.38
C THR E 464 56.99 31.13 -3.51
N THR E 465 56.63 29.87 -3.30
CA THR E 465 56.05 29.08 -4.38
C THR E 465 55.12 27.97 -3.94
N GLU E 466 54.17 27.66 -4.83
CA GLU E 466 53.19 26.58 -4.66
C GLU E 466 52.91 25.94 -6.02
N THR E 467 52.47 24.70 -6.00
CA THR E 467 52.13 23.95 -7.20
C THR E 467 50.72 23.41 -7.17
N PHE E 468 50.05 23.45 -8.30
CA PHE E 468 48.72 22.88 -8.42
C PHE E 468 48.69 21.78 -9.44
N ARG E 469 47.89 20.77 -9.14
CA ARG E 469 47.75 19.61 -10.00
C ARG E 469 46.26 19.30 -10.21
N PRO E 470 45.87 18.64 -11.30
CA PRO E 470 44.51 18.18 -11.55
C PRO E 470 43.99 17.21 -10.49
N GLY E 471 42.70 17.32 -10.16
CA GLY E 471 42.01 16.41 -9.22
C GLY E 471 40.76 15.77 -9.84
N GLY E 472 39.95 15.09 -9.02
CA GLY E 472 38.75 14.44 -9.55
C GLY E 472 38.43 13.17 -8.77
N GLY E 473 37.73 12.25 -9.41
CA GLY E 473 37.34 10.97 -8.80
C GLY E 473 36.04 11.01 -8.01
N ASP E 474 35.95 11.91 -7.04
CA ASP E 474 34.73 12.02 -6.25
C ASP E 474 33.74 12.90 -6.96
N MET E 475 32.75 12.27 -7.56
CA MET E 475 31.80 12.91 -8.44
C MET E 475 30.86 13.82 -7.73
N ARG E 476 30.80 13.73 -6.40
CA ARG E 476 29.89 14.59 -5.70
C ARG E 476 30.29 16.02 -5.89
N ASP E 477 31.57 16.27 -6.17
CA ASP E 477 31.99 17.62 -6.39
C ASP E 477 31.49 18.14 -7.73
N ASN E 478 31.23 17.25 -8.69
CA ASN E 478 30.79 17.78 -9.95
C ASN E 478 29.41 18.28 -9.76
N TRP E 479 28.65 17.53 -9.00
CA TRP E 479 27.29 17.92 -8.76
C TRP E 479 27.28 19.22 -7.97
N ARG E 480 28.16 19.28 -7.00
CA ARG E 480 28.28 20.40 -6.11
C ARG E 480 28.59 21.67 -6.85
N SER E 481 29.40 21.57 -7.90
CA SER E 481 29.84 22.73 -8.64
C SER E 481 28.73 23.40 -9.43
N GLU E 482 27.59 22.73 -9.63
CA GLU E 482 26.52 23.37 -10.36
C GLU E 482 25.44 23.82 -9.40
N LEU E 483 25.33 23.11 -8.28
CA LEU E 483 24.32 23.30 -7.26
C LEU E 483 24.72 24.20 -6.11
N TYR E 484 25.87 24.80 -6.22
CA TYR E 484 26.44 25.61 -5.15
C TYR E 484 25.57 26.81 -4.77
N LYS E 485 24.73 27.26 -5.68
CA LYS E 485 23.90 28.43 -5.44
C LYS E 485 22.48 28.11 -4.98
N TYR E 486 22.18 26.83 -4.72
CA TYR E 486 20.84 26.48 -4.29
C TYR E 486 20.73 25.94 -2.86
N LYS E 487 19.59 26.21 -2.23
CA LYS E 487 19.26 25.71 -0.89
C LYS E 487 17.80 25.24 -0.76
N VAL E 488 17.56 24.21 0.04
CA VAL E 488 16.17 23.77 0.26
C VAL E 488 15.70 23.98 1.68
N VAL E 489 14.54 24.62 1.79
CA VAL E 489 13.92 24.89 3.07
C VAL E 489 12.48 24.43 3.07
N LYS E 490 11.93 24.29 4.26
CA LYS E 490 10.52 23.95 4.39
C LYS E 490 9.80 25.14 4.91
N ILE E 491 8.54 25.23 4.55
CA ILE E 491 7.71 26.34 4.96
C ILE E 491 6.96 26.00 6.22
N GLU E 492 6.99 26.93 7.16
CA GLU E 492 6.30 26.75 8.43
C GLU E 492 5.26 27.84 8.66
N PRO E 493 4.04 27.68 8.15
CA PRO E 493 2.99 28.67 8.10
C PRO E 493 2.37 29.07 9.43
N LEU E 494 2.58 28.33 10.51
CA LEU E 494 1.97 28.76 11.76
C LEU E 494 2.85 29.60 12.63
N GLY E 495 2.37 30.81 12.91
CA GLY E 495 3.08 31.73 13.77
C GLY E 495 2.12 32.23 14.85
N VAL E 496 2.68 32.77 15.91
CA VAL E 496 1.87 33.30 16.99
C VAL E 496 2.33 34.70 17.29
N ALA E 497 1.42 35.62 17.48
CA ALA E 497 1.85 36.99 17.75
C ALA E 497 0.81 37.65 18.63
N PRO E 498 1.18 38.70 19.38
CA PRO E 498 0.32 39.50 20.22
C PRO E 498 -0.60 40.38 19.42
N THR E 499 -1.69 40.80 20.01
CA THR E 499 -2.58 41.82 19.43
C THR E 499 -3.47 42.49 20.47
N ARG E 500 -4.00 43.66 20.13
CA ARG E 500 -4.93 44.35 21.04
C ARG E 500 -6.34 43.80 20.87
N CYS E 501 -6.52 42.51 21.15
CA CYS E 501 -7.80 41.83 20.99
C CYS E 501 -7.89 40.65 21.92
N LYS E 502 -8.98 40.48 22.63
CA LYS E 502 -9.09 39.29 23.47
C LYS E 502 -10.44 38.61 23.23
N ARG E 503 -10.42 37.28 22.96
CA ARG E 503 -11.59 36.43 22.74
C ARG E 503 -11.08 35.04 22.39
N GLY F 2 4.88 37.25 -4.46
CA GLY F 2 4.08 36.32 -5.25
C GLY F 2 3.84 34.97 -4.55
N PHE F 3 4.88 34.43 -3.90
CA PHE F 3 4.88 33.17 -3.15
C PHE F 3 5.25 33.44 -1.71
N LEU F 4 6.37 34.13 -1.53
CA LEU F 4 6.91 34.57 -0.27
C LEU F 4 7.30 36.02 -0.42
N GLY F 5 6.46 36.78 -1.11
CA GLY F 5 6.75 38.17 -1.45
C GLY F 5 7.02 39.05 -0.24
N ALA F 6 6.37 38.74 0.87
CA ALA F 6 6.50 39.53 2.08
C ALA F 6 7.52 38.93 3.03
N ALA F 7 8.31 37.98 2.59
CA ALA F 7 9.22 37.33 3.54
C ALA F 7 10.15 38.30 4.26
N GLY F 8 10.61 39.36 3.61
CA GLY F 8 11.52 40.30 4.26
C GLY F 8 10.80 41.50 4.90
N SER F 9 9.49 41.46 4.94
CA SER F 9 8.70 42.59 5.43
C SER F 9 8.29 42.49 6.89
N THR F 10 7.68 43.58 7.37
CA THR F 10 7.19 43.72 8.73
C THR F 10 5.92 42.94 8.97
N MET F 11 5.54 42.79 10.23
CA MET F 11 4.33 42.02 10.46
C MET F 11 3.16 42.75 9.90
N GLY F 12 3.21 44.07 9.98
CA GLY F 12 2.11 44.86 9.48
C GLY F 12 1.98 44.63 7.98
N ALA F 13 3.08 44.74 7.26
CA ALA F 13 3.04 44.59 5.82
C ALA F 13 2.54 43.23 5.39
N ALA F 14 2.90 42.21 6.15
CA ALA F 14 2.55 40.85 5.84
C ALA F 14 1.15 40.50 6.30
N SER F 15 0.48 41.40 6.98
CA SER F 15 -0.79 41.02 7.55
C SER F 15 -1.83 40.66 6.51
N MET F 16 -1.75 41.19 5.30
CA MET F 16 -2.76 40.88 4.31
C MET F 16 -2.32 39.86 3.31
N THR F 17 -1.21 39.18 3.58
CA THR F 17 -0.69 38.24 2.61
C THR F 17 -0.84 36.79 3.02
N LEU F 18 -1.54 36.49 4.09
CA LEU F 18 -1.55 35.11 4.54
C LEU F 18 -2.13 34.13 3.52
N THR F 19 -3.07 34.57 2.68
CA THR F 19 -3.69 33.70 1.70
C THR F 19 -2.70 33.24 0.66
N VAL F 20 -1.61 33.97 0.53
CA VAL F 20 -0.57 33.73 -0.43
C VAL F 20 0.15 32.45 -0.10
N GLN F 21 0.36 32.20 1.19
CA GLN F 21 1.08 31.02 1.60
C GLN F 21 0.12 29.91 1.97
N ALA F 22 -1.06 30.29 2.44
CA ALA F 22 -2.04 29.36 2.97
C ALA F 22 -2.49 28.31 1.98
N ARG F 23 -2.54 28.68 0.72
CA ARG F 23 -3.03 27.79 -0.31
C ARG F 23 -2.01 26.97 -1.04
N ASN F 24 -0.72 27.09 -0.75
CA ASN F 24 0.23 26.39 -1.63
C ASN F 24 0.50 24.94 -1.27
N LEU F 25 -0.57 24.11 -1.32
CA LEU F 25 -0.54 22.69 -0.96
C LEU F 25 -1.55 21.95 -1.80
N THR F 50 8.07 2.56 -12.73
CA THR F 50 9.30 2.17 -12.03
C THR F 50 9.18 2.28 -10.54
N VAL F 51 9.95 1.45 -9.82
CA VAL F 51 9.99 1.51 -8.37
C VAL F 51 10.53 2.84 -7.93
N TRP F 52 11.39 3.45 -8.72
CA TRP F 52 11.92 4.75 -8.38
C TRP F 52 10.86 5.77 -8.00
N GLY F 53 9.72 5.77 -8.68
CA GLY F 53 8.70 6.77 -8.46
C GLY F 53 8.06 6.68 -7.07
N ILE F 54 8.32 5.59 -6.33
CA ILE F 54 7.77 5.44 -5.01
C ILE F 54 8.27 6.55 -4.14
N LYS F 55 9.46 7.06 -4.43
CA LYS F 55 10.00 8.13 -3.63
C LYS F 55 9.15 9.37 -3.71
N GLN F 56 8.53 9.60 -4.87
CA GLN F 56 7.75 10.79 -5.04
C GLN F 56 6.42 10.57 -4.35
N LEU F 57 5.96 9.33 -4.34
CA LEU F 57 4.71 9.03 -3.67
C LEU F 57 4.88 9.23 -2.18
N GLN F 58 6.03 8.82 -1.66
CA GLN F 58 6.28 8.95 -0.26
C GLN F 58 6.29 10.40 0.12
N ALA F 59 6.87 11.24 -0.75
CA ALA F 59 6.87 12.66 -0.49
C ALA F 59 5.46 13.23 -0.47
N ARG F 60 4.60 12.75 -1.38
CA ARG F 60 3.25 13.25 -1.41
C ARG F 60 2.51 12.89 -0.14
N VAL F 61 2.74 11.69 0.34
CA VAL F 61 2.08 11.27 1.56
C VAL F 61 2.53 12.12 2.70
N LEU F 62 3.81 12.41 2.77
CA LEU F 62 4.29 13.24 3.84
C LEU F 62 3.66 14.61 3.78
N ALA F 63 3.55 15.21 2.61
CA ALA F 63 2.99 16.54 2.56
C ALA F 63 1.60 16.55 3.12
N VAL F 64 0.83 15.50 2.84
CA VAL F 64 -0.50 15.46 3.40
C VAL F 64 -0.45 15.38 4.88
N GLU F 65 0.41 14.55 5.41
CA GLU F 65 0.49 14.41 6.85
C GLU F 65 0.90 15.71 7.54
N ARG F 66 1.83 16.44 6.94
CA ARG F 66 2.25 17.68 7.57
C ARG F 66 1.11 18.67 7.56
N TYR F 67 0.39 18.71 6.45
CA TYR F 67 -0.74 19.58 6.35
C TYR F 67 -1.76 19.30 7.41
N LEU F 68 -2.12 18.04 7.54
CA LEU F 68 -3.14 17.73 8.47
C LEU F 68 -2.74 18.01 9.90
N ARG F 69 -1.49 17.79 10.30
CA ARG F 69 -1.23 18.09 11.71
C ARG F 69 -1.37 19.56 12.00
N ASP F 70 -1.07 20.42 11.05
CA ASP F 70 -1.25 21.82 11.36
C ASP F 70 -2.72 22.13 11.43
N GLN F 71 -3.52 21.51 10.59
CA GLN F 71 -4.93 21.80 10.62
C GLN F 71 -5.57 21.32 11.90
N GLN F 72 -5.11 20.18 12.42
CA GLN F 72 -5.69 19.72 13.65
C GLN F 72 -5.38 20.67 14.76
N LEU F 73 -4.16 21.18 14.79
CA LEU F 73 -3.82 22.08 15.86
C LEU F 73 -4.71 23.28 15.84
N LEU F 74 -5.00 23.80 14.67
CA LEU F 74 -5.88 24.94 14.66
C LEU F 74 -7.27 24.55 15.15
N GLY F 75 -7.76 23.40 14.74
CA GLY F 75 -9.09 23.01 15.15
C GLY F 75 -9.24 22.87 16.66
N ILE F 76 -8.26 22.28 17.31
CA ILE F 76 -8.31 22.08 18.76
C ILE F 76 -8.11 23.36 19.55
N TRP F 77 -7.75 24.44 18.87
CA TRP F 77 -7.57 25.71 19.52
C TRP F 77 -8.77 26.59 19.24
N GLY F 78 -9.76 26.03 18.54
CA GLY F 78 -10.94 26.80 18.15
C GLY F 78 -10.68 27.78 17.00
N CYS F 79 -9.68 27.49 16.13
CA CYS F 79 -9.23 28.34 15.03
C CYS F 79 -9.59 27.72 13.69
N SER F 80 -10.49 26.77 13.69
CA SER F 80 -10.83 26.19 12.42
C SER F 80 -11.48 27.26 11.58
N GLY F 81 -11.05 27.37 10.34
CA GLY F 81 -11.66 28.31 9.42
C GLY F 81 -11.13 29.74 9.51
N LYS F 82 -10.15 30.00 10.36
CA LYS F 82 -9.63 31.36 10.49
C LYS F 82 -8.16 31.46 10.15
N LEU F 83 -7.75 32.56 9.55
CA LEU F 83 -6.33 32.77 9.31
C LEU F 83 -5.73 33.56 10.44
N ILE F 84 -6.55 34.42 11.07
CA ILE F 84 -6.10 35.22 12.21
C ILE F 84 -7.06 35.01 13.41
N CYS F 85 -6.76 33.98 14.23
CA CYS F 85 -7.60 33.46 15.32
C CYS F 85 -7.24 34.08 16.68
N CYS F 86 -8.19 34.80 17.26
CA CYS F 86 -7.97 35.46 18.54
C CYS F 86 -8.46 34.60 19.69
N THR F 87 -7.58 34.35 20.65
CA THR F 87 -7.91 33.51 21.81
C THR F 87 -7.91 34.29 23.13
N ASN F 88 -8.02 33.55 24.24
CA ASN F 88 -8.10 34.05 25.60
C ASN F 88 -6.81 33.84 26.41
N VAL F 89 -5.71 33.67 25.71
CA VAL F 89 -4.40 33.50 26.31
C VAL F 89 -3.62 34.81 26.13
N PRO F 90 -3.14 35.46 27.19
CA PRO F 90 -2.38 36.70 27.18
C PRO F 90 -0.95 36.48 26.82
N TRP F 91 -0.27 37.55 26.44
CA TRP F 91 1.17 37.50 26.32
C TRP F 91 1.93 37.84 27.59
N ASN F 92 3.00 37.08 27.82
CA ASN F 92 3.99 37.21 28.89
C ASN F 92 5.15 38.08 28.40
N SER F 93 5.67 38.96 29.30
CA SER F 93 6.83 39.83 29.05
C SER F 93 8.12 39.04 28.96
N THR F 94 8.05 37.78 29.42
CA THR F 94 9.19 36.90 29.35
C THR F 94 9.23 36.21 28.00
N TRP F 95 8.14 36.26 27.24
CA TRP F 95 8.17 35.61 25.96
C TRP F 95 8.66 36.68 25.03
N SER F 96 8.07 37.85 25.17
CA SER F 96 8.46 38.97 24.34
C SER F 96 8.49 40.26 25.13
N ASN F 97 9.68 40.77 25.38
CA ASN F 97 9.82 42.00 26.14
C ASN F 97 9.80 43.17 25.19
N ARG F 98 8.71 43.29 24.45
CA ARG F 98 8.57 44.28 23.40
C ARG F 98 7.13 44.84 23.27
N ASN F 99 6.99 46.03 22.62
CA ASN F 99 5.72 46.69 22.30
C ASN F 99 5.47 46.75 20.77
N LEU F 100 4.41 47.47 20.33
CA LEU F 100 3.96 47.57 18.93
C LEU F 100 5.02 47.98 17.90
N SER F 101 5.89 48.91 18.27
CA SER F 101 6.88 49.42 17.33
C SER F 101 8.13 48.55 17.31
N GLU F 102 8.15 47.58 18.21
CA GLU F 102 9.26 46.67 18.36
C GLU F 102 8.91 45.30 17.80
N ILE F 103 7.62 44.94 17.85
CA ILE F 103 7.15 43.65 17.40
C ILE F 103 6.65 43.66 15.98
N TRP F 104 5.83 44.63 15.60
CA TRP F 104 5.32 44.60 14.24
C TRP F 104 6.19 45.41 13.37
N ASP F 105 6.41 46.65 13.80
CA ASP F 105 7.24 47.54 13.03
C ASP F 105 8.67 47.25 13.39
N ASN F 106 9.59 47.64 12.53
CA ASN F 106 11.02 47.48 12.77
C ASN F 106 11.33 46.03 13.12
N MET F 107 10.69 45.11 12.42
CA MET F 107 10.83 43.71 12.70
C MET F 107 10.42 42.91 11.50
N THR F 108 10.80 41.66 11.45
CA THR F 108 10.30 40.79 10.41
C THR F 108 9.95 39.45 11.03
N TRP F 109 9.03 38.73 10.40
CA TRP F 109 8.60 37.44 10.91
C TRP F 109 9.73 36.42 11.02
N LEU F 110 10.63 36.38 10.07
CA LEU F 110 11.64 35.34 10.18
C LEU F 110 12.47 35.46 11.45
N GLN F 111 12.88 36.67 11.75
CA GLN F 111 13.70 36.92 12.90
C GLN F 111 12.92 36.78 14.17
N TRP F 112 11.72 37.29 14.14
CA TRP F 112 10.89 37.31 15.31
C TRP F 112 10.55 35.90 15.73
N ASP F 113 10.19 35.07 14.78
CA ASP F 113 9.86 33.72 15.14
C ASP F 113 11.07 33.05 15.77
N LYS F 114 12.26 33.30 15.26
CA LYS F 114 13.40 32.69 15.90
C LYS F 114 13.50 33.16 17.35
N GLU F 115 13.31 34.45 17.55
CA GLU F 115 13.42 35.08 18.86
C GLU F 115 12.52 34.45 19.90
N ILE F 116 11.33 34.03 19.53
CA ILE F 116 10.44 33.45 20.52
C ILE F 116 10.31 31.93 20.43
N SER F 117 11.26 31.25 19.77
CA SER F 117 11.08 29.80 19.60
C SER F 117 10.99 28.99 20.91
N ASN F 118 11.55 29.53 22.01
CA ASN F 118 11.60 28.98 23.37
C ASN F 118 10.21 28.63 23.93
N TYR F 119 9.15 29.37 23.49
CA TYR F 119 7.81 29.28 24.04
C TYR F 119 6.80 28.61 23.14
N THR F 120 7.24 28.01 22.04
CA THR F 120 6.24 27.44 21.15
C THR F 120 5.40 26.39 21.83
N GLN F 121 6.06 25.51 22.57
CA GLN F 121 5.35 24.41 23.17
C GLN F 121 4.40 24.84 24.26
N ILE F 122 4.76 25.87 25.02
CA ILE F 122 3.91 26.21 26.13
C ILE F 122 2.70 26.92 25.63
N ILE F 123 2.86 27.72 24.57
CA ILE F 123 1.72 28.40 24.07
C ILE F 123 0.75 27.41 23.55
N TYR F 124 1.22 26.40 22.84
CA TYR F 124 0.27 25.45 22.33
C TYR F 124 -0.49 24.79 23.46
N GLY F 125 0.16 24.43 24.55
CA GLY F 125 -0.57 23.81 25.65
C GLY F 125 -1.62 24.76 26.23
N LEU F 126 -1.28 26.05 26.30
CA LEU F 126 -2.20 27.03 26.82
C LEU F 126 -3.41 27.15 25.93
N LEU F 127 -3.18 27.07 24.63
CA LEU F 127 -4.28 27.21 23.72
C LEU F 127 -5.23 26.06 23.89
N GLU F 128 -4.71 24.85 24.10
CA GLU F 128 -5.59 23.72 24.27
C GLU F 128 -6.45 23.85 25.49
N GLU F 129 -5.87 24.34 26.57
CA GLU F 129 -6.62 24.48 27.78
C GLU F 129 -7.70 25.52 27.65
N SER F 130 -7.40 26.63 27.00
CA SER F 130 -8.42 27.64 26.88
C SER F 130 -9.60 27.08 26.13
N GLN F 131 -9.36 26.26 25.11
CA GLN F 131 -10.49 25.67 24.39
C GLN F 131 -11.27 24.68 25.25
N ASN F 132 -10.57 23.86 26.01
CA ASN F 132 -11.25 22.82 26.78
C ASN F 132 -12.20 23.40 27.80
N GLN F 133 -11.78 24.53 28.36
CA GLN F 133 -12.54 25.22 29.37
C GLN F 133 -13.79 25.87 28.83
N GLN F 134 -13.83 26.08 27.53
CA GLN F 134 -14.98 26.73 26.97
C GLN F 134 -15.95 25.68 26.50
N GLU F 135 -15.43 24.58 25.99
CA GLU F 135 -16.34 23.57 25.49
C GLU F 135 -17.19 23.00 26.61
N LYS F 136 -16.63 22.81 27.79
CA LYS F 136 -17.44 22.25 28.86
C LYS F 136 -18.58 23.18 29.22
N ASN F 137 -18.36 24.47 29.03
CA ASN F 137 -19.32 25.48 29.40
C ASN F 137 -20.35 25.69 28.32
N GLU F 138 -20.14 24.98 27.21
CA GLU F 138 -21.05 25.07 26.04
C GLU F 138 -22.17 24.04 26.21
N GLN F 139 -21.80 22.79 26.47
CA GLN F 139 -22.82 21.72 26.64
C GLN F 139 -23.69 22.06 27.86
N ASP F 140 -23.06 22.48 28.96
CA ASP F 140 -23.82 22.87 30.18
C ASP F 140 -24.64 24.13 29.89
N LEU F 141 -23.99 25.23 29.49
CA LEU F 141 -24.64 26.58 29.54
C LEU F 141 -25.81 26.63 28.56
N LEU F 142 -25.78 25.84 27.48
CA LEU F 142 -26.97 25.78 26.61
C LEU F 142 -28.08 25.26 27.52
N ALA F 143 -27.74 24.35 28.43
CA ALA F 143 -28.71 23.88 29.44
C ALA F 143 -28.76 24.85 30.63
N UNK G 1 -45.72 -9.24 24.65
CA UNK G 1 -46.68 -10.22 24.17
C UNK G 1 -48.01 -10.14 24.93
N UNK G 2 -47.95 -10.03 26.28
CA UNK G 2 -49.08 -9.93 27.20
C UNK G 2 -48.62 -9.20 28.43
N UNK G 3 -49.56 -8.54 29.12
CA UNK G 3 -49.21 -7.67 30.28
C UNK G 3 -50.26 -7.81 31.39
N UNK G 4 -49.83 -8.23 32.58
CA UNK G 4 -50.82 -8.47 33.67
C UNK G 4 -50.36 -7.85 35.00
N UNK G 5 -51.32 -7.30 35.75
CA UNK G 5 -51.07 -6.67 37.07
C UNK G 5 -50.99 -7.73 38.17
N UNK G 6 -49.93 -7.71 38.99
CA UNK G 6 -49.72 -8.73 40.05
C UNK G 6 -50.77 -8.70 41.16
N UNK G 7 -51.23 -7.51 41.59
CA UNK G 7 -52.13 -7.46 42.77
C UNK G 7 -53.59 -7.75 42.42
N UNK G 8 -54.09 -8.92 42.85
CA UNK G 8 -55.51 -9.30 42.61
C UNK G 8 -56.49 -8.45 43.42
N UNK G 9 -56.19 -8.17 44.69
CA UNK G 9 -57.18 -7.45 45.54
C UNK G 9 -56.51 -6.73 46.71
N UNK G 10 -57.23 -5.81 47.36
CA UNK G 10 -56.68 -5.07 48.52
C UNK G 10 -57.45 -5.40 49.80
N UNK G 11 -56.78 -5.22 50.95
CA UNK G 11 -57.35 -5.39 52.31
C UNK G 11 -58.20 -4.16 52.64
N UNK G 12 -59.27 -4.35 53.43
CA UNK G 12 -60.16 -3.20 53.75
C UNK G 12 -59.53 -2.41 54.90
N UNK G 13 -58.33 -1.89 54.68
CA UNK G 13 -57.64 -1.09 55.72
C UNK G 13 -58.15 0.35 55.71
N UNK G 14 -58.06 1.04 56.85
CA UNK G 14 -58.43 2.47 56.88
C UNK G 14 -57.23 3.29 56.41
N UNK G 15 -57.00 3.34 55.09
CA UNK G 15 -55.86 4.08 54.52
C UNK G 15 -54.53 3.44 54.97
N UNK G 16 -54.41 2.12 54.85
CA UNK G 16 -53.13 1.48 55.16
C UNK G 16 -52.31 1.39 53.90
N UNK G 17 -51.00 1.28 54.04
CA UNK G 17 -50.13 1.10 52.89
C UNK G 17 -50.32 -0.26 52.24
N UNK G 18 -50.22 -0.28 50.92
CA UNK G 18 -50.28 -1.52 50.15
C UNK G 18 -49.63 -1.25 48.82
N UNK G 19 -48.81 -2.17 48.34
CA UNK G 19 -48.22 -1.90 47.05
C UNK G 19 -48.73 -2.82 45.99
N UNK G 20 -48.91 -2.23 44.82
CA UNK G 20 -49.28 -2.95 43.64
C UNK G 20 -48.04 -3.11 42.78
N UNK G 21 -48.05 -4.09 41.91
CA UNK G 21 -46.96 -4.31 41.01
C UNK G 21 -47.42 -4.95 39.72
N UNK G 22 -46.61 -4.76 38.69
CA UNK G 22 -46.90 -5.27 37.37
C UNK G 22 -45.75 -6.03 36.77
N UNK G 23 -46.09 -6.92 35.84
CA UNK G 23 -45.15 -7.74 35.12
C UNK G 23 -45.68 -7.99 33.73
N UNK G 24 -44.79 -8.31 32.79
CA UNK G 24 -45.22 -8.55 31.42
C UNK G 24 -44.27 -9.43 30.65
N UNK G 25 -44.75 -10.00 29.56
CA UNK G 25 -43.93 -10.76 28.63
C UNK G 25 -43.28 -9.79 27.64
N UNK G 26 -42.49 -8.89 28.21
CA UNK G 26 -41.82 -7.82 27.51
C UNK G 26 -40.70 -7.28 28.37
N UNK G 27 -39.73 -6.62 27.77
CA UNK G 27 -38.75 -5.98 28.62
C UNK G 27 -39.37 -4.85 29.40
N UNK G 28 -39.06 -4.70 30.68
CA UNK G 28 -39.61 -3.56 31.41
C UNK G 28 -39.09 -2.26 30.79
N UNK G 29 -37.85 -2.31 30.30
CA UNK G 29 -37.15 -1.18 29.69
C UNK G 29 -37.86 -0.69 28.43
N UNK G 30 -38.75 -1.50 27.90
CA UNK G 30 -39.46 -1.16 26.71
C UNK G 30 -40.21 0.13 26.89
N UNK G 31 -40.73 0.42 28.10
CA UNK G 31 -41.46 1.67 28.25
C UNK G 31 -41.51 2.19 29.66
N UNK G 32 -41.67 3.49 29.76
CA UNK G 32 -41.92 4.16 31.03
C UNK G 32 -43.40 4.04 31.29
N UNK G 33 -43.84 2.81 31.56
CA UNK G 33 -45.24 2.52 31.70
C UNK G 33 -45.83 3.25 32.88
N UNK G 34 -47.07 3.66 32.72
CA UNK G 34 -47.76 4.39 33.76
C UNK G 34 -48.86 3.62 34.37
N UNK G 35 -49.14 3.98 35.61
CA UNK G 35 -50.30 3.44 36.28
C UNK G 35 -51.50 4.10 35.64
N UNK G 36 -52.66 3.46 35.69
CA UNK G 36 -53.85 4.10 35.15
C UNK G 36 -55.11 3.66 35.86
N UNK G 37 -55.12 3.70 37.17
CA UNK G 37 -56.24 3.18 37.94
C UNK G 37 -57.52 3.98 37.72
N UNK G 38 -58.68 3.30 37.85
CA UNK G 38 -59.97 3.96 37.60
C UNK G 38 -61.03 3.77 38.67
N UNK G 39 -61.83 4.77 38.89
CA UNK G 39 -62.91 4.56 39.82
C UNK G 39 -63.92 3.65 39.20
N UNK G 40 -64.65 2.90 40.00
CA UNK G 40 -65.72 2.07 39.44
C UNK G 40 -66.73 2.93 38.69
N UNK G 41 -66.88 4.16 39.14
CA UNK G 41 -67.81 5.12 38.59
C UNK G 41 -67.18 6.15 37.67
N UNK G 42 -65.94 5.97 37.22
CA UNK G 42 -65.34 7.01 36.38
C UNK G 42 -64.23 6.53 35.45
N UNK G 43 -63.91 7.40 34.51
CA UNK G 43 -62.82 7.17 33.58
C UNK G 43 -61.54 7.08 34.36
N UNK G 44 -60.56 6.37 33.82
CA UNK G 44 -59.31 6.24 34.55
C UNK G 44 -58.74 7.56 34.89
N UNK G 45 -58.24 7.62 36.10
CA UNK G 45 -57.58 8.79 36.57
C UNK G 45 -56.25 8.79 35.91
N UNK G 46 -55.73 9.94 35.60
CA UNK G 46 -54.39 9.91 35.12
C UNK G 46 -53.54 9.51 36.30
N UNK G 47 -52.50 8.76 36.06
CA UNK G 47 -51.61 8.43 37.14
C UNK G 47 -50.24 8.59 36.58
N UNK G 48 -49.29 8.84 37.44
CA UNK G 48 -47.95 9.11 36.99
C UNK G 48 -47.26 7.90 36.40
N UNK G 49 -46.40 8.20 35.42
CA UNK G 49 -45.54 7.20 34.82
C UNK G 49 -44.33 6.95 35.65
N UNK G 50 -43.84 5.73 35.64
CA UNK G 50 -42.55 5.52 36.26
C UNK G 50 -41.55 5.63 35.14
N UNK G 51 -40.41 6.23 35.40
CA UNK G 51 -39.40 6.28 34.35
C UNK G 51 -38.87 4.92 34.05
N UNK G 52 -38.39 4.71 32.83
CA UNK G 52 -37.74 3.45 32.56
C UNK G 52 -36.50 3.33 33.46
N UNK G 53 -35.85 4.48 33.73
CA UNK G 53 -34.66 4.54 34.56
C UNK G 53 -34.93 5.16 35.94
N UNK G 54 -34.81 6.50 36.09
CA UNK G 54 -35.01 7.06 37.43
C UNK G 54 -35.63 8.45 37.49
N UNK G 55 -36.94 8.52 37.41
CA UNK G 55 -37.70 9.76 37.50
C UNK G 55 -39.12 9.40 37.93
N UNK G 56 -39.82 10.34 38.54
CA UNK G 56 -41.18 10.06 39.00
C UNK G 56 -41.99 11.32 39.15
N UNK G 57 -43.30 11.13 39.29
CA UNK G 57 -44.25 12.20 39.53
C UNK G 57 -45.41 11.64 40.33
N UNK G 58 -46.15 12.50 41.01
CA UNK G 58 -47.32 12.06 41.71
C UNK G 58 -48.55 12.72 41.13
N UNK G 59 -49.48 11.93 40.65
CA UNK G 59 -50.67 12.50 40.02
C UNK G 59 -51.69 12.87 41.08
N UNK G 60 -51.41 13.93 41.84
CA UNK G 60 -52.24 14.30 42.99
C UNK G 60 -52.36 13.07 43.86
N UNK G 61 -51.22 12.47 44.11
CA UNK G 61 -51.10 11.22 44.81
C UNK G 61 -50.04 11.30 45.86
N UNK G 62 -50.32 12.08 46.88
CA UNK G 62 -49.41 12.24 47.98
C UNK G 62 -49.42 10.95 48.75
N UNK G 63 -48.38 10.71 49.53
CA UNK G 63 -48.31 9.49 50.31
C UNK G 63 -48.42 8.28 49.41
N UNK G 64 -47.69 8.33 48.32
CA UNK G 64 -47.61 7.23 47.39
C UNK G 64 -46.32 7.34 46.64
N UNK G 65 -45.79 6.21 46.16
CA UNK G 65 -44.58 6.32 45.37
C UNK G 65 -44.49 5.37 44.19
N UNK G 66 -43.90 5.90 43.12
CA UNK G 66 -43.59 5.10 41.95
C UNK G 66 -42.35 4.31 42.26
N UNK G 67 -42.25 3.12 41.70
CA UNK G 67 -41.08 2.31 41.89
C UNK G 67 -40.84 1.41 40.68
N UNK G 68 -39.61 0.96 40.53
CA UNK G 68 -39.31 0.04 39.45
C UNK G 68 -38.23 -0.91 39.89
N UNK G 69 -38.26 -2.11 39.34
CA UNK G 69 -37.29 -3.12 39.65
C UNK G 69 -36.38 -3.38 38.48
N UNK G 70 -35.16 -3.76 38.80
CA UNK G 70 -34.24 -4.18 37.77
C UNK G 70 -34.72 -5.45 37.09
N UNK G 71 -35.39 -6.32 37.86
CA UNK G 71 -35.82 -7.61 37.36
C UNK G 71 -37.11 -7.59 36.57
N UNK G 72 -37.11 -6.82 35.49
CA UNK G 72 -38.24 -6.74 34.59
C UNK G 72 -39.57 -6.53 35.30
N UNK G 73 -39.65 -5.59 36.23
CA UNK G 73 -40.91 -5.42 36.95
C UNK G 73 -41.07 -4.00 37.45
N UNK G 74 -42.30 -3.62 37.82
CA UNK G 74 -42.52 -2.27 38.33
C UNK G 74 -43.57 -2.21 39.42
N UNK G 75 -43.59 -1.13 40.21
CA UNK G 75 -44.55 -1.04 41.30
C UNK G 75 -45.09 0.36 41.58
N UNK G 76 -46.23 0.34 42.26
CA UNK G 76 -46.96 1.51 42.70
C UNK G 76 -47.21 1.40 44.20
N UNK G 77 -46.25 1.90 44.94
CA UNK G 77 -46.20 1.73 46.36
C UNK G 77 -47.00 2.77 47.10
N UNK G 78 -48.32 2.68 47.03
CA UNK G 78 -49.14 3.65 47.74
C UNK G 78 -48.88 3.52 49.23
N UNK G 79 -48.75 4.63 49.94
CA UNK G 79 -48.50 4.57 51.38
C UNK G 79 -49.76 4.82 52.19
N UNK G 80 -50.51 5.87 51.86
CA UNK G 80 -51.74 6.09 52.60
C UNK G 80 -52.66 7.04 51.89
N UNK G 81 -53.88 6.61 51.70
CA UNK G 81 -54.88 7.45 51.08
C UNK G 81 -56.22 7.02 51.58
N UNK G 82 -57.20 7.89 51.51
CA UNK G 82 -58.50 7.48 51.99
C UNK G 82 -58.87 6.16 51.37
N UNK G 83 -59.38 5.23 52.19
CA UNK G 83 -59.75 3.93 51.68
C UNK G 83 -60.80 4.10 50.60
N UNK G 84 -61.64 5.11 50.79
CA UNK G 84 -62.72 5.46 49.90
C UNK G 84 -62.22 5.70 48.49
N UNK G 85 -60.98 6.13 48.33
CA UNK G 85 -60.41 6.39 47.04
C UNK G 85 -59.90 5.09 46.43
N UNK G 86 -60.83 4.16 46.25
CA UNK G 86 -60.60 2.84 45.71
C UNK G 86 -60.55 2.93 44.22
N UNK G 87 -59.87 2.00 43.57
CA UNK G 87 -59.84 2.07 42.12
C UNK G 87 -59.47 0.74 41.51
N UNK G 88 -59.92 0.55 40.28
CA UNK G 88 -59.50 -0.57 39.50
C UNK G 88 -58.03 -0.42 39.28
N UNK G 89 -57.21 -1.45 39.41
CA UNK G 89 -55.83 -1.22 39.09
C UNK G 89 -55.77 -1.17 37.61
N UNK G 90 -54.78 -0.49 37.07
CA UNK G 90 -54.54 -0.53 35.65
C UNK G 90 -53.17 0.02 35.41
N UNK G 91 -52.63 -0.28 34.24
CA UNK G 91 -51.34 0.24 33.82
C UNK G 91 -51.24 0.16 32.31
N UNK G 92 -50.37 0.98 31.70
CA UNK G 92 -50.14 0.87 30.27
C UNK G 92 -48.77 1.34 29.80
N UNK G 93 -48.22 0.63 28.82
CA UNK G 93 -46.98 1.03 28.17
C UNK G 93 -47.32 2.01 27.08
N UNK G 94 -46.42 2.87 26.65
CA UNK G 94 -46.74 3.69 25.48
C UNK G 94 -45.48 4.05 24.72
N UNK G 95 -45.53 3.99 23.39
CA UNK G 95 -44.34 4.42 22.61
C UNK G 95 -44.58 4.33 21.11
N UNK G 96 -43.63 4.85 20.33
CA UNK G 96 -43.58 4.60 18.88
C UNK G 96 -42.38 5.32 18.26
N UNK G 97 -41.99 4.92 17.05
CA UNK G 97 -40.92 5.64 16.33
C UNK G 97 -41.50 5.99 14.96
N UNK G 98 -41.02 7.05 14.31
CA UNK G 98 -41.67 7.49 13.05
C UNK G 98 -43.13 7.80 13.36
N UNK G 99 -43.48 7.79 14.65
CA UNK G 99 -44.87 8.14 15.04
C UNK G 99 -44.85 8.47 16.55
N UNK G 100 -45.89 9.12 17.04
CA UNK G 100 -45.93 9.51 18.48
C UNK G 100 -46.36 8.34 19.38
N UNK G 101 -45.96 8.38 20.66
CA UNK G 101 -46.28 7.30 21.60
C UNK G 101 -47.80 7.17 21.79
N UNK G 102 -48.32 5.95 21.56
CA UNK G 102 -49.65 5.54 21.98
C UNK G 102 -49.57 4.38 22.93
N UNK G 103 -50.60 4.27 23.76
CA UNK G 103 -50.71 3.27 24.81
C UNK G 103 -51.02 1.85 24.36
N UNK G 104 -50.55 0.92 25.17
CA UNK G 104 -50.74 -0.51 25.10
C UNK G 104 -51.06 -1.03 26.52
N UNK G 105 -52.35 -0.94 26.87
CA UNK G 105 -52.87 -1.25 28.20
C UNK G 105 -52.71 -2.69 28.61
N UNK G 106 -52.45 -2.87 29.91
CA UNK G 106 -52.29 -4.16 30.58
C UNK G 106 -53.58 -4.58 31.29
N UNK G 107 -53.76 -5.88 31.50
CA UNK G 107 -54.89 -6.39 32.27
C UNK G 107 -54.71 -6.03 33.74
N UNK G 108 -55.80 -5.92 34.50
CA UNK G 108 -55.63 -5.61 35.92
C UNK G 108 -56.84 -5.98 36.77
N UNK G 109 -56.61 -6.15 38.08
CA UNK G 109 -57.65 -6.42 39.08
C UNK G 109 -57.97 -5.16 39.87
N UNK G 110 -59.17 -5.04 40.42
CA UNK G 110 -59.43 -3.87 41.22
C UNK G 110 -58.94 -3.93 42.64
N UNK G 111 -58.61 -2.74 43.17
CA UNK G 111 -58.18 -2.59 44.55
C UNK G 111 -59.31 -2.08 45.43
N UNK G 112 -59.72 -2.94 46.35
CA UNK G 112 -60.80 -2.68 47.29
C UNK G 112 -60.41 -1.57 48.26
N UNK G 113 -61.42 -0.79 48.75
CA UNK G 113 -61.33 0.28 49.74
C UNK G 113 -60.92 -0.29 51.12
N UNK H 1 -54.46 20.63 35.07
CA UNK H 1 -54.95 20.80 33.69
C UNK H 1 -56.44 21.17 33.72
N UNK H 2 -57.00 21.69 32.61
CA UNK H 2 -58.43 22.09 32.51
C UNK H 2 -59.46 20.93 32.47
N UNK H 3 -59.26 19.90 31.64
CA UNK H 3 -60.20 18.74 31.52
C UNK H 3 -61.67 19.13 31.28
N UNK H 4 -61.99 19.87 30.20
CA UNK H 4 -63.38 20.38 29.96
C UNK H 4 -64.49 19.33 29.72
N UNK H 5 -64.28 18.30 28.89
CA UNK H 5 -65.34 17.29 28.57
C UNK H 5 -66.65 17.92 28.05
N UNK H 6 -66.59 18.76 27.01
CA UNK H 6 -67.79 19.45 26.50
C UNK H 6 -68.69 18.53 25.65
N UNK H 7 -68.18 17.40 25.17
CA UNK H 7 -68.84 16.53 24.23
C UNK H 7 -70.22 16.19 24.71
N UNK H 8 -71.17 16.13 23.80
CA UNK H 8 -72.46 15.66 24.23
C UNK H 8 -72.24 14.23 24.61
N UNK H 9 -72.85 13.78 25.69
CA UNK H 9 -72.60 12.41 26.09
C UNK H 9 -73.83 11.56 26.19
N UNK H 10 -74.92 11.98 25.57
CA UNK H 10 -76.18 11.24 25.70
C UNK H 10 -76.78 10.57 24.45
N UNK H 11 -76.21 10.71 23.26
CA UNK H 11 -76.93 10.11 22.11
C UNK H 11 -76.09 9.77 20.89
N UNK H 12 -76.60 8.82 20.11
CA UNK H 12 -76.00 8.42 18.84
C UNK H 12 -77.06 7.94 17.87
N UNK H 13 -76.70 7.93 16.59
CA UNK H 13 -77.54 7.37 15.55
C UNK H 13 -76.75 6.23 14.94
N UNK H 14 -77.42 5.20 14.44
CA UNK H 14 -76.69 4.10 13.80
C UNK H 14 -76.10 4.53 12.46
N UNK H 15 -74.90 4.04 12.14
CA UNK H 15 -74.26 4.32 10.85
C UNK H 15 -74.32 5.80 10.58
N UNK H 16 -73.75 6.57 11.49
CA UNK H 16 -73.93 8.00 11.44
C UNK H 16 -72.72 8.80 11.88
N UNK H 17 -72.78 10.09 11.58
CA UNK H 17 -71.74 11.01 11.96
C UNK H 17 -71.81 11.32 13.43
N UNK H 18 -70.69 11.78 13.98
CA UNK H 18 -70.62 12.12 15.40
C UNK H 18 -69.65 13.24 15.63
N UNK H 19 -69.76 13.86 16.80
CA UNK H 19 -68.85 14.93 17.21
C UNK H 19 -68.67 14.89 18.73
N UNK H 20 -67.54 15.42 19.17
CA UNK H 20 -67.21 15.52 20.59
C UNK H 20 -66.41 16.79 20.81
N UNK H 21 -66.35 17.25 22.06
CA UNK H 21 -65.62 18.47 22.32
C UNK H 21 -65.12 18.64 23.74
N UNK H 22 -64.10 19.47 23.86
CA UNK H 22 -63.66 19.92 25.18
C UNK H 22 -62.80 21.15 25.07
N UNK H 23 -62.92 22.07 25.98
CA UNK H 23 -61.95 23.15 26.01
C UNK H 23 -60.62 22.57 26.46
N UNK H 24 -59.55 23.14 25.93
CA UNK H 24 -58.20 22.77 26.25
C UNK H 24 -57.30 24.00 26.17
N UNK H 25 -56.02 23.82 26.42
CA UNK H 25 -55.10 24.93 26.41
C UNK H 25 -53.71 24.43 26.04
N UNK H 26 -52.84 25.35 25.64
CA UNK H 26 -51.46 25.02 25.30
C UNK H 26 -51.39 24.01 24.17
N UNK H 27 -50.79 22.85 24.41
CA UNK H 27 -50.64 21.81 23.39
C UNK H 27 -49.94 22.34 22.13
N UNK H 28 -48.83 23.07 22.33
CA UNK H 28 -48.03 23.64 21.24
C UNK H 28 -47.40 22.59 20.33
N UNK H 29 -47.00 21.46 20.92
CA UNK H 29 -46.35 20.39 20.18
C UNK H 29 -46.95 19.09 20.67
N UNK H 30 -46.76 18.80 21.95
CA UNK H 30 -47.41 17.64 22.52
C UNK H 30 -48.87 17.98 22.48
N UNK H 31 -49.73 17.03 22.20
CA UNK H 31 -51.12 17.40 22.14
C UNK H 31 -52.01 16.24 22.52
N UNK H 32 -53.24 16.60 22.88
CA UNK H 32 -54.25 15.72 23.41
C UNK H 32 -54.57 14.57 22.51
N UNK H 33 -54.90 13.44 23.15
CA UNK H 33 -55.18 12.25 22.39
C UNK H 33 -56.61 11.81 22.38
N UNK H 34 -56.98 11.27 21.23
CA UNK H 34 -58.28 10.72 20.99
C UNK H 34 -58.25 9.28 21.44
N UNK H 35 -58.15 9.13 22.73
CA UNK H 35 -58.16 7.83 23.33
C UNK H 35 -59.58 7.35 23.09
N UNK H 36 -59.76 6.07 22.95
CA UNK H 36 -61.04 5.52 22.64
C UNK H 36 -61.19 4.18 23.27
N UNK H 37 -61.49 4.16 24.55
CA UNK H 37 -61.52 2.90 25.25
C UNK H 37 -62.56 2.00 24.66
N UNK H 38 -62.27 0.71 24.62
CA UNK H 38 -63.19 -0.27 24.13
C UNK H 38 -64.18 -0.57 25.24
N UNK H 39 -65.43 -0.85 24.91
CA UNK H 39 -66.37 -1.15 25.95
C UNK H 39 -66.06 -2.49 26.58
N UNK H 40 -66.03 -2.52 27.91
CA UNK H 40 -65.75 -3.76 28.63
C UNK H 40 -64.48 -4.41 28.08
N UNK H 41 -63.49 -3.60 27.80
CA UNK H 41 -62.28 -4.07 27.19
C UNK H 41 -61.15 -3.06 27.39
N UNK H 42 -60.04 -3.28 26.69
CA UNK H 42 -58.83 -2.49 26.82
C UNK H 42 -59.03 -1.02 26.48
N UNK H 43 -58.22 -0.19 27.14
CA UNK H 43 -58.24 1.25 26.91
C UNK H 43 -57.49 1.65 25.65
N UNK H 44 -58.10 1.33 24.53
CA UNK H 44 -57.67 1.54 23.15
C UNK H 44 -57.68 3.02 22.76
N UNK H 45 -57.06 3.35 21.63
CA UNK H 45 -57.03 4.74 21.12
C UNK H 45 -57.16 4.80 19.61
N UNK H 46 -57.73 5.92 19.12
CA UNK H 46 -57.96 6.17 17.70
C UNK H 46 -56.96 7.12 17.06
N UNK H 47 -56.53 8.13 17.78
CA UNK H 47 -55.61 9.15 17.27
C UNK H 47 -54.88 9.81 18.42
N UNK H 48 -53.76 10.43 18.16
CA UNK H 48 -52.97 11.08 19.20
C UNK H 48 -52.32 12.34 18.74
N UNK H 49 -51.82 13.14 19.65
CA UNK H 49 -51.12 14.34 19.24
C UNK H 49 -51.94 15.21 18.31
N UNK H 50 -53.19 15.49 18.67
CA UNK H 50 -54.07 16.32 17.86
C UNK H 50 -54.38 15.73 16.51
N UNK H 51 -55.15 14.65 16.53
CA UNK H 51 -55.62 13.94 15.34
C UNK H 51 -54.56 13.26 14.47
N UNK H 52 -53.51 12.74 15.05
CA UNK H 52 -52.61 11.94 14.27
C UNK H 52 -53.18 10.54 14.35
N UNK H 53 -53.74 10.02 13.27
CA UNK H 53 -54.43 8.74 13.40
C UNK H 53 -53.49 7.69 13.92
N UNK H 54 -54.02 6.84 14.81
CA UNK H 54 -53.21 5.78 15.45
C UNK H 54 -53.06 4.58 14.49
N UNK H 55 -52.16 3.65 14.81
CA UNK H 55 -52.00 2.43 13.97
C UNK H 55 -53.28 1.60 14.08
N UNK H 56 -53.78 1.09 12.96
CA UNK H 56 -55.02 0.26 12.95
C UNK H 56 -56.21 1.12 13.39
N UNK H 57 -56.12 2.44 13.25
CA UNK H 57 -57.24 3.34 13.60
C UNK H 57 -58.34 3.21 12.54
N UNK H 58 -59.60 3.39 12.94
CA UNK H 58 -60.70 3.36 11.93
C UNK H 58 -60.58 4.61 11.05
N UNK H 59 -60.58 4.41 9.72
CA UNK H 59 -60.52 5.54 8.77
C UNK H 59 -61.79 6.38 8.92
N UNK H 60 -62.93 5.72 9.14
CA UNK H 60 -64.23 6.45 9.20
C UNK H 60 -64.21 7.47 10.34
N UNK H 61 -63.64 7.11 11.49
CA UNK H 61 -63.68 8.06 12.62
C UNK H 61 -62.92 9.32 12.18
N UNK H 62 -63.52 10.49 12.39
CA UNK H 62 -62.87 11.74 11.91
C UNK H 62 -61.68 12.06 12.81
N UNK H 63 -60.46 11.88 12.32
CA UNK H 63 -59.32 12.35 13.06
C UNK H 63 -59.38 13.86 13.07
N UNK H 64 -60.27 14.35 13.89
CA UNK H 64 -60.56 15.76 14.00
C UNK H 64 -60.00 16.27 15.32
N UNK H 65 -59.55 17.52 15.32
CA UNK H 65 -58.96 18.17 16.49
C UNK H 65 -59.03 19.67 16.32
N UNK H 66 -58.88 20.44 17.41
CA UNK H 66 -58.87 21.88 17.25
C UNK H 66 -57.83 22.52 18.17
N UNK H 67 -57.34 23.70 17.78
CA UNK H 67 -56.40 24.34 18.67
C UNK H 67 -57.07 24.64 19.98
N UNK H 68 -56.42 24.25 21.06
CA UNK H 68 -56.92 24.46 22.41
C UNK H 68 -58.32 23.87 22.57
N UNK H 69 -58.64 22.76 21.87
CA UNK H 69 -59.90 22.10 22.09
C UNK H 69 -59.92 20.66 21.55
N UNK H 70 -60.74 19.83 22.16
CA UNK H 70 -60.98 18.54 21.58
C UNK H 70 -62.02 18.80 20.53
N UNK H 71 -61.92 18.09 19.42
CA UNK H 71 -62.93 18.21 18.39
C UNK H 71 -63.02 16.93 17.61
N UNK H 72 -63.18 15.81 18.30
CA UNK H 72 -63.24 14.53 17.63
C UNK H 72 -64.55 14.39 16.89
N UNK H 73 -64.58 13.53 15.87
CA UNK H 73 -65.81 13.34 15.12
C UNK H 73 -65.81 11.98 14.45
N UNK H 74 -66.89 11.62 13.79
CA UNK H 74 -66.99 10.36 13.04
C UNK H 74 -67.91 10.55 11.87
N UNK H 75 -67.82 9.69 10.86
CA UNK H 75 -68.74 9.85 9.72
C UNK H 75 -69.32 8.53 9.27
N UNK H 76 -70.66 8.43 9.32
CA UNK H 76 -71.38 7.22 8.91
C UNK H 76 -70.78 6.02 9.58
N UNK H 77 -70.44 6.18 10.85
CA UNK H 77 -69.76 5.16 11.56
C UNK H 77 -70.69 4.20 12.24
N UNK H 78 -70.24 2.96 12.26
CA UNK H 78 -70.87 1.87 12.96
C UNK H 78 -69.73 1.03 13.50
N UNK H 79 -68.82 1.69 14.21
CA UNK H 79 -67.60 1.05 14.69
C UNK H 79 -67.81 0.28 15.97
N UNK H 80 -68.59 -0.79 15.88
CA UNK H 80 -68.94 -1.71 16.97
C UNK H 80 -69.84 -1.10 18.04
N UNK H 81 -69.35 -0.08 18.73
CA UNK H 81 -70.14 0.55 19.78
C UNK H 81 -69.72 1.96 20.08
N UNK H 82 -70.65 2.74 20.59
CA UNK H 82 -70.30 4.06 21.08
C UNK H 82 -69.79 3.92 22.51
N UNK H 83 -68.60 3.33 22.59
CA UNK H 83 -67.87 3.02 23.81
C UNK H 83 -67.43 4.32 24.41
N UNK H 84 -67.20 4.34 25.72
CA UNK H 84 -66.81 5.60 26.30
C UNK H 84 -65.61 6.19 25.60
N UNK H 85 -65.77 7.46 25.30
CA UNK H 85 -64.84 8.34 24.65
C UNK H 85 -63.80 8.82 25.61
N UNK H 86 -62.80 9.48 25.08
CA UNK H 86 -61.82 10.08 25.94
C UNK H 86 -61.10 11.22 25.22
N UNK H 87 -60.60 12.13 26.02
CA UNK H 87 -59.78 13.24 25.55
C UNK H 87 -58.64 13.42 26.52
N UNK H 88 -57.55 12.70 26.27
CA UNK H 88 -56.41 12.70 27.15
C UNK H 88 -55.66 14.00 27.06
N UNK H 89 -55.18 14.49 28.18
CA UNK H 89 -54.39 15.70 28.26
C UNK H 89 -52.99 15.45 27.77
N UNK H 90 -52.33 16.53 27.42
CA UNK H 90 -50.97 16.48 26.95
C UNK H 90 -50.28 17.76 27.31
N UNK H 91 -48.97 17.74 27.20
CA UNK H 91 -48.15 18.91 27.47
C UNK H 91 -48.32 19.37 28.90
N UNK H 92 -48.41 18.41 29.81
CA UNK H 92 -48.50 18.68 31.22
C UNK H 92 -47.87 17.56 31.99
N UNK H 93 -47.13 17.88 33.06
CA UNK H 93 -46.64 16.83 33.95
C UNK H 93 -47.84 16.27 34.66
N UNK H 94 -48.77 17.17 34.94
CA UNK H 94 -49.99 16.86 35.61
C UNK H 94 -50.96 16.29 34.61
N UNK H 95 -50.69 15.06 34.23
CA UNK H 95 -51.49 14.40 33.23
C UNK H 95 -52.89 14.30 33.76
N UNK H 96 -53.84 14.40 32.87
CA UNK H 96 -55.26 14.35 33.18
C UNK H 96 -56.01 13.83 31.98
N UNK H 97 -57.23 13.36 32.17
CA UNK H 97 -58.02 12.98 31.01
C UNK H 97 -59.49 13.06 31.36
N UNK H 98 -60.33 13.36 30.38
CA UNK H 98 -61.78 13.35 30.60
C UNK H 98 -62.53 13.00 29.31
N UNK H 99 -63.69 13.66 29.12
CA UNK H 99 -64.57 13.52 27.96
C UNK H 99 -65.07 12.12 27.73
N UNK H 100 -65.42 11.41 28.80
CA UNK H 100 -65.90 10.06 28.67
C UNK H 100 -67.38 9.99 28.33
N UNK H 101 -67.68 10.47 27.14
CA UNK H 101 -68.99 10.51 26.56
C UNK H 101 -69.35 9.10 26.10
N UNK H 102 -70.63 8.72 26.07
CA UNK H 102 -70.94 7.37 25.56
C UNK H 102 -72.31 7.41 24.95
N UNK H 103 -72.66 6.45 24.10
CA UNK H 103 -73.98 6.59 23.50
C UNK H 103 -74.62 5.31 22.97
N UNK H 104 -75.90 5.47 22.61
CA UNK H 104 -76.69 4.43 21.98
C UNK H 104 -77.73 5.12 21.08
N UNK H 105 -78.23 4.39 20.06
CA UNK H 105 -79.26 4.84 19.12
C UNK H 105 -80.58 4.14 19.45
C1 NAG I . -7.67 -25.50 -44.95
C2 NAG I . -6.21 -25.00 -45.34
C3 NAG I . -6.19 -24.75 -46.89
C4 NAG I . -6.57 -26.08 -47.65
C5 NAG I . -8.00 -26.51 -47.18
C6 NAG I . -8.48 -27.82 -47.78
C7 NAG I . -5.32 -23.69 -43.42
C8 NAG I . -5.09 -22.36 -42.77
N2 NAG I . -5.92 -23.73 -44.62
O3 NAG I . -4.88 -24.29 -47.27
O4 NAG I . -6.61 -25.86 -49.09
O5 NAG I . -8.00 -26.70 -45.71
O6 NAG I . -7.56 -28.90 -47.58
O7 NAG I . -4.95 -24.72 -42.84
C1 NAG I . -5.42 -26.34 -49.90
C2 NAG I . -5.92 -26.80 -51.32
C3 NAG I . -4.66 -27.28 -52.14
C4 NAG I . -3.63 -26.10 -52.24
C5 NAG I . -3.21 -25.66 -50.80
C6 NAG I . -2.28 -24.44 -50.80
C7 NAG I . -8.15 -27.91 -51.52
C8 NAG I . -9.03 -29.12 -51.34
N2 NAG I . -6.86 -27.95 -51.16
O3 NAG I . -5.08 -27.68 -53.46
O4 NAG I . -2.48 -26.56 -52.96
O5 NAG I . -4.42 -25.28 -50.03
O6 NAG I . -2.89 -23.28 -51.36
O7 NAG I . -8.65 -26.88 -52.02
C1 NAG J . -16.96 -20.97 -22.39
C2 NAG J . -15.54 -21.54 -22.50
C3 NAG J . -15.58 -23.06 -22.36
C4 NAG J . -16.30 -23.46 -21.08
C5 NAG J . -17.68 -22.83 -21.03
C6 NAG J . -18.41 -23.06 -19.74
C7 NAG J . -13.90 -20.40 -23.95
C8 NAG J . -13.53 -20.09 -25.37
N2 NAG J . -14.95 -21.20 -23.78
O3 NAG J . -14.26 -23.58 -22.39
O4 NAG J . -16.43 -24.88 -21.07
O5 NAG J . -17.59 -21.39 -21.20
O6 NAG J . -17.68 -22.54 -18.62
O7 NAG J . -13.27 -19.95 -23.00
C1 NAG J . -16.29 -25.39 -19.73
C2 NAG J . -16.50 -26.90 -19.75
C3 NAG J . -16.41 -27.45 -18.34
C4 NAG J . -15.09 -27.04 -17.69
C5 NAG J . -14.96 -25.52 -17.75
C6 NAG J . -13.62 -25.03 -17.22
C7 NAG J . -17.85 -28.00 -21.46
C8 NAG J . -16.54 -28.38 -22.10
N2 NAG J . -17.76 -27.26 -20.35
O3 NAG J . -16.54 -28.87 -18.36
O4 NAG J . -15.09 -27.46 -16.33
O5 NAG J . -15.07 -25.05 -19.11
O6 NAG J . -13.25 -25.73 -16.03
O7 NAG J . -18.92 -28.37 -21.91
C1 NAG K . 10.08 -43.61 -29.21
C2 NAG K . 8.78 -44.51 -29.02
C3 NAG K . 8.98 -45.38 -27.74
C4 NAG K . 10.25 -46.28 -27.87
C5 NAG K . 11.49 -45.34 -28.14
C6 NAG K . 12.79 -46.09 -28.43
C7 NAG K . 6.72 -43.41 -29.88
C8 NAG K . 5.49 -42.59 -29.64
N2 NAG K . 7.56 -43.68 -28.87
O3 NAG K . 7.80 -46.20 -27.56
O4 NAG K . 10.44 -46.92 -26.56
O5 NAG K . 11.25 -44.49 -29.34
O6 NAG K . 12.65 -47.13 -29.39
O7 NAG K . 6.94 -43.84 -31.03
C1 NAG K . 10.78 -48.40 -26.54
C2 NAG K . 11.61 -48.68 -25.23
C3 NAG K . 12.00 -50.20 -25.21
C4 NAG K . 10.70 -51.08 -25.25
C5 NAG K . 9.88 -50.72 -26.55
C6 NAG K . 8.52 -51.42 -26.61
C7 NAG K . 13.03 -46.81 -24.38
C8 NAG K . 14.30 -46.02 -24.47
N2 NAG K . 12.84 -47.84 -25.23
O3 NAG K . 12.75 -50.49 -24.02
O4 NAG K . 11.08 -52.46 -25.26
O5 NAG K . 9.58 -49.25 -26.56
O6 NAG K . 8.64 -52.82 -26.81
O7 NAG K . 12.17 -46.51 -23.52
C1 NAG L . 22.64 -39.77 22.75
C2 NAG L . 21.45 -40.24 21.80
C3 NAG L . 20.91 -41.60 22.39
C4 NAG L . 22.05 -42.67 22.43
C5 NAG L . 23.23 -42.12 23.30
C6 NAG L . 24.47 -43.02 23.31
C7 NAG L . 20.31 -38.20 20.90
C8 NAG L . 19.21 -37.17 20.97
N2 NAG L . 20.38 -39.21 21.80
O3 NAG L . 19.80 -42.07 21.59
O4 NAG L . 21.56 -43.84 23.13
O5 NAG L . 23.68 -40.81 22.77
O6 NAG L . 25.28 -42.78 24.45
O7 NAG L . 21.16 -38.10 20.01
C1 NAG L . 21.33 -45.09 22.31
C2 NAG L . 21.42 -46.33 23.28
C3 NAG L . 21.16 -47.63 22.44
C4 NAG L . 19.75 -47.54 21.74
C5 NAG L . 19.72 -46.26 20.82
C6 NAG L . 18.36 -46.04 20.16
C7 NAG L . 23.11 -45.94 25.08
C8 NAG L . 24.52 -46.05 25.60
N2 NAG L . 22.80 -46.41 23.87
O3 NAG L . 21.19 -48.77 23.31
O4 NAG L . 19.54 -48.71 20.95
O5 NAG L . 20.03 -45.05 21.64
O6 NAG L . 17.27 -46.05 21.08
O7 NAG L . 22.26 -45.42 25.82
C1 NAG M . 23.77 -15.72 24.89
C2 NAG M . 24.02 -16.22 23.40
C3 NAG M . 25.54 -16.46 23.17
C4 NAG M . 26.33 -15.14 23.44
C5 NAG M . 26.04 -14.68 24.92
C6 NAG M . 26.63 -13.32 25.29
C7 NAG M . 22.47 -17.72 22.18
C8 NAG M . 21.79 -19.04 22.08
N2 NAG M . 23.28 -17.49 23.22
O3 NAG M . 25.73 -16.86 21.81
O4 NAG M . 27.73 -15.47 23.24
O5 NAG M . 24.56 -14.50 25.10
O6 NAG M . 26.34 -12.30 24.35
O7 NAG M . 22.27 -16.87 21.31
C1 NAG M . 28.60 -14.44 22.58
C2 NAG M . 30.06 -14.53 23.17
C3 NAG M . 30.92 -13.40 22.52
C4 NAG M . 30.93 -13.59 20.95
C5 NAG M . 29.44 -13.58 20.43
C6 NAG M . 29.35 -13.93 18.94
C7 NAG M . 29.88 -15.45 25.48
C8 NAG M . 29.82 -15.28 26.96
N2 NAG M . 30.01 -14.39 24.66
O3 NAG M . 32.24 -13.48 23.08
O4 NAG M . 31.58 -12.43 20.36
O5 NAG M . 28.63 -14.60 21.13
O6 NAG M . 29.62 -15.31 18.67
O7 NAG M . 29.84 -16.59 25.00
C1 BMA M . 32.97 -12.63 19.83
C2 BMA M . 33.35 -11.42 18.96
C3 BMA M . 34.73 -11.68 18.35
C4 BMA M . 35.71 -11.88 19.50
C5 BMA M . 35.27 -13.07 20.35
C6 BMA M . 36.18 -13.27 21.53
O2 BMA M . 33.40 -10.24 19.75
O3 BMA M . 35.16 -10.55 17.58
O4 BMA M . 37.00 -12.13 18.96
O5 BMA M . 33.93 -12.84 20.87
O6 BMA M . 37.46 -13.75 21.12
C1 MAN M . 34.90 -10.68 16.11
C2 MAN M . 35.93 -9.80 15.35
C3 MAN M . 35.65 -8.34 15.69
C4 MAN M . 34.21 -8.02 15.28
C5 MAN M . 33.27 -8.95 16.07
C6 MAN M . 31.83 -8.65 15.71
O2 MAN M . 35.83 -9.99 13.91
O3 MAN M . 36.54 -7.49 14.97
O4 MAN M . 33.92 -6.67 15.60
O5 MAN M . 33.55 -10.35 15.76
O6 MAN M . 31.40 -7.50 16.44
C1 MAN M . 36.75 -11.05 13.31
C2 MAN M . 37.01 -10.74 11.78
C3 MAN M . 35.67 -10.97 11.00
C4 MAN M . 35.16 -12.44 11.24
C5 MAN M . 34.97 -12.68 12.78
C6 MAN M . 34.54 -14.10 13.12
O2 MAN M . 38.08 -11.55 11.28
O3 MAN M . 35.91 -10.74 9.59
O4 MAN M . 33.91 -12.62 10.56
O5 MAN M . 36.24 -12.41 13.49
O6 MAN M . 34.31 -14.28 14.51
C1 NAG N . 43.17 -34.68 2.07
C2 NAG N . 44.36 -34.59 3.12
C3 NAG N . 45.49 -33.69 2.49
C4 NAG N . 45.95 -34.30 1.12
C5 NAG N . 44.72 -34.43 0.17
C6 NAG N . 45.04 -35.07 -1.18
C7 NAG N . 43.42 -34.57 5.43
C8 NAG N . 42.93 -33.81 6.63
N2 NAG N . 43.86 -33.92 4.35
O3 NAG N . 46.60 -33.66 3.40
O4 NAG N . 46.87 -33.36 0.52
O5 NAG N . 43.67 -35.24 0.81
O6 NAG N . 43.98 -34.88 -2.12
O7 NAG N . 43.41 -35.82 5.48
C1 NAG N . 48.30 -33.80 0.37
C2 NAG N . 48.95 -32.85 -0.70
C3 NAG N . 50.45 -33.28 -0.87
C4 NAG N . 51.19 -33.19 0.51
C5 NAG N . 50.45 -34.13 1.54
C6 NAG N . 51.05 -34.06 2.96
C7 NAG N . 47.49 -32.02 -2.55
C8 NAG N . 46.76 -32.29 -3.84
N2 NAG N . 48.22 -33.00 -1.99
O3 NAG N . 51.10 -32.39 -1.81
O4 NAG N . 52.56 -33.61 0.35
O5 NAG N . 49.02 -33.74 1.63
O6 NAG N . 51.10 -32.74 3.49
O7 NAG N . 47.39 -30.90 -2.01
C1 NAG O . -29.78 4.69 39.30
C2 NAG O . -29.95 5.45 40.70
C3 NAG O . -29.22 4.59 41.80
C4 NAG O . -29.88 3.16 41.86
C5 NAG O . -29.80 2.48 40.45
C6 NAG O . -30.56 1.15 40.38
C7 NAG O . -30.14 7.91 40.70
C8 NAG O . -29.50 9.27 40.58
N2 NAG O . -29.38 6.81 40.60
O3 NAG O . -29.32 5.27 43.05
O4 NAG O . -29.12 2.30 42.77
O5 NAG O . -30.41 3.36 39.43
O6 NAG O . -30.36 0.47 39.15
O7 NAG O . -31.36 7.86 40.91
C1 NAG O . -29.70 2.28 44.09
C2 NAG O . -29.38 0.92 44.71
C3 NAG O . -29.91 0.89 46.14
C4 NAG O . -29.32 2.05 46.93
C5 NAG O . -29.63 3.36 46.23
C6 NAG O . -29.00 4.56 46.90
C7 NAG O . -29.30 -0.85 43.03
C8 NAG O . -30.07 -1.92 42.32
N2 NAG O . -29.97 -0.16 43.94
O3 NAG O . -29.56 -0.36 46.73
O4 NAG O . -29.91 2.07 48.23
O5 NAG O . -29.15 3.33 44.87
O6 NAG O . -29.52 5.78 46.38
O7 NAG O . -28.11 -0.63 42.79
C1 NAG P . -36.36 2.56 19.99
C2 NAG P . -37.64 3.29 19.56
C3 NAG P . -38.78 2.28 19.39
C4 NAG P . -38.37 1.19 18.41
C5 NAG P . -37.07 0.54 18.89
C6 NAG P . -36.53 -0.49 17.94
C7 NAG P . -37.75 5.61 20.31
C8 NAG P . -38.43 6.25 19.15
N2 NAG P . -37.97 4.31 20.52
O3 NAG P . -39.92 2.98 18.91
O4 NAG P . -39.39 0.20 18.33
O5 NAG P . -36.05 1.54 19.06
O6 NAG P . -37.22 -1.73 18.08
O7 NAG P . -36.97 6.23 21.03
C1 NAG P . -40.25 0.44 17.19
C2 NAG P . -40.09 -0.57 16.06
C3 NAG P . -40.91 -0.11 14.85
C4 NAG P . -42.38 0.08 15.23
C5 NAG P . -42.44 1.05 16.41
C6 NAG P . -43.84 1.24 16.94
C7 NAG P . -38.28 -1.76 14.92
C8 NAG P . -39.04 -3.04 15.06
N2 NAG P . -38.70 -0.74 15.67
O3 NAG P . -40.79 -1.00 13.77
O4 NAG P . -43.00 0.78 14.16
O5 NAG P . -41.63 0.59 17.52
O6 NAG P . -44.54 2.24 16.20
O7 NAG P . -37.29 -1.67 14.19
C1 BMA P . -44.18 0.23 13.61
C2 BMA P . -44.09 -0.10 12.14
C3 BMA P . -45.47 -0.41 11.64
C4 BMA P . -46.00 -1.57 12.45
C5 BMA P . -46.00 -1.17 13.91
C6 BMA P . -46.48 -2.21 14.84
O2 BMA P . -43.25 -1.22 11.90
O3 BMA P . -45.38 -0.81 10.28
O4 BMA P . -47.32 -1.86 12.04
O5 BMA P . -44.69 -0.86 14.31
O6 BMA P . -45.57 -3.27 14.87
C1 MAN P . -45.16 -3.66 16.23
C2 MAN P . -44.69 -5.11 16.24
C3 MAN P . -45.76 -6.03 15.79
C4 MAN P . -46.86 -5.93 16.78
C5 MAN P . -47.23 -4.47 16.75
C6 MAN P . -48.43 -4.02 17.44
O2 MAN P . -44.43 -5.52 17.58
O3 MAN P . -45.23 -7.35 15.80
O4 MAN P . -47.95 -6.72 16.30
O5 MAN P . -46.21 -3.61 17.17
O6 MAN P . -48.38 -4.67 18.68
C1 MAN P . -45.04 -7.89 14.47
C2 MAN P . -45.05 -9.40 14.50
C3 MAN P . -43.85 -9.91 15.25
C4 MAN P . -42.60 -9.37 14.58
C5 MAN P . -42.66 -7.85 14.56
C6 MAN P . -41.48 -7.30 13.78
O2 MAN P . -45.03 -9.89 13.16
O3 MAN P . -43.83 -11.33 15.23
O4 MAN P . -41.46 -9.76 15.32
O5 MAN P . -43.84 -7.45 13.86
O6 MAN P . -41.73 -6.03 13.19
C1 MAN P . -49.30 -4.05 19.58
C2 MAN P . -49.37 -4.84 20.85
C3 MAN P . -49.97 -6.18 20.54
C4 MAN P . -51.35 -5.98 19.91
C5 MAN P . -51.22 -5.16 18.66
C6 MAN P . -52.58 -4.86 18.06
O2 MAN P . -50.15 -4.14 21.81
O3 MAN P . -50.06 -6.95 21.74
O4 MAN P . -51.85 -7.26 19.54
O5 MAN P . -50.61 -3.92 19.02
O6 MAN P . -52.60 -4.92 16.64
C1 MAN P . -46.08 0.09 9.40
C2 MAN P . -46.43 -0.61 8.12
C3 MAN P . -45.18 -0.98 7.36
C4 MAN P . -44.40 0.30 7.09
C5 MAN P . -44.11 0.97 8.43
C6 MAN P . -43.37 2.28 8.26
O2 MAN P . -47.24 0.26 7.34
O3 MAN P . -45.52 -1.60 6.13
O4 MAN P . -43.16 -0.04 6.49
O5 MAN P . -45.34 1.27 9.10
O6 MAN P . -42.00 2.04 8.51
C1 NAG Q . 12.49 46.38 1.68
C2 NAG Q . 10.90 46.49 1.72
C3 NAG Q . 10.48 47.81 0.98
C4 NAG Q . 11.15 49.05 1.69
C5 NAG Q . 12.71 48.86 1.64
C6 NAG Q . 13.49 49.96 2.35
C7 NAG Q . 9.76 44.26 1.77
C8 NAG Q . 9.23 43.03 1.09
N2 NAG Q . 10.35 45.26 1.07
O3 NAG Q . 9.04 47.95 1.03
O4 NAG Q . 10.81 50.29 1.00
O5 NAG Q . 13.07 47.58 2.30
O6 NAG Q . 13.07 50.19 3.69
O7 NAG Q . 9.65 44.34 3.00
C1 NAG Q . 9.69 51.14 1.62
C2 NAG Q . 10.11 52.66 1.57
C3 NAG Q . 8.95 53.51 2.22
C4 NAG Q . 7.60 53.24 1.46
C5 NAG Q . 7.28 51.70 1.52
C6 NAG Q . 6.03 51.30 0.73
C7 NAG Q . 12.37 53.66 1.93
C8 NAG Q . 13.62 53.80 2.76
N2 NAG Q . 11.37 52.86 2.33
O3 NAG Q . 9.27 54.92 2.16
O4 NAG Q . 6.55 53.99 2.09
O5 NAG Q . 8.42 50.92 0.93
O6 NAG Q . 4.82 51.70 1.38
O7 NAG Q . 12.29 54.32 0.88
C1 NAG R . 51.76 11.89 -20.73
C2 NAG R . 51.89 11.19 -19.28
C3 NAG R . 53.31 11.53 -18.71
C4 NAG R . 54.42 11.02 -19.70
C5 NAG R . 54.20 11.69 -21.10
C6 NAG R . 55.21 11.22 -22.15
C7 NAG R . 49.67 11.19 -18.13
C8 NAG R . 48.70 11.84 -17.19
N2 NAG R . 50.86 11.75 -18.35
O3 NAG R . 53.47 10.89 -17.43
O4 NAG R . 55.71 11.47 -19.20
O5 NAG R . 52.83 11.39 -21.60
O6 NAG R . 55.19 12.05 -23.31
O7 NAG R . 49.34 10.14 -18.71
C1 NAG R . 56.67 10.40 -18.76
C2 NAG R . 58.08 11.08 -18.54
C3 NAG R . 59.09 9.97 -18.09
C4 NAG R . 58.57 9.25 -16.79
C5 NAG R . 57.14 8.63 -17.10
C6 NAG R . 56.50 7.97 -15.88
C7 NAG R . 58.67 13.03 -19.98
C8 NAG R . 59.11 13.58 -21.31
N2 NAG R . 58.53 11.70 -19.81
O3 NAG R . 60.37 10.57 -17.81
O4 NAG R . 59.47 8.20 -16.42
O5 NAG R . 56.23 9.71 -17.56
O6 NAG R . 56.43 8.83 -14.73
O7 NAG R . 58.43 13.84 -19.05
C1 NAG S . 28.62 19.45 -24.83
C2 NAG S . 28.77 17.87 -24.91
C3 NAG S . 28.97 17.45 -26.41
C4 NAG S . 27.73 17.95 -27.24
C5 NAG S . 27.62 19.51 -27.09
C6 NAG S . 26.42 20.12 -27.82
C7 NAG S . 29.93 16.70 -23.06
C8 NAG S . 31.19 16.44 -22.29
N2 NAG S . 29.95 17.53 -24.10
O3 NAG S . 29.09 16.02 -26.52
O4 NAG S . 27.88 17.64 -28.66
O5 NAG S . 27.49 19.86 -25.65
O6 NAG S . 25.20 19.40 -27.62
O7 NAG S . 28.90 16.13 -22.71
C1 NAG S . 26.93 16.61 -29.21
C2 NAG S . 26.73 16.85 -30.75
C3 NAG S . 25.69 15.80 -31.27
C4 NAG S . 26.20 14.34 -30.97
C5 NAG S . 26.44 14.20 -29.42
C6 NAG S . 27.03 12.85 -29.01
C7 NAG S . 26.85 19.18 -31.63
C8 NAG S . 26.22 20.54 -31.82
N2 NAG S . 26.18 18.21 -30.98
O3 NAG S . 25.51 16.00 -32.69
O4 NAG S . 25.10 13.42 -31.28
O5 NAG S . 27.40 15.26 -28.95
O6 NAG S . 28.11 12.42 -29.84
O7 NAG S . 27.99 18.99 -32.09
C1 BMA S . 25.26 12.56 -32.51
C2 BMA S . 24.06 11.54 -32.53
C3 BMA S . 24.24 10.61 -33.76
C4 BMA S . 24.25 11.48 -35.05
C5 BMA S . 25.43 12.49 -34.95
C6 BMA S . 25.51 13.42 -36.15
O2 BMA S . 22.81 12.23 -32.57
O3 BMA S . 23.12 9.67 -33.79
O4 BMA S . 24.41 10.64 -36.19
O5 BMA S . 25.28 13.33 -33.74
O6 BMA S . 24.23 13.96 -36.50
C1 MAN S . 23.50 8.23 -34.07
C2 MAN S . 22.24 7.40 -34.40
C3 MAN S . 21.39 7.30 -33.13
C4 MAN S . 22.23 6.62 -32.05
C5 MAN S . 23.47 7.48 -31.80
C6 MAN S . 24.33 6.83 -30.75
O2 MAN S . 22.65 6.06 -34.77
O3 MAN S . 20.21 6.54 -33.36
O4 MAN S . 21.46 6.49 -30.87
O5 MAN S . 24.26 7.62 -33.01
O6 MAN S . 23.65 6.77 -29.50
C1 MAN S . 24.23 14.72 -37.78
C2 MAN S . 22.81 15.31 -38.02
C3 MAN S . 21.82 14.11 -38.25
C4 MAN S . 22.29 13.24 -39.47
C5 MAN S . 23.75 12.73 -39.18
C6 MAN S . 24.38 11.96 -40.34
O2 MAN S . 22.82 16.23 -39.11
O3 MAN S . 20.50 14.62 -38.48
O4 MAN S . 21.42 12.11 -39.56
O5 MAN S . 24.66 13.89 -38.92
O6 MAN S . 23.80 10.66 -40.52
C1 NAG T . 42.37 -11.48 -36.80
C2 NAG T . 42.48 -10.57 -38.10
C3 NAG T . 41.57 -11.19 -39.23
C4 NAG T . 42.02 -12.66 -39.53
C5 NAG T . 41.95 -13.49 -38.20
C6 NAG T . 42.41 -14.94 -38.36
C7 NAG T . 42.45 -8.08 -38.20
C8 NAG T . 41.83 -6.78 -37.80
N2 NAG T . 41.94 -9.23 -37.74
O3 NAG T . 41.72 -10.40 -40.42
O4 NAG T . 41.04 -13.22 -40.45
O5 NAG T . 42.79 -12.85 -37.15
O6 NAG T . 42.30 -15.67 -37.14
O7 NAG T . 43.44 -8.07 -38.97
C1 NAG T . 41.57 -13.83 -41.72
C2 NAG T . 40.36 -14.56 -42.41
C3 NAG T . 40.88 -15.23 -43.73
C4 NAG T . 41.53 -14.14 -44.66
C5 NAG T . 42.70 -13.43 -43.88
C6 NAG T . 43.36 -12.28 -44.65
C7 NAG T . 38.64 -15.53 -40.87
C8 NAG T . 38.21 -16.63 -39.95
N2 NAG T . 39.84 -15.60 -41.49
O3 NAG T . 39.79 -15.86 -44.42
O4 NAG T . 42.02 -14.76 -45.86
O5 NAG T . 42.17 -12.84 -42.62
O6 NAG T . 44.18 -12.75 -45.73
O7 NAG T . 37.88 -14.56 -41.06
C1 NAG U . -36.84 14.49 -18.37
C2 NAG U . -37.10 16.00 -18.45
C3 NAG U . -38.57 16.23 -18.81
C4 NAG U . -38.92 15.49 -20.08
C5 NAG U . -38.60 14.01 -19.92
C6 NAG U . -38.82 13.21 -21.19
C7 NAG U . -37.58 16.71 -16.19
C8 NAG U . -37.39 15.64 -15.16
N2 NAG U . -36.76 16.68 -17.23
O3 NAG U . -38.80 17.63 -18.95
O4 NAG U . -40.33 15.62 -20.33
O5 NAG U . -37.22 13.83 -19.56
O6 NAG U . -37.85 13.57 -22.19
O7 NAG U . -38.46 17.57 -16.07
C1 NAG V . -21.62 4.71 -36.78
C2 NAG V . -21.20 6.13 -37.14
C3 NAG V . -20.59 6.14 -38.55
C4 NAG V . -19.44 5.15 -38.62
C5 NAG V . -19.92 3.76 -38.19
C6 NAG V . -18.82 2.74 -38.14
C7 NAG V . -22.57 7.83 -36.05
C8 NAG V . -22.49 9.30 -36.32
N2 NAG V . -22.33 7.04 -37.08
O3 NAG V . -20.16 7.46 -38.86
O4 NAG V . -18.96 5.09 -39.96
O5 NAG V . -20.52 3.82 -36.88
O6 NAG V . -17.54 3.29 -38.46
O7 NAG V . -22.83 7.39 -34.93
C1 NAG W . -34.12 2.43 -22.64
C2 NAG W . -35.13 3.04 -23.61
C3 NAG W . -36.54 2.64 -23.20
C4 NAG W . -36.65 1.14 -23.08
C5 NAG W . -35.59 0.61 -22.12
C6 NAG W . -35.56 -0.90 -22.05
C7 NAG W . -34.55 5.12 -24.78
C8 NAG W . -35.10 6.49 -25.03
N2 NAG W . -35.03 4.48 -23.71
O3 NAG W . -37.48 3.16 -24.13
O4 NAG W . -37.94 0.79 -22.58
O5 NAG W . -34.28 1.03 -22.55
O6 NAG W . -34.61 -1.35 -21.08
O7 NAG W . -33.70 4.62 -25.50
C1 NAG X . -12.37 7.21 -43.27
C2 NAG X . -12.68 8.72 -42.85
C3 NAG X . -12.77 9.58 -44.16
C4 NAG X . -11.42 9.48 -44.94
C5 NAG X . -11.13 7.97 -45.28
C6 NAG X . -9.77 7.76 -45.95
C7 NAG X . -14.05 8.85 -40.78
C8 NAG X . -15.40 8.86 -40.11
N2 NAG X . -13.98 8.75 -42.11
O3 NAG X . -13.02 10.96 -43.80
O4 NAG X . -11.54 10.22 -46.16
O5 NAG X . -11.11 7.17 -44.02
O6 NAG X . -8.68 8.14 -45.12
O7 NAG X . -13.04 8.94 -40.08
C1 NAG Y . -15.93 -24.01 -51.76
C2 NAG Y . -16.29 -25.49 -51.31
C3 NAG Y . -15.98 -26.48 -52.48
C4 NAG Y . -16.78 -26.07 -53.76
C5 NAG Y . -16.40 -24.59 -54.14
C6 NAG Y . -17.20 -24.05 -55.34
C7 NAG Y . -15.96 -25.82 -48.86
C8 NAG Y . -15.05 -26.14 -47.72
N2 NAG Y . -15.46 -25.81 -50.12
O3 NAG Y . -16.35 -27.81 -52.10
O4 NAG Y . -16.45 -26.96 -54.83
O5 NAG Y . -16.70 -23.68 -52.98
O6 NAG Y . -16.79 -24.62 -56.57
O7 NAG Y . -17.14 -25.57 -48.64
C1 NAG Z . -27.91 -22.57 -46.93
C2 NAG Z . -29.38 -22.33 -46.37
C3 NAG Z . -30.40 -22.40 -47.57
C4 NAG Z . -30.02 -21.32 -48.63
C5 NAG Z . -28.54 -21.55 -49.11
C6 NAG Z . -28.07 -20.50 -50.13
C7 NAG Z . -29.89 -23.07 -44.05
C8 NAG Z . -30.12 -24.17 -43.06
N2 NAG Z . -29.64 -23.37 -45.34
O3 NAG Z . -31.73 -22.16 -47.07
O4 NAG Z . -30.92 -21.42 -49.74
O5 NAG Z . -27.60 -21.54 -47.95
O6 NAG Z . -28.23 -19.15 -49.69
O7 NAG Z . -29.94 -21.90 -43.65
C1 NAG AA . -18.00 -34.64 -35.66
C2 NAG AA . -17.74 -35.43 -34.30
C3 NAG AA . -17.12 -36.82 -34.64
C4 NAG AA . -18.09 -37.62 -35.58
C5 NAG AA . -18.35 -36.78 -36.88
C6 NAG AA . -19.36 -37.44 -37.82
C7 NAG AA . -17.28 -33.84 -32.43
C8 NAG AA . -16.32 -33.01 -31.62
N2 NAG AA . -16.83 -34.61 -33.46
O3 NAG AA . -16.91 -37.56 -33.42
O4 NAG AA . -17.50 -38.89 -35.90
O5 NAG AA . -18.90 -35.45 -36.51
O6 NAG AA . -18.86 -38.60 -38.46
O7 NAG AA . -18.49 -33.85 -32.15
C1 NAG BA . -22.03 -30.76 -28.32
C2 NAG BA . -23.00 -30.85 -29.58
C3 NAG BA . -24.48 -30.99 -29.08
C4 NAG BA . -24.61 -32.27 -28.18
C5 NAG BA . -23.63 -32.14 -26.97
C6 NAG BA . -23.63 -33.37 -26.07
C7 NAG BA . -22.10 -29.44 -31.45
C8 NAG BA . -22.02 -28.14 -32.18
N2 NAG BA . -22.89 -29.59 -30.36
O3 NAG BA . -25.35 -31.11 -30.21
O4 NAG BA . -25.95 -32.37 -27.71
O5 NAG BA . -22.23 -31.96 -27.48
O6 NAG BA . -22.85 -33.17 -24.89
O7 NAG BA . -21.42 -30.40 -31.86
C1 NAG CA . -24.76 -20.18 -24.43
C2 NAG CA . -24.44 -21.47 -23.53
C3 NAG CA . -25.79 -22.07 -23.02
C4 NAG CA . -26.59 -20.99 -22.21
C5 NAG CA . -26.86 -19.75 -23.14
C6 NAG CA . -27.58 -18.61 -22.42
C7 NAG CA . -22.39 -22.68 -24.32
C8 NAG CA . -21.75 -23.69 -25.23
N2 NAG CA . -23.73 -22.48 -24.38
O3 NAG CA . -25.52 -23.20 -22.17
O4 NAG CA . -27.84 -21.55 -21.79
O5 NAG CA . -25.55 -19.22 -23.63
O6 NAG CA . -28.07 -17.64 -23.35
O7 NAG CA . -21.67 -22.04 -23.54
C1 NAG DA . -6.96 -43.32 -20.78
C2 NAG DA . -8.48 -43.16 -20.33
C3 NAG DA . -8.59 -43.46 -18.80
C4 NAG DA . -8.06 -44.91 -18.51
C5 NAG DA . -6.57 -45.03 -19.02
C6 NAG DA . -5.98 -46.43 -18.88
C7 NAG DA . -9.78 -41.47 -21.60
C8 NAG DA . -10.14 -40.04 -21.86
N2 NAG DA . -8.92 -41.78 -20.63
O3 NAG DA . -9.96 -43.34 -18.38
O4 NAG DA . -8.12 -45.16 -17.10
O5 NAG DA . -6.52 -44.69 -20.46
O6 NAG DA . -5.59 -46.72 -17.53
O7 NAG DA . -10.31 -42.34 -22.31
C1 NAG EA . 24.95 -38.23 -26.47
C2 NAG EA . 24.15 -38.60 -27.81
C3 NAG EA . 24.85 -39.83 -28.49
C4 NAG EA . 26.34 -39.48 -28.81
C5 NAG EA . 27.07 -39.10 -27.48
C6 NAG EA . 28.53 -38.68 -27.70
C7 NAG EA . 21.68 -38.27 -27.68
C8 NAG EA . 20.33 -38.79 -27.28
N2 NAG EA . 22.77 -39.01 -27.44
O3 NAG EA . 24.16 -40.13 -29.71
O4 NAG EA . 26.97 -40.63 -29.40
O5 NAG EA . 26.37 -37.96 -26.83
O6 NAG EA . 28.67 -37.60 -28.64
O7 NAG EA . 21.76 -37.15 -28.23
C1 NAG FA . 14.85 -18.83 -36.78
C2 NAG FA . 14.97 -17.35 -37.38
C3 NAG FA . 13.77 -17.10 -38.34
C4 NAG FA . 13.75 -18.17 -39.49
C5 NAG FA . 13.67 -19.59 -38.85
C6 NAG FA . 13.73 -20.73 -39.87
C7 NAG FA . 16.03 -15.83 -35.72
C8 NAG FA . 15.89 -14.86 -34.59
N2 NAG FA . 14.93 -16.38 -36.26
O3 NAG FA . 13.90 -15.79 -38.92
O4 NAG FA . 12.64 -17.94 -40.36
O5 NAG FA . 14.82 -19.79 -37.91
O6 NAG FA . 12.52 -20.83 -40.62
O7 NAG FA . 17.16 -16.11 -36.14
C1 NAG GA . 8.41 -38.07 -41.65
C2 NAG GA . 8.45 -39.03 -42.93
C3 NAG GA . 8.94 -38.18 -44.16
C4 NAG GA . 7.98 -36.96 -44.39
C5 NAG GA . 7.96 -36.08 -43.09
C6 NAG GA . 6.99 -34.89 -43.13
C7 NAG GA . 9.05 -41.39 -42.42
C8 NAG GA . 10.09 -42.43 -42.13
N2 NAG GA . 9.42 -40.13 -42.66
O3 NAG GA . 8.94 -39.02 -45.33
O4 NAG GA . 8.46 -36.18 -45.49
O5 NAG GA . 7.53 -36.92 -41.93
O6 NAG GA . 7.31 -33.93 -42.12
O7 NAG GA . 7.85 -41.73 -42.43
C1 NAG HA . -32.69 -2.20 -48.86
C2 NAG HA . -33.46 -1.00 -49.59
C3 NAG HA . -34.31 -0.22 -48.52
C4 NAG HA . -35.31 -1.19 -47.82
C5 NAG HA . -34.50 -2.35 -47.14
C6 NAG HA . -35.40 -3.41 -46.49
C7 NAG HA . -32.17 -0.04 -51.50
C8 NAG HA . -31.12 0.91 -52.00
N2 NAG HA . -32.45 -0.07 -50.19
O3 NAG HA . -35.05 0.83 -49.18
O4 NAG HA . -36.05 -0.47 -46.83
O5 NAG HA . -33.69 -3.05 -48.17
O6 NAG HA . -34.65 -4.35 -45.73
O7 NAG HA . -32.74 -0.79 -52.30
C1 NAG IA . -31.87 -11.68 -34.50
C2 NAG IA . -33.29 -12.05 -33.86
C3 NAG IA . -34.20 -12.69 -34.97
C4 NAG IA . -34.36 -11.69 -36.17
C5 NAG IA . -32.94 -11.34 -36.74
C6 NAG IA . -32.95 -10.34 -37.89
C7 NAG IA . -33.11 -12.66 -31.44
C8 NAG IA . -32.82 -13.67 -30.38
N2 NAG IA . -33.04 -13.01 -32.75
O3 NAG IA . -35.48 -12.99 -34.40
O4 NAG IA . -35.17 -12.30 -37.18
O5 NAG IA . -32.08 -10.78 -35.65
O6 NAG IA . -33.46 -9.05 -37.52
O7 NAG IA . -33.40 -11.52 -31.10
C1 NAG JA . -9.36 4.05 41.60
C2 NAG JA . -9.27 5.54 41.28
C3 NAG JA . -9.05 6.33 42.56
C4 NAG JA . -10.16 6.01 43.56
C5 NAG JA . -10.20 4.52 43.81
C6 NAG JA . -11.34 4.09 44.70
C7 NAG JA . -8.45 6.42 39.15
C8 NAG JA . -8.49 5.52 37.95
N2 NAG JA . -8.22 5.83 40.32
O3 NAG JA . -9.02 7.72 42.27
O4 NAG JA . -9.88 6.68 44.79
O5 NAG JA . -10.38 3.81 42.56
O6 NAG JA . -11.29 2.71 45.00
O7 NAG JA . -8.61 7.63 39.05
C1 NAG KA . -4.45 -21.76 32.81
C2 NAG KA . -5.95 -21.59 33.31
C3 NAG KA . -6.63 -22.99 33.41
C4 NAG KA . -6.58 -23.69 32.01
C5 NAG KA . -5.08 -23.81 31.54
C6 NAG KA . -4.88 -24.43 30.16
C7 NAG KA . -6.35 -19.70 34.89
C8 NAG KA . -6.21 -19.13 36.26
N2 NAG KA . -5.88 -20.93 34.64
O3 NAG KA . -7.99 -22.82 33.82
O4 NAG KA . -7.17 -24.99 32.09
O5 NAG KA . -4.47 -22.45 31.51
O6 NAG KA . -5.00 -25.84 30.20
O7 NAG KA . -6.90 -19.04 33.99
C1 NAG LA . 2.36 -3.95 39.76
C2 NAG LA . 2.04 -4.03 41.26
C3 NAG LA . 2.93 -3.07 42.03
C4 NAG LA . 4.40 -3.35 41.72
C5 NAG LA . 4.62 -3.28 40.21
C6 NAG LA . 6.03 -3.67 39.82
C7 NAG LA . -0.29 -4.71 41.59
C8 NAG LA . 0.17 -6.06 42.05
N2 NAG LA . 0.64 -3.76 41.53
O3 NAG LA . 2.67 -3.19 43.42
O4 NAG LA . 5.21 -2.37 42.36
O5 NAG LA . 3.74 -4.19 39.53
O6 NAG LA . 6.30 -5.04 40.10
O7 NAG LA . -1.45 -4.49 41.26
C1 NAG MA . -7.78 -30.16 26.46
C2 NAG MA . -9.12 -29.51 27.05
C3 NAG MA . -9.97 -30.66 27.68
C4 NAG MA . -10.29 -31.74 26.59
C5 NAG MA . -8.95 -32.30 26.00
C6 NAG MA . -9.15 -33.29 24.86
C7 NAG MA . -8.71 -27.18 27.86
C8 NAG MA . -8.29 -26.23 28.94
N2 NAG MA . -8.73 -28.50 28.09
O3 NAG MA . -11.20 -30.11 28.19
O4 NAG MA . -11.02 -32.81 27.19
O5 NAG MA . -8.13 -31.18 25.46
O6 NAG MA . -9.92 -32.76 23.77
O7 NAG MA . -9.02 -26.72 26.75
C1 NAG NA . 20.10 -43.17 32.79
C2 NAG NA . 21.63 -43.12 33.22
C3 NAG NA . 22.20 -44.57 33.29
C4 NAG NA . 21.34 -45.43 34.30
C5 NAG NA . 19.84 -45.43 33.82
C6 NAG NA . 18.91 -46.19 34.76
C7 NAG NA . 22.61 -41.01 32.30
C8 NAG NA . 23.36 -40.29 31.21
N2 NAG NA . 22.38 -42.33 32.20
O3 NAG NA . 23.56 -44.54 33.76
O4 NAG NA . 21.85 -46.77 34.32
O5 NAG NA . 19.34 -44.03 33.74
O6 NAG NA . 17.65 -46.47 34.14
O7 NAG NA . 22.21 -40.35 33.26
C1 NAG OA . 19.87 -36.13 42.37
C2 NAG OA . 19.57 -35.46 43.78
C3 NAG OA . 18.83 -36.50 44.69
C4 NAG OA . 17.50 -36.98 43.98
C5 NAG OA . 17.87 -37.62 42.59
C6 NAG OA . 16.65 -38.01 41.77
C7 NAG OA . 21.05 -34.00 45.16
C8 NAG OA . 22.42 -33.70 45.71
N2 NAG OA . 20.88 -35.07 44.38
O3 NAG OA . 18.50 -35.90 45.95
O4 NAG OA . 16.84 -37.94 44.81
O5 NAG OA . 18.61 -36.61 41.78
O6 NAG OA . 15.98 -39.15 42.31
O7 NAG OA . 20.11 -33.25 45.45
C1 NAG PA . 34.21 -29.81 30.25
C2 NAG PA . 35.16 -28.76 29.54
C3 NAG PA . 36.45 -29.48 29.04
C4 NAG PA . 37.18 -30.16 30.25
C5 NAG PA . 36.18 -31.17 30.94
C6 NAG PA . 36.77 -31.84 32.18
C7 NAG PA . 33.91 -26.93 28.39
C8 NAG PA . 33.16 -26.40 27.21
N2 NAG PA . 34.42 -28.17 28.39
O3 NAG PA . 37.34 -28.52 28.43
O4 NAG PA . 38.35 -30.85 29.79
O5 NAG PA . 34.95 -30.44 31.37
O6 NAG PA . 37.74 -32.83 31.86
O7 NAG PA . 34.05 -26.17 29.38
C1 NAG QA . 32.00 -21.48 32.38
C2 NAG QA . 31.70 -22.27 33.74
C3 NAG QA . 31.88 -21.29 34.94
C4 NAG QA . 33.32 -20.67 34.94
C5 NAG QA . 33.54 -19.93 33.58
C6 NAG QA . 34.93 -19.31 33.43
C7 NAG QA . 29.87 -23.98 33.53
C8 NAG QA . 28.40 -24.30 33.46
N2 NAG QA . 30.27 -22.71 33.68
O3 NAG QA . 31.67 -22.01 36.17
O4 NAG QA . 33.47 -19.77 36.03
O5 NAG QA . 33.35 -20.89 32.45
O6 NAG QA . 34.98 -18.39 32.34
O7 NAG QA . 30.69 -24.91 33.45
C1 NAG RA . 22.89 -15.00 32.83
C2 NAG RA . 23.13 -13.51 32.31
C3 NAG RA . 23.90 -12.71 33.40
C4 NAG RA . 23.08 -12.71 34.74
C5 NAG RA . 22.86 -14.21 35.20
C6 NAG RA . 22.02 -14.34 36.47
C7 NAG RA . 23.43 -13.48 29.83
C8 NAG RA . 24.31 -13.62 28.62
N2 NAG RA . 23.94 -13.61 31.06
O3 NAG RA . 24.07 -11.35 32.96
O4 NAG RA . 23.79 -11.98 35.75
O5 NAG RA . 22.16 -14.97 34.12
O6 NAG RA . 22.20 -15.62 37.10
O7 NAG RA . 22.22 -13.26 29.67
C1 NAG SA . 45.66 -22.54 14.99
C2 NAG SA . 45.81 -21.62 16.29
C3 NAG SA . 46.56 -20.30 15.88
C4 NAG SA . 47.95 -20.63 15.25
C5 NAG SA . 47.73 -21.56 14.00
C6 NAG SA . 49.03 -22.01 13.32
C7 NAG SA . 43.90 -21.82 17.88
C8 NAG SA . 42.54 -21.36 18.30
N2 NAG SA . 44.47 -21.25 16.80
O3 NAG SA . 46.77 -19.49 17.06
O4 NAG SA . 48.60 -19.42 14.86
O5 NAG SA . 46.99 -22.80 14.42
O6 NAG SA . 49.64 -20.95 12.58
O7 NAG SA . 44.49 -22.70 18.53
C1 NAG TA . 38.74 -35.21 -13.16
C2 NAG TA . 38.10 -36.57 -12.59
C3 NAG TA . 39.00 -37.78 -13.03
C4 NAG TA . 39.14 -37.82 -14.58
C5 NAG TA . 39.77 -36.46 -15.07
C6 NAG TA . 39.90 -36.36 -16.59
C7 NAG TA . 37.08 -36.14 -10.36
C8 NAG TA . 37.23 -36.15 -8.87
N2 NAG TA . 38.11 -36.54 -11.11
O3 NAG TA . 38.41 -39.01 -12.58
O4 NAG TA . 39.99 -38.91 -14.96
O5 NAG TA . 38.91 -35.34 -14.62
O6 NAG TA . 40.69 -35.25 -16.98
O7 NAG TA . 36.01 -35.78 -10.86
C1 NAG UA . 17.18 -38.02 -1.88
C2 NAG UA . 15.60 -38.14 -1.77
C3 NAG UA . 15.23 -38.62 -0.32
C4 NAG UA . 15.91 -40.00 -0.03
C5 NAG UA . 17.46 -39.83 -0.18
C6 NAG UA . 18.23 -41.14 0.02
C7 NAG UA . 14.46 -36.44 -3.18
C8 NAG UA . 13.86 -35.07 -3.35
N2 NAG UA . 14.99 -36.80 -2.01
O3 NAG UA . 13.80 -38.78 -0.22
O4 NAG UA . 15.60 -40.42 1.31
O5 NAG UA . 17.79 -39.32 -1.55
O6 NAG UA . 17.85 -42.16 -0.90
O7 NAG UA . 14.46 -37.22 -4.15
C1 NAG VA . 35.80 -45.20 6.88
C2 NAG VA . 36.22 -46.72 6.59
C3 NAG VA . 34.95 -47.64 6.72
C4 NAG VA . 34.36 -47.50 8.18
C5 NAG VA . 33.99 -45.99 8.43
C6 NAG VA . 33.49 -45.72 9.85
C7 NAG VA . 37.80 -47.55 4.84
C8 NAG VA . 38.27 -47.55 3.42
N2 NAG VA . 36.77 -46.77 5.19
O3 NAG VA . 35.31 -49.01 6.49
O4 NAG VA . 33.19 -48.30 8.30
O5 NAG VA . 35.22 -45.15 8.23
O6 NAG VA . 32.75 -44.50 9.91
O7 NAG VA . 38.37 -48.28 5.66
C1 NAG WA . 0.46 -30.88 47.89
C2 NAG WA . 0.81 -31.08 49.36
C3 NAG WA . -0.24 -30.38 50.23
C4 NAG WA . -0.34 -28.91 49.84
C5 NAG WA . -0.65 -28.80 48.34
C6 NAG WA . -0.65 -27.38 47.85
C7 NAG WA . -0.02 -33.39 49.38
C8 NAG WA . 0.50 -34.71 48.92
N2 NAG WA . 0.91 -32.49 49.72
O3 NAG WA . 0.12 -30.52 51.60
O4 NAG WA . -1.39 -28.30 50.58
O5 NAG WA . 0.36 -29.50 47.58
O6 NAG WA . -1.38 -27.25 46.63
O7 NAG WA . -1.22 -33.14 49.44
C1 NAG XA . 13.13 -19.85 42.56
C2 NAG XA . 13.56 -19.01 43.85
C3 NAG XA . 13.92 -20.01 45.00
C4 NAG XA . 12.69 -20.92 45.32
C5 NAG XA . 12.30 -21.71 44.01
C6 NAG XA . 11.07 -22.60 44.18
C7 NAG XA . 14.73 -16.87 43.37
C8 NAG XA . 15.97 -16.15 42.91
N2 NAG XA . 14.73 -18.20 43.45
O3 NAG XA . 14.29 -19.24 46.17
O4 NAG XA . 13.05 -21.84 46.35
O5 NAG XA . 12.00 -20.74 42.91
O6 NAG XA . 9.92 -21.87 44.59
O7 NAG XA . 13.73 -16.21 43.68
C1 NAG YA . -24.89 -7.81 20.08
C2 NAG YA . -25.19 -7.87 21.65
C3 NAG YA . -24.63 -9.21 22.21
C4 NAG YA . -25.30 -10.42 21.46
C5 NAG YA . -25.03 -10.29 19.92
C6 NAG YA . -25.72 -11.37 19.10
C7 NAG YA . -25.13 -5.60 22.71
C8 NAG YA . -24.32 -4.48 23.28
N2 NAG YA . -24.49 -6.70 22.27
O3 NAG YA . -24.94 -9.30 23.62
O4 NAG YA . -24.74 -11.64 21.95
O5 NAG YA . -25.54 -8.97 19.43
O6 NAG YA . -27.15 -11.36 19.24
O7 NAG YA . -26.38 -5.50 22.65
C1 NAG ZA . -21.66 0.83 41.10
C2 NAG ZA . -22.66 0.04 40.28
C3 NAG ZA . -22.93 -1.29 40.99
C4 NAG ZA . -21.62 -2.04 41.20
C5 NAG ZA . -20.65 -1.15 41.98
C6 NAG ZA . -19.29 -1.77 42.16
C7 NAG ZA . -24.92 0.33 39.40
C8 NAG ZA . -26.14 1.22 39.35
N2 NAG ZA . -23.89 0.78 40.10
O3 NAG ZA . -23.83 -2.07 40.22
O4 NAG ZA . -21.86 -3.23 41.93
O5 NAG ZA . -20.45 0.10 41.30
O6 NAG ZA . -18.43 -0.94 42.92
O7 NAG ZA . -24.90 -0.75 38.82
C1 NAG AB . 34.55 32.89 1.75
C2 NAG AB . 34.05 32.57 3.22
C3 NAG AB . 35.29 32.36 4.14
C4 NAG AB . 36.14 31.16 3.58
C5 NAG AB . 36.59 31.51 2.11
C6 NAG AB . 37.34 30.36 1.43
C7 NAG AB . 31.98 33.51 4.26
C8 NAG AB . 31.16 34.69 4.69
N2 NAG AB . 33.19 33.69 3.68
O3 NAG AB . 34.81 32.08 5.48
O4 NAG AB . 37.29 30.97 4.40
O5 NAG AB . 35.38 31.77 1.27
O6 NAG AB . 37.87 30.75 0.16
O7 NAG AB . 31.51 32.37 4.44
C1 NAG BB . 20.79 41.88 -7.45
C2 NAG BB . 21.81 43.08 -7.18
C3 NAG BB . 21.34 44.32 -8.00
C4 NAG BB . 21.26 43.94 -9.53
C5 NAG BB . 20.27 42.73 -9.72
C6 NAG BB . 20.16 42.22 -11.16
C7 NAG BB . 22.83 43.04 -4.89
C8 NAG BB . 22.71 43.33 -3.43
N2 NAG BB . 21.81 43.37 -5.72
O3 NAG BB . 22.29 45.38 -7.82
O4 NAG BB . 20.78 45.07 -10.27
O5 NAG BB . 20.74 41.58 -8.89
O6 NAG BB . 19.16 42.91 -11.89
O7 NAG BB . 23.85 42.50 -5.33
C1 NAG CB . 41.13 24.99 7.97
C2 NAG CB . 40.60 24.61 9.43
C3 NAG CB . 41.68 25.05 10.48
C4 NAG CB . 43.04 24.35 10.17
C5 NAG CB . 43.49 24.72 8.71
C6 NAG CB . 44.75 23.98 8.24
C7 NAG CB . 38.32 24.84 10.42
C8 NAG CB . 37.06 25.65 10.58
N2 NAG CB . 39.32 25.33 9.66
O3 NAG CB . 41.27 24.68 11.81
O4 NAG CB . 44.03 24.78 11.11
O5 NAG CB . 42.43 24.33 7.77
O6 NAG CB . 45.94 24.48 8.86
O7 NAG CB . 38.42 23.74 10.97
C1 NAG DB . 57.27 21.44 -20.47
C2 NAG DB . 57.12 20.08 -21.30
C3 NAG DB . 58.54 19.54 -21.65
C4 NAG DB . 59.34 20.62 -22.48
C5 NAG DB . 59.42 21.94 -21.65
C6 NAG DB . 60.10 23.08 -22.42
C7 NAG DB . 55.09 18.76 -20.69
C8 NAG DB . 54.38 17.79 -19.78
N2 NAG DB . 56.38 19.09 -20.45
O3 NAG DB . 58.43 18.33 -22.43
O4 NAG DB . 60.65 20.13 -22.77
O5 NAG DB . 58.04 22.40 -21.29
O6 NAG DB . 59.45 23.39 -23.65
O7 NAG DB . 54.47 19.25 -21.64
C1 NAG EB . 44.50 18.77 -34.16
C2 NAG EB . 43.38 18.17 -35.11
C3 NAG EB . 44.08 17.35 -36.26
C4 NAG EB . 45.08 18.28 -37.05
C5 NAG EB . 46.12 18.86 -36.03
C6 NAG EB . 47.11 19.84 -36.69
C7 NAG EB . 41.31 17.66 -33.83
C8 NAG EB . 40.48 16.73 -33.00
N2 NAG EB . 42.51 17.27 -34.31
O3 NAG EB . 43.07 16.87 -37.17
O4 NAG EB . 45.74 17.51 -38.05
O5 NAG EB . 45.42 19.61 -34.94
O6 NAG EB . 46.47 20.96 -37.29
O7 NAG EB . 40.87 18.80 -34.06
C1 NAG FB . 36.67 22.71 -33.63
C2 NAG FB . 37.87 23.77 -33.71
C3 NAG FB . 37.29 25.13 -34.24
C4 NAG FB . 36.62 24.91 -35.64
C5 NAG FB . 35.47 23.85 -35.50
C6 NAG FB . 34.79 23.52 -36.82
C7 NAG FB . 39.55 23.47 -31.90
C8 NAG FB . 39.98 23.69 -30.47
N2 NAG FB . 38.39 23.96 -32.34
O3 NAG FB . 38.38 26.07 -34.37
O4 NAG FB . 36.07 26.16 -36.10
O5 NAG FB . 36.05 22.58 -34.96
O6 NAG FB . 33.65 22.69 -36.62
O7 NAG FB . 40.30 22.82 -32.65
C1 NAG GB . 30.26 27.20 -25.55
C2 NAG GB . 28.70 26.86 -25.50
C3 NAG GB . 27.96 27.72 -26.57
C4 NAG GB . 28.21 29.25 -26.25
C5 NAG GB . 29.75 29.53 -26.28
C6 NAG GB . 30.11 30.97 -25.87
C7 NAG GB . 28.35 24.48 -24.84
C8 NAG GB . 28.22 23.04 -25.19
N2 NAG GB . 28.54 25.40 -25.80
O3 NAG GB . 26.55 27.45 -26.50
O4 NAG GB . 27.56 30.04 -27.25
O5 NAG GB . 30.43 28.63 -25.29
O6 NAG GB . 29.89 31.22 -24.48
O7 NAG GB . 28.30 24.80 -23.63
C1 NAG HB . 33.43 3.28 -43.19
C2 NAG HB . 32.93 4.65 -43.82
C3 NAG HB . 31.54 4.41 -44.51
C4 NAG HB . 31.67 3.32 -45.61
C5 NAG HB . 32.19 1.99 -44.95
C6 NAG HB . 32.41 0.85 -45.94
C7 NAG HB . 33.66 6.54 -42.38
C8 NAG HB . 33.36 7.48 -41.25
N2 NAG HB . 32.74 5.63 -42.71
O3 NAG HB . 31.10 5.65 -45.13
O4 NAG HB . 30.39 3.10 -46.21
O5 NAG HB . 33.51 2.27 -44.28
O6 NAG HB . 31.18 0.28 -46.39
O7 NAG HB . 34.74 6.64 -42.98
C1 NAG IB . 39.04 -24.91 -28.98
C2 NAG IB . 40.41 -24.10 -29.16
C3 NAG IB . 41.44 -25.02 -29.91
C4 NAG IB . 41.67 -26.34 -29.12
C5 NAG IB . 40.29 -27.07 -28.95
C6 NAG IB . 40.39 -28.34 -28.07
C7 NAG IB . 40.21 -21.65 -29.53
C8 NAG IB . 39.97 -20.51 -30.46
N2 NAG IB . 40.17 -22.90 -29.99
O3 NAG IB . 42.69 -24.31 -30.06
O4 NAG IB . 42.60 -27.16 -29.84
O5 NAG IB . 39.32 -26.17 -28.26
O6 NAG IB . 41.15 -29.37 -28.69
O7 NAG IB . 40.43 -21.40 -28.33
C1 NAG JB . 43.71 -9.25 -10.89
C2 NAG JB . 43.85 -8.88 -9.36
C3 NAG JB . 44.64 -7.54 -9.21
C4 NAG JB . 46.05 -7.70 -9.87
C5 NAG JB . 45.87 -8.09 -11.38
C6 NAG JB . 47.20 -8.37 -12.09
C7 NAG JB . 41.88 -9.73 -8.09
C8 NAG JB . 40.52 -9.52 -7.48
N2 NAG JB . 42.49 -8.72 -8.74
O3 NAG JB . 44.80 -7.21 -7.82
O4 NAG JB . 46.77 -6.46 -9.76
O5 NAG JB . 45.07 -9.35 -11.48
O6 NAG JB . 47.97 -7.19 -12.30
O7 NAG JB . 42.43 -10.83 -7.97
C1 NAG KB . 53.40 -7.49 -29.43
C2 NAG KB . 54.81 -7.07 -29.98
C3 NAG KB . 55.87 -7.18 -28.84
C4 NAG KB . 55.43 -6.26 -27.65
C5 NAG KB . 54.01 -6.69 -27.15
C6 NAG KB . 53.46 -5.82 -26.03
C7 NAG KB . 55.09 -7.61 -32.40
C8 NAG KB . 55.43 -8.60 -33.47
N2 NAG KB . 55.16 -7.97 -31.11
O3 NAG KB . 57.15 -6.76 -29.33
O4 NAG KB . 56.38 -6.40 -26.58
O5 NAG KB . 53.04 -6.62 -28.29
O6 NAG KB . 52.37 -6.46 -25.35
O7 NAG KB . 54.75 -6.47 -32.73
C1 NAG LB . 36.25 37.27 -17.64
C2 NAG LB . 35.52 38.13 -18.76
C3 NAG LB . 36.56 39.06 -19.44
C4 NAG LB . 37.24 39.99 -18.37
C5 NAG LB . 37.92 39.09 -17.28
C6 NAG LB . 38.57 39.87 -16.14
C7 NAG LB . 33.66 36.80 -19.79
C8 NAG LB . 33.20 35.80 -20.81
N2 NAG LB . 34.96 37.15 -19.74
O3 NAG LB . 35.90 39.88 -20.42
O4 NAG LB . 38.21 40.82 -19.00
O5 NAG LB . 36.91 38.18 -16.68
O6 NAG LB . 39.43 39.04 -15.36
O7 NAG LB . 32.83 37.28 -19.01
C1 NAG MB . 8.42 50.86 22.92
C2 NAG MB . 7.67 52.25 22.64
C3 NAG MB . 8.76 53.34 22.32
C4 NAG MB . 9.76 53.46 23.53
C5 NAG MB . 10.43 52.06 23.79
C6 NAG MB . 11.36 52.03 24.99
C7 NAG MB . 5.45 52.20 21.48
C8 NAG MB . 4.65 51.98 20.23
N2 NAG MB . 6.78 52.09 21.45
O3 NAG MB . 8.11 54.60 22.09
O4 NAG MB . 10.77 54.41 23.20
O5 NAG MB . 9.36 51.05 24.03
O6 NAG MB . 10.69 52.22 26.24
O7 NAG MB . 4.84 52.46 22.53
C1 NAG NB . 15.95 30.63 23.27
C2 NAG NB . 16.88 29.30 23.25
C3 NAG NB . 18.37 29.78 23.34
C4 NAG NB . 18.70 30.73 22.13
C5 NAG NB . 17.73 31.97 22.16
C6 NAG NB . 17.89 32.91 20.96
C7 NAG NB . 16.75 27.18 24.56
C8 NAG NB . 16.30 26.47 25.82
N2 NAG NB . 16.50 28.49 24.43
O3 NAG NB . 19.29 28.67 23.29
O4 NAG NB . 20.06 31.19 22.24
O5 NAG NB . 16.32 31.49 22.15
O6 NAG NB . 17.44 34.23 21.24
O7 NAG NB . 17.32 26.53 23.68
C1 NAG OB . 5.63 34.39 32.75
C2 NAG OB . 4.38 34.46 33.73
C3 NAG OB . 4.89 34.20 35.20
C4 NAG OB . 5.59 32.81 35.27
C5 NAG OB . 6.78 32.78 34.25
C6 NAG OB . 7.46 31.40 34.17
C7 NAG OB . 2.65 36.01 32.82
C8 NAG OB . 2.08 37.38 32.70
N2 NAG OB . 3.74 35.79 33.60
O3 NAG OB . 3.76 34.22 36.10
O4 NAG OB . 6.08 32.58 36.60
O5 NAG OB . 6.28 33.08 32.88
O6 NAG OB . 8.59 31.41 33.30
O7 NAG OB . 2.12 35.08 32.18
#